data_8A7Z
#
_entry.id   8A7Z
#
loop_
_entity.id
_entity.type
_entity.pdbx_description
1 polymer 'Hybrid polyketide synthase-non ribosomal peptide synthetase'
2 non-polymer "4'-PHOSPHOPANTETHEINE"
#
_entity_poly.entity_id   1
_entity_poly.type   'polypeptide(L)'
_entity_poly.pdbx_seq_one_letter_code
;GPGSAGRQEEIAEEVARLLAGVLYLEPDRLDPEETFLTLGVDSILGVEFVAAVNAAYPVGVKATALYDHPTPAAFARHIA
ESLGA
;
_entity_poly.pdbx_strand_id   A
#
loop_
_chem_comp.id
_chem_comp.type
_chem_comp.name
_chem_comp.formula
PNS non-polymer 4'-PHOSPHOPANTETHEINE 'C11 H23 N2 O7 P S'
#
# COMPACT_ATOMS: atom_id res chain seq x y z
N GLY A 1 -22.26 -16.30 -7.30
CA GLY A 1 -21.70 -14.94 -7.44
C GLY A 1 -20.18 -14.94 -7.61
N PRO A 2 -19.52 -13.79 -7.42
CA PRO A 2 -18.06 -13.64 -7.57
C PRO A 2 -17.23 -14.53 -6.64
N GLY A 3 -16.02 -14.90 -7.08
CA GLY A 3 -15.04 -15.70 -6.31
C GLY A 3 -14.16 -14.89 -5.35
N SER A 4 -14.34 -13.56 -5.29
CA SER A 4 -13.52 -12.61 -4.51
C SER A 4 -13.54 -12.89 -3.00
N ALA A 5 -12.37 -12.84 -2.36
CA ALA A 5 -12.22 -13.03 -0.91
C ALA A 5 -12.78 -11.88 -0.05
N GLY A 6 -12.80 -10.66 -0.60
CA GLY A 6 -13.34 -9.45 0.03
C GLY A 6 -13.04 -8.18 -0.77
N ARG A 7 -13.81 -7.10 -0.52
CA ARG A 7 -13.67 -5.81 -1.25
C ARG A 7 -12.33 -5.14 -1.02
N GLN A 8 -11.80 -5.23 0.22
CA GLN A 8 -10.51 -4.64 0.60
C GLN A 8 -9.30 -5.39 0.02
N GLU A 9 -9.45 -6.68 -0.32
CA GLU A 9 -8.35 -7.51 -0.83
C GLU A 9 -7.85 -7.07 -2.21
N GLU A 10 -8.75 -6.56 -3.07
CA GLU A 10 -8.40 -5.98 -4.37
C GLU A 10 -7.49 -4.74 -4.21
N ILE A 11 -7.79 -3.90 -3.21
CA ILE A 11 -7.00 -2.71 -2.86
C ILE A 11 -5.67 -3.12 -2.21
N ALA A 12 -5.64 -4.17 -1.39
CA ALA A 12 -4.41 -4.72 -0.81
C ALA A 12 -3.42 -5.22 -1.88
N GLU A 13 -3.90 -5.90 -2.93
CA GLU A 13 -3.09 -6.22 -4.11
C GLU A 13 -2.62 -4.97 -4.86
N GLU A 14 -3.50 -4.00 -5.09
CA GLU A 14 -3.17 -2.80 -5.88
C GLU A 14 -2.13 -1.89 -5.17
N VAL A 15 -2.21 -1.76 -3.84
CA VAL A 15 -1.21 -1.07 -3.01
C VAL A 15 0.15 -1.79 -3.04
N ALA A 16 0.16 -3.13 -3.06
CA ALA A 16 1.39 -3.90 -3.26
C ALA A 16 1.99 -3.74 -4.67
N ARG A 17 1.15 -3.63 -5.71
CA ARG A 17 1.58 -3.29 -7.09
C ARG A 17 2.14 -1.86 -7.20
N LEU A 18 1.51 -0.88 -6.56
CA LEU A 18 2.03 0.51 -6.46
C LEU A 18 3.39 0.54 -5.74
N LEU A 19 3.54 -0.21 -4.64
CA LEU A 19 4.80 -0.30 -3.90
C LEU A 19 5.92 -0.93 -4.75
N ALA A 20 5.64 -2.03 -5.45
CA ALA A 20 6.61 -2.65 -6.36
C ALA A 20 7.03 -1.68 -7.49
N GLY A 21 6.10 -0.89 -8.02
CA GLY A 21 6.40 0.16 -9.01
C GLY A 21 7.34 1.24 -8.49
N VAL A 22 7.14 1.74 -7.27
CA VAL A 22 8.04 2.72 -6.61
C VAL A 22 9.43 2.13 -6.33
N LEU A 23 9.49 0.88 -5.85
CA LEU A 23 10.74 0.18 -5.51
C LEU A 23 11.46 -0.46 -6.71
N TYR A 24 11.00 -0.19 -7.96
CA TYR A 24 11.56 -0.70 -9.21
C TYR A 24 11.66 -2.25 -9.23
N LEU A 25 10.60 -2.90 -8.73
CA LEU A 25 10.48 -4.32 -8.45
C LEU A 25 9.29 -4.95 -9.20
N GLU A 26 9.25 -6.29 -9.26
CA GLU A 26 8.07 -7.05 -9.70
C GLU A 26 7.12 -7.32 -8.51
N PRO A 27 5.80 -7.15 -8.63
CA PRO A 27 4.85 -7.52 -7.58
C PRO A 27 4.81 -9.04 -7.35
N ASP A 28 5.28 -9.83 -8.32
CA ASP A 28 5.44 -11.29 -8.21
C ASP A 28 6.55 -11.71 -7.23
N ARG A 29 7.49 -10.82 -6.89
CA ARG A 29 8.60 -11.08 -5.93
C ARG A 29 8.60 -10.17 -4.69
N LEU A 30 7.68 -9.20 -4.61
CA LEU A 30 7.42 -8.41 -3.40
C LEU A 30 6.62 -9.24 -2.37
N ASP A 31 6.97 -9.13 -1.07
CA ASP A 31 6.24 -9.75 0.03
C ASP A 31 5.31 -8.73 0.73
N PRO A 32 3.97 -8.75 0.51
CA PRO A 32 3.06 -7.74 1.06
C PRO A 32 2.88 -7.83 2.59
N GLU A 33 3.17 -8.99 3.20
CA GLU A 33 3.17 -9.18 4.65
C GLU A 33 4.43 -8.63 5.35
N GLU A 34 5.46 -8.23 4.60
CA GLU A 34 6.73 -7.70 5.12
C GLU A 34 6.65 -6.17 5.36
N THR A 35 7.44 -5.63 6.28
CA THR A 35 7.44 -4.19 6.59
C THR A 35 8.04 -3.35 5.47
N PHE A 36 7.60 -2.09 5.33
CA PHE A 36 8.18 -1.12 4.40
C PHE A 36 9.69 -0.95 4.58
N LEU A 37 10.15 -0.91 5.84
CA LEU A 37 11.58 -0.79 6.18
C LEU A 37 12.39 -2.01 5.72
N THR A 38 11.86 -3.23 5.88
CA THR A 38 12.53 -4.48 5.46
C THR A 38 12.47 -4.70 3.94
N LEU A 39 11.41 -4.22 3.28
CA LEU A 39 11.29 -4.14 1.82
C LEU A 39 12.23 -3.08 1.18
N GLY A 40 12.88 -2.23 1.99
CA GLY A 40 13.88 -1.25 1.54
C GLY A 40 13.31 0.13 1.16
N VAL A 41 12.14 0.51 1.69
CA VAL A 41 11.57 1.85 1.55
C VAL A 41 12.40 2.87 2.33
N ASP A 42 13.20 3.66 1.62
CA ASP A 42 13.85 4.86 2.16
C ASP A 42 12.86 6.02 2.33
N SER A 43 13.25 7.08 3.05
CA SER A 43 12.41 8.27 3.32
C SER A 43 11.70 8.85 2.07
N ILE A 44 12.47 9.12 1.01
CA ILE A 44 11.97 9.65 -0.26
C ILE A 44 11.00 8.66 -0.92
N LEU A 45 11.34 7.37 -0.94
CA LEU A 45 10.50 6.30 -1.52
C LEU A 45 9.18 6.13 -0.75
N GLY A 46 9.18 6.36 0.56
CA GLY A 46 7.97 6.41 1.40
C GLY A 46 7.05 7.57 1.00
N VAL A 47 7.59 8.78 0.85
CA VAL A 47 6.83 9.95 0.35
C VAL A 47 6.31 9.74 -1.07
N GLU A 48 7.10 9.13 -1.96
CA GLU A 48 6.67 8.82 -3.33
C GLU A 48 5.57 7.74 -3.39
N PHE A 49 5.62 6.73 -2.53
CA PHE A 49 4.55 5.73 -2.37
C PHE A 49 3.25 6.36 -1.84
N VAL A 50 3.34 7.23 -0.84
CA VAL A 50 2.19 8.00 -0.30
C VAL A 50 1.59 8.91 -1.39
N ALA A 51 2.43 9.60 -2.17
CA ALA A 51 2.00 10.42 -3.30
C ALA A 51 1.37 9.60 -4.44
N ALA A 52 1.88 8.39 -4.73
CA ALA A 52 1.31 7.47 -5.71
C ALA A 52 -0.09 6.96 -5.28
N VAL A 53 -0.30 6.68 -4.00
CA VAL A 53 -1.62 6.32 -3.43
C VAL A 53 -2.60 7.50 -3.48
N ASN A 54 -2.14 8.73 -3.18
CA ASN A 54 -2.93 9.96 -3.32
C ASN A 54 -3.30 10.28 -4.79
N ALA A 55 -2.45 9.87 -5.75
CA ALA A 55 -2.74 9.98 -7.19
C ALA A 55 -3.71 8.89 -7.68
N ALA A 56 -3.57 7.67 -7.18
CA ALA A 56 -4.43 6.52 -7.52
C ALA A 56 -5.87 6.67 -6.97
N TYR A 57 -6.02 7.24 -5.78
CA TYR A 57 -7.32 7.36 -5.08
C TYR A 57 -7.47 8.71 -4.32
N PRO A 58 -8.67 9.30 -4.26
CA PRO A 58 -8.96 10.58 -3.61
C PRO A 58 -9.04 10.48 -2.05
N VAL A 59 -8.16 9.68 -1.44
CA VAL A 59 -8.18 9.34 0.00
C VAL A 59 -7.44 10.37 0.86
N GLY A 60 -6.56 11.17 0.25
CA GLY A 60 -5.84 12.25 0.92
C GLY A 60 -4.85 11.81 2.01
N VAL A 61 -4.36 10.56 1.98
CA VAL A 61 -3.63 9.95 3.11
C VAL A 61 -2.30 10.66 3.38
N LYS A 62 -1.96 10.84 4.67
CA LYS A 62 -0.72 11.45 5.14
C LYS A 62 0.37 10.40 5.41
N ALA A 63 1.64 10.81 5.29
CA ALA A 63 2.80 9.91 5.47
C ALA A 63 2.93 9.33 6.90
N THR A 64 2.26 9.92 7.89
CA THR A 64 2.18 9.37 9.26
C THR A 64 1.51 7.97 9.32
N ALA A 65 0.67 7.63 8.31
CA ALA A 65 0.07 6.31 8.19
C ALA A 65 1.09 5.18 7.97
N LEU A 66 2.32 5.48 7.51
CA LEU A 66 3.42 4.51 7.41
C LEU A 66 3.92 4.03 8.79
N TYR A 67 3.75 4.85 9.84
CA TYR A 67 4.07 4.49 11.23
C TYR A 67 2.92 3.71 11.89
N ASP A 68 1.67 4.12 11.64
CA ASP A 68 0.47 3.42 12.14
C ASP A 68 0.29 2.02 11.52
N HIS A 69 0.69 1.85 10.26
CA HIS A 69 0.58 0.60 9.49
C HIS A 69 1.93 0.26 8.84
N PRO A 70 2.74 -0.66 9.43
CA PRO A 70 4.13 -0.89 9.01
C PRO A 70 4.30 -1.71 7.73
N THR A 71 3.24 -2.36 7.22
CA THR A 71 3.24 -3.19 5.99
C THR A 71 2.23 -2.64 4.98
N PRO A 72 2.38 -2.90 3.66
CA PRO A 72 1.37 -2.54 2.67
C PRO A 72 0.04 -3.29 2.88
N ALA A 73 0.08 -4.54 3.37
CA ALA A 73 -1.11 -5.33 3.68
C ALA A 73 -1.93 -4.76 4.87
N ALA A 74 -1.29 -4.05 5.80
CA ALA A 74 -1.97 -3.28 6.85
C ALA A 74 -2.41 -1.88 6.33
N PHE A 75 -1.53 -1.18 5.62
CA PHE A 75 -1.74 0.18 5.13
C PHE A 75 -2.96 0.28 4.18
N ALA A 76 -3.11 -0.69 3.28
CA ALA A 76 -4.19 -0.76 2.31
C ALA A 76 -5.60 -0.85 2.93
N ARG A 77 -5.72 -1.34 4.17
CA ARG A 77 -7.00 -1.45 4.90
C ARG A 77 -7.60 -0.07 5.21
N HIS A 78 -6.73 0.91 5.49
CA HIS A 78 -7.13 2.31 5.64
C HIS A 78 -7.52 2.97 4.30
N ILE A 79 -6.78 2.65 3.23
CA ILE A 79 -7.10 3.13 1.87
C ILE A 79 -8.44 2.56 1.38
N ALA A 80 -8.76 1.33 1.77
CA ALA A 80 -10.04 0.69 1.52
C ALA A 80 -11.21 1.27 2.35
N GLU A 81 -11.04 1.43 3.68
CA GLU A 81 -12.12 1.95 4.54
C GLU A 81 -12.47 3.43 4.25
N SER A 82 -11.49 4.24 3.82
CA SER A 82 -11.71 5.64 3.40
C SER A 82 -12.39 5.76 2.03
N LEU A 83 -12.34 4.70 1.21
CA LEU A 83 -13.16 4.51 -0.01
C LEU A 83 -14.50 3.81 0.26
N GLY A 84 -14.75 3.36 1.49
CA GLY A 84 -15.99 2.70 1.92
C GLY A 84 -16.09 1.20 1.55
N ALA A 85 -14.98 0.57 1.14
CA ALA A 85 -14.87 -0.88 0.88
C ALA A 85 -14.89 -1.71 2.18
O23 PNS B . 12.10 8.18 6.53
P24 PNS B . 13.42 8.86 6.56
O26 PNS B . 14.47 8.36 7.48
O27 PNS B . 13.17 10.40 6.86
C28 PNS B . 14.27 11.29 7.04
C29 PNS B . 13.82 12.77 7.14
C30 PNS B . 13.11 13.18 5.82
C31 PNS B . 12.81 12.89 8.30
C32 PNS B . 15.07 13.65 7.41
O33 PNS B . 16.06 13.45 6.37
C34 PNS B . 14.77 15.16 7.65
O35 PNS B . 14.74 15.97 6.71
N36 PNS B . 14.58 15.55 8.91
C37 PNS B . 14.27 16.91 9.35
C38 PNS B . 15.55 17.61 9.79
C39 PNS B . 15.32 19.04 10.28
O40 PNS B . 14.20 19.52 10.34
N41 PNS B . 16.36 19.78 10.66
C42 PNS B . 17.77 19.41 10.66
C43 PNS B . 18.42 19.87 9.34
S44 PNS B . 20.17 19.41 9.35
H282 PNS B . 14.94 11.18 6.18
H281 PNS B . 14.81 11.03 7.94
H303 PNS B . 12.76 14.21 5.90
H302 PNS B . 13.79 13.09 4.98
H301 PNS B . 12.24 12.54 5.64
H313 PNS B . 12.42 13.91 8.39
H312 PNS B . 11.95 12.24 8.13
H311 PNS B . 13.28 12.60 9.24
H32 PNS B . 15.52 13.28 8.34
H33 PNS B . 16.82 14.05 6.53
H36 PNS B . 14.62 14.84 9.63
H372 PNS B . 13.81 17.48 8.53
H371 PNS B . 13.57 16.87 10.18
H382 PNS B . 16.01 17.04 10.60
H381 PNS B . 16.26 17.64 8.95
H41 PNS B . 16.13 20.70 10.99
H422 PNS B . 18.27 19.91 11.48
H421 PNS B . 17.90 18.34 10.77
H431 PNS B . 17.92 19.38 8.50
H432 PNS B . 18.31 20.95 9.24
H44 PNS B . 20.51 20.13 10.45
N GLY A 1 -17.39 -20.21 1.32
CA GLY A 1 -17.47 -19.03 0.42
C GLY A 1 -16.21 -18.86 -0.43
N PRO A 2 -16.16 -17.82 -1.28
CA PRO A 2 -15.00 -17.51 -2.11
C PRO A 2 -13.78 -17.06 -1.30
N GLY A 3 -12.58 -17.24 -1.88
CA GLY A 3 -11.29 -16.86 -1.26
C GLY A 3 -10.98 -15.36 -1.25
N SER A 4 -11.63 -14.57 -2.11
CA SER A 4 -11.44 -13.12 -2.20
C SER A 4 -12.04 -12.37 -1.00
N ALA A 5 -11.32 -11.36 -0.51
CA ALA A 5 -11.79 -10.43 0.51
C ALA A 5 -12.65 -9.28 -0.06
N GLY A 6 -12.98 -9.29 -1.36
CA GLY A 6 -13.73 -8.22 -2.05
C GLY A 6 -12.87 -6.99 -2.32
N ARG A 7 -13.38 -5.78 -2.03
CA ARG A 7 -12.65 -4.51 -2.26
C ARG A 7 -11.33 -4.42 -1.50
N GLN A 8 -11.23 -5.09 -0.35
CA GLN A 8 -9.97 -5.24 0.40
C GLN A 8 -8.87 -5.91 -0.42
N GLU A 9 -9.18 -6.95 -1.20
CA GLU A 9 -8.24 -7.65 -2.08
C GLU A 9 -7.85 -6.80 -3.29
N GLU A 10 -8.79 -6.07 -3.87
CA GLU A 10 -8.55 -5.16 -5.01
C GLU A 10 -7.64 -3.98 -4.66
N ILE A 11 -7.85 -3.39 -3.48
CA ILE A 11 -6.98 -2.35 -2.91
C ILE A 11 -5.61 -2.92 -2.54
N ALA A 12 -5.55 -4.12 -1.94
CA ALA A 12 -4.27 -4.73 -1.54
C ALA A 12 -3.36 -5.06 -2.73
N GLU A 13 -3.88 -5.63 -3.83
CA GLU A 13 -3.06 -5.90 -5.02
C GLU A 13 -2.62 -4.62 -5.73
N GLU A 14 -3.45 -3.55 -5.73
CA GLU A 14 -3.08 -2.24 -6.27
C GLU A 14 -1.96 -1.59 -5.43
N VAL A 15 -2.10 -1.57 -4.10
CA VAL A 15 -1.08 -1.05 -3.16
C VAL A 15 0.25 -1.83 -3.28
N ALA A 16 0.19 -3.16 -3.43
CA ALA A 16 1.39 -4.00 -3.62
C ALA A 16 2.16 -3.66 -4.91
N ARG A 17 1.47 -3.52 -6.05
CA ARG A 17 2.12 -3.19 -7.34
C ARG A 17 2.53 -1.71 -7.45
N LEU A 18 1.83 -0.78 -6.79
CA LEU A 18 2.30 0.60 -6.61
C LEU A 18 3.62 0.64 -5.83
N LEU A 19 3.72 -0.08 -4.71
CA LEU A 19 4.97 -0.18 -3.93
C LEU A 19 6.10 -0.83 -4.72
N ALA A 20 5.86 -1.96 -5.40
CA ALA A 20 6.85 -2.62 -6.25
C ALA A 20 7.35 -1.68 -7.37
N GLY A 21 6.46 -0.90 -7.98
CA GLY A 21 6.81 0.11 -9.00
C GLY A 21 7.75 1.22 -8.48
N VAL A 22 7.50 1.73 -7.27
CA VAL A 22 8.37 2.75 -6.61
C VAL A 22 9.74 2.17 -6.25
N LEU A 23 9.79 0.94 -5.73
CA LEU A 23 11.02 0.26 -5.31
C LEU A 23 11.75 -0.48 -6.45
N TYR A 24 11.26 -0.39 -7.69
CA TYR A 24 11.76 -1.11 -8.88
C TYR A 24 11.79 -2.64 -8.73
N LEU A 25 10.94 -3.19 -7.85
CA LEU A 25 10.75 -4.63 -7.60
C LEU A 25 9.71 -5.22 -8.57
N GLU A 26 9.63 -6.55 -8.65
CA GLU A 26 8.50 -7.26 -9.27
C GLU A 26 7.34 -7.44 -8.25
N PRO A 27 6.07 -7.27 -8.66
CA PRO A 27 4.93 -7.30 -7.74
C PRO A 27 4.56 -8.70 -7.24
N ASP A 28 4.89 -9.76 -7.99
CA ASP A 28 4.53 -11.15 -7.65
C ASP A 28 5.40 -11.75 -6.52
N ARG A 29 6.62 -11.25 -6.33
CA ARG A 29 7.54 -11.67 -5.25
C ARG A 29 7.51 -10.77 -4.01
N LEU A 30 6.78 -9.64 -4.05
CA LEU A 30 6.57 -8.76 -2.91
C LEU A 30 5.63 -9.41 -1.88
N ASP A 31 6.05 -9.50 -0.62
CA ASP A 31 5.26 -10.05 0.50
C ASP A 31 4.39 -8.95 1.15
N PRO A 32 3.04 -9.01 1.09
CA PRO A 32 2.17 -7.92 1.56
C PRO A 32 2.24 -7.65 3.07
N GLU A 33 2.47 -8.69 3.87
CA GLU A 33 2.59 -8.60 5.35
C GLU A 33 4.04 -8.42 5.84
N GLU A 34 5.01 -8.24 4.94
CA GLU A 34 6.38 -7.80 5.30
C GLU A 34 6.45 -6.27 5.46
N THR A 35 7.32 -5.76 6.34
CA THR A 35 7.37 -4.32 6.62
C THR A 35 7.91 -3.50 5.45
N PHE A 36 7.44 -2.25 5.30
CA PHE A 36 7.96 -1.30 4.31
C PHE A 36 9.50 -1.14 4.42
N LEU A 37 10.03 -1.09 5.64
CA LEU A 37 11.47 -0.95 5.90
C LEU A 37 12.27 -2.16 5.42
N THR A 38 11.74 -3.38 5.61
CA THR A 38 12.37 -4.64 5.15
C THR A 38 12.24 -4.82 3.63
N LEU A 39 11.14 -4.37 3.02
CA LEU A 39 10.95 -4.34 1.57
C LEU A 39 11.87 -3.31 0.85
N GLY A 40 12.38 -2.31 1.59
CA GLY A 40 13.43 -1.38 1.13
C GLY A 40 13.03 0.11 1.08
N VAL A 41 11.93 0.51 1.71
CA VAL A 41 11.46 1.90 1.74
C VAL A 41 12.37 2.78 2.62
N ASP A 42 13.03 3.75 2.00
CA ASP A 42 13.58 4.95 2.67
C ASP A 42 12.52 6.07 2.70
N SER A 43 12.72 7.12 3.51
CA SER A 43 11.77 8.24 3.68
C SER A 43 11.21 8.82 2.38
N ILE A 44 12.09 9.17 1.43
CA ILE A 44 11.73 9.75 0.12
C ILE A 44 10.89 8.76 -0.70
N LEU A 45 11.24 7.47 -0.70
CA LEU A 45 10.48 6.41 -1.38
C LEU A 45 9.11 6.19 -0.73
N GLY A 46 9.02 6.37 0.59
CA GLY A 46 7.76 6.36 1.33
C GLY A 46 6.84 7.52 0.93
N VAL A 47 7.37 8.73 0.84
CA VAL A 47 6.65 9.93 0.35
C VAL A 47 6.20 9.74 -1.10
N GLU A 48 7.02 9.15 -1.97
CA GLU A 48 6.67 8.87 -3.38
C GLU A 48 5.55 7.81 -3.49
N PHE A 49 5.60 6.75 -2.68
CA PHE A 49 4.53 5.74 -2.58
C PHE A 49 3.22 6.35 -2.04
N VAL A 50 3.29 7.21 -1.03
CA VAL A 50 2.13 7.94 -0.48
C VAL A 50 1.52 8.89 -1.53
N ALA A 51 2.35 9.60 -2.31
CA ALA A 51 1.91 10.45 -3.42
C ALA A 51 1.26 9.62 -4.55
N ALA A 52 1.79 8.45 -4.88
CA ALA A 52 1.21 7.53 -5.86
C ALA A 52 -0.16 6.99 -5.39
N VAL A 53 -0.33 6.67 -4.11
CA VAL A 53 -1.63 6.27 -3.54
C VAL A 53 -2.62 7.44 -3.49
N ASN A 54 -2.17 8.67 -3.20
CA ASN A 54 -2.98 9.89 -3.32
C ASN A 54 -3.45 10.18 -4.77
N ALA A 55 -2.67 9.79 -5.78
CA ALA A 55 -3.08 9.84 -7.18
C ALA A 55 -4.05 8.70 -7.57
N ALA A 56 -3.83 7.49 -7.04
CA ALA A 56 -4.68 6.31 -7.28
C ALA A 56 -6.08 6.39 -6.63
N TYR A 57 -6.17 6.98 -5.43
CA TYR A 57 -7.40 7.06 -4.62
C TYR A 57 -7.58 8.44 -3.95
N PRO A 58 -8.82 8.97 -3.85
CA PRO A 58 -9.12 10.27 -3.23
C PRO A 58 -9.12 10.23 -1.69
N VAL A 59 -8.14 9.54 -1.07
CA VAL A 59 -8.03 9.34 0.39
C VAL A 59 -7.42 10.55 1.11
N GLY A 60 -6.59 11.33 0.42
CA GLY A 60 -5.83 12.43 0.99
C GLY A 60 -4.82 12.01 2.07
N VAL A 61 -4.32 10.76 2.03
CA VAL A 61 -3.58 10.14 3.15
C VAL A 61 -2.23 10.83 3.40
N LYS A 62 -1.91 11.07 4.67
CA LYS A 62 -0.62 11.62 5.14
C LYS A 62 0.44 10.52 5.28
N ALA A 63 1.71 10.88 5.14
CA ALA A 63 2.85 9.95 5.25
C ALA A 63 3.04 9.33 6.65
N THR A 64 2.45 9.93 7.69
CA THR A 64 2.43 9.37 9.06
C THR A 64 1.74 8.00 9.15
N ALA A 65 0.85 7.67 8.20
CA ALA A 65 0.20 6.37 8.12
C ALA A 65 1.19 5.19 7.89
N LEU A 66 2.40 5.45 7.38
CA LEU A 66 3.47 4.45 7.23
C LEU A 66 4.02 3.97 8.59
N TYR A 67 3.92 4.78 9.65
CA TYR A 67 4.30 4.40 11.02
C TYR A 67 3.16 3.68 11.77
N ASP A 68 1.91 4.12 11.57
CA ASP A 68 0.71 3.49 12.14
C ASP A 68 0.41 2.11 11.53
N HIS A 69 0.74 1.93 10.25
CA HIS A 69 0.53 0.69 9.47
C HIS A 69 1.85 0.29 8.79
N PRO A 70 2.69 -0.56 9.41
CA PRO A 70 4.07 -0.79 8.99
C PRO A 70 4.23 -1.70 7.75
N THR A 71 3.17 -2.32 7.26
CA THR A 71 3.17 -3.22 6.07
C THR A 71 2.23 -2.68 4.98
N PRO A 72 2.47 -2.95 3.68
CA PRO A 72 1.56 -2.55 2.61
C PRO A 72 0.16 -3.21 2.71
N ALA A 73 0.03 -4.39 3.32
CA ALA A 73 -1.28 -4.99 3.61
C ALA A 73 -2.04 -4.23 4.72
N ALA A 74 -1.39 -3.85 5.82
CA ALA A 74 -1.99 -3.01 6.87
C ALA A 74 -2.36 -1.63 6.32
N PHE A 75 -1.50 -1.06 5.48
CA PHE A 75 -1.76 0.20 4.79
C PHE A 75 -2.92 0.07 3.80
N ALA A 76 -3.03 -1.03 3.05
CA ALA A 76 -4.19 -1.30 2.18
C ALA A 76 -5.51 -1.43 2.96
N ARG A 77 -5.50 -2.07 4.14
CA ARG A 77 -6.66 -2.11 5.06
C ARG A 77 -7.06 -0.72 5.55
N HIS A 78 -6.09 0.18 5.79
CA HIS A 78 -6.35 1.58 6.11
C HIS A 78 -6.88 2.39 4.91
N ILE A 79 -6.35 2.19 3.70
CA ILE A 79 -6.88 2.80 2.47
C ILE A 79 -8.33 2.36 2.24
N ALA A 80 -8.66 1.08 2.49
CA ALA A 80 -10.02 0.56 2.41
C ALA A 80 -10.95 1.19 3.47
N GLU A 81 -10.56 1.30 4.74
CA GLU A 81 -11.41 1.95 5.77
C GLU A 81 -11.58 3.47 5.53
N SER A 82 -10.57 4.13 4.94
CA SER A 82 -10.62 5.54 4.51
C SER A 82 -11.61 5.75 3.35
N LEU A 83 -11.67 4.80 2.41
CA LEU A 83 -12.67 4.74 1.33
C LEU A 83 -14.05 4.22 1.79
N GLY A 84 -14.21 3.87 3.07
CA GLY A 84 -15.48 3.47 3.69
C GLY A 84 -15.92 2.02 3.45
N ALA A 85 -14.98 1.12 3.10
CA ALA A 85 -15.23 -0.31 2.89
C ALA A 85 -15.74 -1.03 4.16
O23 PNS B . 13.67 9.10 8.09
P24 PNS B . 13.45 9.88 6.85
O26 PNS B . 14.61 10.55 6.20
O27 PNS B . 12.31 10.96 7.13
C28 PNS B . 12.29 12.21 6.45
C29 PNS B . 10.98 12.98 6.68
C30 PNS B . 11.07 14.30 5.88
C31 PNS B . 9.79 12.20 6.09
C32 PNS B . 10.71 13.32 8.19
O33 PNS B . 10.40 12.13 8.93
C34 PNS B . 11.86 14.13 8.86
O35 PNS B . 12.86 13.57 9.32
N36 PNS B . 11.71 15.46 8.92
C37 PNS B . 12.70 16.39 9.48
C38 PNS B . 12.40 16.63 10.95
C39 PNS B . 13.40 17.57 11.63
O40 PNS B . 14.28 18.15 10.98
N41 PNS B . 13.34 17.76 12.94
C42 PNS B . 12.38 17.19 13.88
C43 PNS B . 12.23 18.12 15.09
S44 PNS B . 13.83 18.34 15.94
H282 PNS B . 12.41 12.04 5.38
H281 PNS B . 13.14 12.81 6.78
H303 PNS B . 11.95 14.87 6.18
H302 PNS B . 11.18 14.09 4.81
H301 PNS B . 10.17 14.90 6.03
H313 PNS B . 9.69 11.21 6.56
H312 PNS B . 8.86 12.75 6.24
H311 PNS B . 9.93 12.04 5.01
H32 PNS B . 9.82 13.95 8.23
H33 PNS B . 11.10 11.47 8.74
H36 PNS B . 10.88 15.87 8.52
H372 PNS B . 13.71 15.98 9.37
H371 PNS B . 12.65 17.34 8.94
H382 PNS B . 11.41 17.07 11.05
H381 PNS B . 12.42 15.68 11.48
H41 PNS B . 14.05 18.37 13.34
H422 PNS B . 11.39 17.08 13.41
H421 PNS B . 12.72 16.21 14.21
H431 PNS B . 11.86 19.09 14.76
H432 PNS B . 11.51 17.69 15.78
H44 PNS B . 13.38 19.14 16.92
N GLY A 1 -4.24 -11.85 -8.08
CA GLY A 1 -4.03 -13.26 -7.71
C GLY A 1 -5.24 -13.82 -6.96
N PRO A 2 -5.05 -14.49 -5.81
CA PRO A 2 -6.13 -15.11 -5.02
C PRO A 2 -6.98 -14.12 -4.20
N GLY A 3 -6.66 -12.82 -4.22
CA GLY A 3 -7.37 -11.75 -3.51
C GLY A 3 -8.69 -11.33 -4.18
N SER A 4 -9.02 -10.04 -4.06
CA SER A 4 -10.29 -9.43 -4.53
C SER A 4 -11.58 -10.04 -3.92
N ALA A 5 -11.47 -10.67 -2.73
CA ALA A 5 -12.61 -11.23 -1.99
C ALA A 5 -13.62 -10.16 -1.49
N GLY A 6 -13.16 -8.91 -1.41
CA GLY A 6 -13.95 -7.71 -1.11
C GLY A 6 -13.21 -6.44 -1.58
N ARG A 7 -13.87 -5.29 -1.49
CA ARG A 7 -13.33 -4.01 -2.02
C ARG A 7 -12.00 -3.58 -1.37
N GLN A 8 -11.81 -3.89 -0.08
CA GLN A 8 -10.53 -3.65 0.62
C GLN A 8 -9.39 -4.57 0.15
N GLU A 9 -9.69 -5.77 -0.38
CA GLU A 9 -8.69 -6.74 -0.82
C GLU A 9 -8.17 -6.45 -2.24
N GLU A 10 -9.03 -5.96 -3.14
CA GLU A 10 -8.58 -5.47 -4.46
C GLU A 10 -7.79 -4.15 -4.34
N ILE A 11 -8.05 -3.34 -3.29
CA ILE A 11 -7.19 -2.20 -2.92
C ILE A 11 -5.82 -2.70 -2.46
N ALA A 12 -5.75 -3.74 -1.61
CA ALA A 12 -4.49 -4.33 -1.16
C ALA A 12 -3.66 -4.95 -2.31
N GLU A 13 -4.31 -5.59 -3.28
CA GLU A 13 -3.66 -6.08 -4.52
C GLU A 13 -3.05 -4.93 -5.35
N GLU A 14 -3.71 -3.78 -5.45
CA GLU A 14 -3.19 -2.57 -6.12
C GLU A 14 -2.05 -1.91 -5.33
N VAL A 15 -2.21 -1.73 -4.00
CA VAL A 15 -1.22 -1.10 -3.13
C VAL A 15 0.13 -1.85 -3.14
N ALA A 16 0.11 -3.19 -3.22
CA ALA A 16 1.32 -3.99 -3.37
C ALA A 16 2.10 -3.70 -4.67
N ARG A 17 1.42 -3.59 -5.82
CA ARG A 17 2.08 -3.28 -7.12
C ARG A 17 2.45 -1.80 -7.28
N LEU A 18 1.70 -0.88 -6.66
CA LEU A 18 2.12 0.52 -6.51
C LEU A 18 3.46 0.63 -5.75
N LEU A 19 3.60 -0.09 -4.64
CA LEU A 19 4.84 -0.14 -3.86
C LEU A 19 6.00 -0.76 -4.66
N ALA A 20 5.79 -1.91 -5.33
CA ALA A 20 6.82 -2.55 -6.15
C ALA A 20 7.35 -1.60 -7.25
N GLY A 21 6.45 -0.88 -7.92
CA GLY A 21 6.80 0.11 -8.96
C GLY A 21 7.67 1.27 -8.45
N VAL A 22 7.38 1.80 -7.25
CA VAL A 22 8.18 2.85 -6.60
C VAL A 22 9.58 2.34 -6.22
N LEU A 23 9.68 1.10 -5.74
CA LEU A 23 10.93 0.45 -5.34
C LEU A 23 11.71 -0.20 -6.50
N TYR A 24 11.33 0.08 -7.75
CA TYR A 24 11.94 -0.46 -8.98
C TYR A 24 12.00 -2.00 -9.02
N LEU A 25 10.93 -2.63 -8.54
CA LEU A 25 10.78 -4.08 -8.36
C LEU A 25 9.53 -4.61 -9.09
N GLU A 26 9.47 -5.91 -9.34
CA GLU A 26 8.26 -6.60 -9.80
C GLU A 26 7.37 -7.00 -8.61
N PRO A 27 6.03 -6.92 -8.71
CA PRO A 27 5.10 -7.36 -7.67
C PRO A 27 5.13 -8.89 -7.43
N ASP A 28 5.67 -9.66 -8.38
CA ASP A 28 5.93 -11.10 -8.21
C ASP A 28 7.01 -11.40 -7.16
N ARG A 29 7.95 -10.47 -6.93
CA ARG A 29 9.02 -10.57 -5.92
C ARG A 29 8.60 -10.04 -4.55
N LEU A 30 7.77 -8.99 -4.53
CA LEU A 30 7.32 -8.30 -3.31
C LEU A 30 6.38 -9.20 -2.46
N ASP A 31 6.63 -9.26 -1.16
CA ASP A 31 5.75 -9.88 -0.15
C ASP A 31 4.90 -8.82 0.57
N PRO A 32 3.56 -8.79 0.39
CA PRO A 32 2.70 -7.77 1.03
C PRO A 32 2.68 -7.83 2.56
N GLU A 33 2.96 -8.99 3.13
CA GLU A 33 3.06 -9.22 4.58
C GLU A 33 4.35 -8.66 5.22
N GLU A 34 5.35 -8.29 4.42
CA GLU A 34 6.64 -7.77 4.91
C GLU A 34 6.59 -6.25 5.20
N THR A 35 7.37 -5.78 6.18
CA THR A 35 7.37 -4.35 6.57
C THR A 35 8.06 -3.46 5.54
N PHE A 36 7.63 -2.19 5.45
CA PHE A 36 8.18 -1.19 4.52
C PHE A 36 9.72 -1.04 4.65
N LEU A 37 10.23 -0.98 5.89
CA LEU A 37 11.67 -0.84 6.15
C LEU A 37 12.48 -2.08 5.75
N THR A 38 11.90 -3.29 5.79
CA THR A 38 12.54 -4.53 5.32
C THR A 38 12.45 -4.66 3.78
N LEU A 39 11.36 -4.20 3.17
CA LEU A 39 11.21 -4.08 1.71
C LEU A 39 12.14 -3.00 1.09
N GLY A 40 12.75 -2.13 1.91
CA GLY A 40 13.75 -1.15 1.49
C GLY A 40 13.21 0.27 1.26
N VAL A 41 12.04 0.61 1.84
CA VAL A 41 11.47 1.97 1.78
C VAL A 41 12.30 2.94 2.62
N ASP A 42 13.07 3.81 1.96
CA ASP A 42 13.65 5.01 2.56
C ASP A 42 12.63 6.17 2.61
N SER A 43 12.93 7.23 3.35
CA SER A 43 12.05 8.41 3.56
C SER A 43 11.35 8.91 2.28
N ILE A 44 12.12 9.23 1.24
CA ILE A 44 11.63 9.80 -0.01
C ILE A 44 10.82 8.76 -0.82
N LEU A 45 11.23 7.49 -0.80
CA LEU A 45 10.49 6.38 -1.41
C LEU A 45 9.13 6.16 -0.71
N GLY A 46 9.07 6.37 0.61
CA GLY A 46 7.82 6.36 1.38
C GLY A 46 6.88 7.49 0.98
N VAL A 47 7.39 8.72 0.87
CA VAL A 47 6.63 9.89 0.37
C VAL A 47 6.14 9.68 -1.07
N GLU A 48 6.95 9.07 -1.94
CA GLU A 48 6.56 8.78 -3.34
C GLU A 48 5.52 7.65 -3.46
N PHE A 49 5.58 6.63 -2.60
CA PHE A 49 4.54 5.61 -2.47
C PHE A 49 3.22 6.20 -1.93
N VAL A 50 3.29 7.09 -0.94
CA VAL A 50 2.14 7.87 -0.44
C VAL A 50 1.55 8.75 -1.52
N ALA A 51 2.37 9.42 -2.34
CA ALA A 51 1.93 10.21 -3.48
C ALA A 51 1.27 9.35 -4.59
N ALA A 52 1.79 8.15 -4.85
CA ALA A 52 1.21 7.20 -5.80
C ALA A 52 -0.18 6.69 -5.32
N VAL A 53 -0.35 6.44 -4.02
CA VAL A 53 -1.65 6.10 -3.41
C VAL A 53 -2.63 7.27 -3.43
N ASN A 54 -2.16 8.51 -3.21
CA ASN A 54 -2.96 9.73 -3.37
C ASN A 54 -3.40 9.99 -4.83
N ALA A 55 -2.59 9.57 -5.81
CA ALA A 55 -2.94 9.62 -7.24
C ALA A 55 -3.94 8.52 -7.64
N ALA A 56 -3.79 7.30 -7.08
CA ALA A 56 -4.67 6.17 -7.33
C ALA A 56 -6.06 6.32 -6.67
N TYR A 57 -6.12 6.92 -5.48
CA TYR A 57 -7.34 7.04 -4.66
C TYR A 57 -7.46 8.44 -4.00
N PRO A 58 -8.67 9.04 -3.96
CA PRO A 58 -8.91 10.38 -3.37
C PRO A 58 -8.97 10.38 -1.83
N VAL A 59 -8.05 9.67 -1.17
CA VAL A 59 -7.98 9.49 0.30
C VAL A 59 -7.27 10.65 1.01
N GLY A 60 -6.42 11.38 0.31
CA GLY A 60 -5.63 12.48 0.87
C GLY A 60 -4.61 12.05 1.94
N VAL A 61 -4.17 10.78 1.94
CA VAL A 61 -3.45 10.15 3.06
C VAL A 61 -2.07 10.79 3.30
N LYS A 62 -1.71 10.97 4.58
CA LYS A 62 -0.43 11.55 5.02
C LYS A 62 0.71 10.52 5.05
N ALA A 63 1.95 11.02 5.12
CA ALA A 63 3.16 10.22 5.37
C ALA A 63 3.09 9.38 6.66
N THR A 64 2.38 9.90 7.66
CA THR A 64 2.36 9.36 9.03
C THR A 64 1.66 8.00 9.14
N ALA A 65 0.78 7.67 8.19
CA ALA A 65 0.11 6.36 8.13
C ALA A 65 1.07 5.18 7.88
N LEU A 66 2.26 5.42 7.31
CA LEU A 66 3.31 4.41 7.13
C LEU A 66 3.84 3.86 8.47
N TYR A 67 3.85 4.70 9.51
CA TYR A 67 4.31 4.33 10.86
C TYR A 67 3.19 3.65 11.69
N ASP A 68 1.94 4.06 11.47
CA ASP A 68 0.76 3.43 12.11
C ASP A 68 0.44 2.03 11.53
N HIS A 69 0.73 1.80 10.24
CA HIS A 69 0.47 0.56 9.52
C HIS A 69 1.73 0.12 8.75
N PRO A 70 2.63 -0.68 9.36
CA PRO A 70 4.01 -0.88 8.88
C PRO A 70 4.19 -1.79 7.65
N THR A 71 3.11 -2.40 7.13
CA THR A 71 3.11 -3.26 5.93
C THR A 71 2.11 -2.71 4.90
N PRO A 72 2.32 -2.92 3.58
CA PRO A 72 1.33 -2.53 2.56
C PRO A 72 -0.01 -3.26 2.73
N ALA A 73 -0.01 -4.52 3.20
CA ALA A 73 -1.23 -5.29 3.46
C ALA A 73 -2.09 -4.71 4.61
N ALA A 74 -1.46 -4.17 5.66
CA ALA A 74 -2.16 -3.44 6.74
C ALA A 74 -2.54 -2.00 6.32
N PHE A 75 -1.64 -1.30 5.61
CA PHE A 75 -1.82 0.07 5.15
C PHE A 75 -3.03 0.21 4.21
N ALA A 76 -3.23 -0.75 3.30
CA ALA A 76 -4.38 -0.81 2.38
C ALA A 76 -5.75 -0.82 3.09
N ARG A 77 -5.83 -1.32 4.33
CA ARG A 77 -7.08 -1.34 5.12
C ARG A 77 -7.49 0.06 5.56
N HIS A 78 -6.52 0.90 5.91
CA HIS A 78 -6.73 2.33 6.19
C HIS A 78 -7.16 3.10 4.92
N ILE A 79 -6.58 2.78 3.76
CA ILE A 79 -6.98 3.35 2.46
C ILE A 79 -8.43 2.98 2.14
N ALA A 80 -8.80 1.70 2.31
CA ALA A 80 -10.16 1.21 2.12
C ALA A 80 -11.17 1.85 3.08
N GLU A 81 -10.85 1.96 4.38
CA GLU A 81 -11.71 2.63 5.37
C GLU A 81 -11.86 4.14 5.13
N SER A 82 -10.83 4.82 4.61
CA SER A 82 -10.89 6.23 4.21
C SER A 82 -11.84 6.46 3.02
N LEU A 83 -11.89 5.53 2.06
CA LEU A 83 -12.88 5.50 0.96
C LEU A 83 -14.29 5.03 1.40
N GLY A 84 -14.43 4.42 2.57
CA GLY A 84 -15.67 3.77 3.02
C GLY A 84 -15.99 2.47 2.25
N ALA A 85 -14.97 1.82 1.69
CA ALA A 85 -15.08 0.60 0.89
C ALA A 85 -15.52 -0.63 1.71
O23 PNS B . 14.99 9.55 7.33
P24 PNS B . 14.45 10.22 6.12
O26 PNS B . 15.40 10.82 5.15
O27 PNS B . 13.40 11.35 6.56
C28 PNS B . 12.58 11.15 7.69
C29 PNS B . 11.40 12.16 7.75
C30 PNS B . 10.42 11.90 6.59
C31 PNS B . 10.63 11.86 9.05
C32 PNS B . 11.83 13.66 7.79
O33 PNS B . 12.87 13.86 8.76
C34 PNS B . 12.18 14.30 6.41
O35 PNS B . 11.33 14.95 5.79
N36 PNS B . 13.41 14.14 5.94
C37 PNS B . 13.89 14.59 4.63
C38 PNS B . 14.40 16.03 4.73
C39 PNS B . 14.92 16.58 3.40
O40 PNS B . 14.95 15.87 2.39
N41 PNS B . 15.36 17.83 3.31
C42 PNS B . 15.39 18.85 4.36
C43 PNS B . 16.76 18.88 5.06
S44 PNS B . 18.06 19.31 3.86
H282 PNS B . 13.17 11.21 8.60
H281 PNS B . 12.15 10.14 7.64
H303 PNS B . 10.92 12.03 5.63
H302 PNS B . 10.06 10.87 6.64
H301 PNS B . 9.58 12.59 6.64
H313 PNS B . 11.27 12.02 9.93
H312 PNS B . 9.76 12.50 9.14
H311 PNS B . 10.30 10.82 9.07
H32 PNS B . 10.96 14.23 8.14
H33 PNS B . 13.08 14.81 8.85
H36 PNS B . 14.01 13.53 6.48
H372 PNS B . 14.71 13.94 4.31
H371 PNS B . 13.09 14.53 3.90
H382 PNS B . 13.59 16.67 5.06
H381 PNS B . 15.20 16.09 5.47
H41 PNS B . 15.68 18.12 2.40
H422 PNS B . 15.20 19.82 3.93
H421 PNS B . 14.62 18.66 5.12
H431 PNS B . 16.74 19.62 5.85
H432 PNS B . 16.97 17.91 5.50
H44 PNS B . 17.92 18.23 3.06
N GLY A 1 -20.10 -17.42 0.26
CA GLY A 1 -19.04 -17.84 -0.67
C GLY A 1 -17.64 -17.71 -0.05
N PRO A 2 -16.57 -17.88 -0.83
CA PRO A 2 -15.18 -17.82 -0.35
C PRO A 2 -14.79 -16.48 0.25
N GLY A 3 -13.86 -16.49 1.22
CA GLY A 3 -13.34 -15.28 1.88
C GLY A 3 -12.47 -14.39 0.98
N SER A 4 -11.95 -14.93 -0.13
CA SER A 4 -11.17 -14.21 -1.15
C SER A 4 -11.99 -13.20 -1.98
N ALA A 5 -13.32 -13.23 -1.87
CA ALA A 5 -14.24 -12.29 -2.53
C ALA A 5 -14.23 -10.86 -1.93
N GLY A 6 -13.49 -10.60 -0.85
CA GLY A 6 -13.50 -9.33 -0.11
C GLY A 6 -13.14 -8.12 -0.98
N ARG A 7 -13.91 -7.03 -0.86
CA ARG A 7 -13.74 -5.80 -1.66
C ARG A 7 -12.46 -5.04 -1.32
N GLN A 8 -11.95 -5.18 -0.10
CA GLN A 8 -10.66 -4.61 0.33
C GLN A 8 -9.44 -5.36 -0.27
N GLU A 9 -9.59 -6.62 -0.65
CA GLU A 9 -8.52 -7.43 -1.26
C GLU A 9 -8.13 -6.91 -2.65
N GLU A 10 -9.07 -6.30 -3.37
CA GLU A 10 -8.85 -5.63 -4.65
C GLU A 10 -7.89 -4.44 -4.53
N ILE A 11 -7.98 -3.70 -3.42
CA ILE A 11 -7.12 -2.57 -3.07
C ILE A 11 -5.75 -3.07 -2.58
N ALA A 12 -5.72 -4.14 -1.80
CA ALA A 12 -4.47 -4.73 -1.28
C ALA A 12 -3.52 -5.20 -2.39
N GLU A 13 -4.01 -5.89 -3.42
CA GLU A 13 -3.17 -6.30 -4.56
C GLU A 13 -2.66 -5.09 -5.38
N GLU A 14 -3.46 -4.02 -5.49
CA GLU A 14 -3.06 -2.80 -6.22
C GLU A 14 -2.05 -1.94 -5.44
N VAL A 15 -2.20 -1.84 -4.12
CA VAL A 15 -1.22 -1.18 -3.23
C VAL A 15 0.13 -1.91 -3.26
N ALA A 16 0.14 -3.25 -3.36
CA ALA A 16 1.36 -4.04 -3.54
C ALA A 16 2.04 -3.75 -4.90
N ARG A 17 1.29 -3.59 -5.99
CA ARG A 17 1.82 -3.16 -7.31
C ARG A 17 2.37 -1.74 -7.27
N LEU A 18 1.67 -0.80 -6.63
CA LEU A 18 2.13 0.59 -6.46
C LEU A 18 3.47 0.63 -5.70
N LEU A 19 3.57 -0.13 -4.60
CA LEU A 19 4.80 -0.23 -3.81
C LEU A 19 5.94 -0.87 -4.61
N ALA A 20 5.72 -2.01 -5.27
CA ALA A 20 6.73 -2.68 -6.09
C ALA A 20 7.23 -1.77 -7.22
N GLY A 21 6.33 -1.00 -7.86
CA GLY A 21 6.65 -0.03 -8.91
C GLY A 21 7.56 1.12 -8.44
N VAL A 22 7.32 1.68 -7.23
CA VAL A 22 8.17 2.71 -6.61
C VAL A 22 9.58 2.18 -6.31
N LEU A 23 9.68 0.92 -5.87
CA LEU A 23 10.94 0.23 -5.55
C LEU A 23 11.62 -0.43 -6.77
N TYR A 24 11.07 -0.26 -7.98
CA TYR A 24 11.52 -0.90 -9.24
C TYR A 24 11.61 -2.44 -9.17
N LEU A 25 10.77 -3.05 -8.34
CA LEU A 25 10.64 -4.49 -8.11
C LEU A 25 9.39 -5.06 -8.83
N GLU A 26 9.35 -6.39 -8.97
CA GLU A 26 8.16 -7.13 -9.42
C GLU A 26 7.21 -7.44 -8.25
N PRO A 27 5.86 -7.35 -8.43
CA PRO A 27 4.89 -7.65 -7.38
C PRO A 27 4.88 -9.14 -6.97
N ASP A 28 5.41 -10.03 -7.82
CA ASP A 28 5.62 -11.46 -7.50
C ASP A 28 6.77 -11.69 -6.49
N ARG A 29 7.78 -10.82 -6.48
CA ARG A 29 8.93 -10.87 -5.55
C ARG A 29 8.63 -10.17 -4.22
N LEU A 30 7.85 -9.08 -4.26
CA LEU A 30 7.44 -8.33 -3.07
C LEU A 30 6.52 -9.17 -2.16
N ASP A 31 6.86 -9.28 -0.88
CA ASP A 31 6.01 -9.91 0.15
C ASP A 31 5.09 -8.87 0.82
N PRO A 32 3.76 -8.90 0.62
CA PRO A 32 2.86 -7.90 1.18
C PRO A 32 2.71 -7.98 2.72
N GLU A 33 3.09 -9.10 3.34
CA GLU A 33 3.10 -9.26 4.80
C GLU A 33 4.37 -8.67 5.47
N GLU A 34 5.40 -8.31 4.69
CA GLU A 34 6.65 -7.73 5.18
C GLU A 34 6.56 -6.20 5.37
N THR A 35 7.34 -5.63 6.29
CA THR A 35 7.33 -4.19 6.59
C THR A 35 7.96 -3.35 5.48
N PHE A 36 7.53 -2.09 5.32
CA PHE A 36 8.11 -1.14 4.36
C PHE A 36 9.63 -1.01 4.52
N LEU A 37 10.13 -0.90 5.76
CA LEU A 37 11.55 -0.75 6.06
C LEU A 37 12.37 -1.98 5.63
N THR A 38 11.85 -3.19 5.84
CA THR A 38 12.52 -4.44 5.43
C THR A 38 12.42 -4.69 3.92
N LEU A 39 11.33 -4.23 3.27
CA LEU A 39 11.19 -4.18 1.80
C LEU A 39 12.12 -3.15 1.12
N GLY A 40 12.78 -2.28 1.89
CA GLY A 40 13.77 -1.32 1.40
C GLY A 40 13.23 0.10 1.11
N VAL A 41 12.09 0.47 1.68
CA VAL A 41 11.51 1.83 1.56
C VAL A 41 12.35 2.82 2.40
N ASP A 42 13.14 3.66 1.73
CA ASP A 42 13.71 4.87 2.32
C ASP A 42 12.64 5.96 2.53
N SER A 43 12.92 6.99 3.34
CA SER A 43 11.98 8.09 3.65
C SER A 43 11.40 8.79 2.39
N ILE A 44 12.28 9.15 1.45
CA ILE A 44 11.92 9.73 0.14
C ILE A 44 11.02 8.77 -0.66
N LEU A 45 11.35 7.48 -0.72
CA LEU A 45 10.55 6.47 -1.43
C LEU A 45 9.18 6.24 -0.75
N GLY A 46 9.10 6.38 0.57
CA GLY A 46 7.84 6.39 1.32
C GLY A 46 6.94 7.56 0.92
N VAL A 47 7.50 8.77 0.84
CA VAL A 47 6.78 9.96 0.35
C VAL A 47 6.33 9.80 -1.12
N GLU A 48 7.13 9.20 -1.99
CA GLU A 48 6.76 8.90 -3.38
C GLU A 48 5.63 7.85 -3.48
N PHE A 49 5.66 6.81 -2.64
CA PHE A 49 4.58 5.82 -2.50
C PHE A 49 3.28 6.44 -1.97
N VAL A 50 3.35 7.32 -0.97
CA VAL A 50 2.21 8.08 -0.45
C VAL A 50 1.61 9.00 -1.51
N ALA A 51 2.44 9.67 -2.31
CA ALA A 51 2.00 10.48 -3.44
C ALA A 51 1.32 9.63 -4.55
N ALA A 52 1.85 8.44 -4.84
CA ALA A 52 1.24 7.50 -5.78
C ALA A 52 -0.13 6.98 -5.30
N VAL A 53 -0.27 6.73 -3.99
CA VAL A 53 -1.55 6.37 -3.34
C VAL A 53 -2.56 7.51 -3.37
N ASN A 54 -2.12 8.75 -3.11
CA ASN A 54 -2.94 9.97 -3.23
C ASN A 54 -3.40 10.23 -4.69
N ALA A 55 -2.62 9.80 -5.68
CA ALA A 55 -3.00 9.87 -7.10
C ALA A 55 -3.96 8.73 -7.51
N ALA A 56 -3.75 7.52 -6.98
CA ALA A 56 -4.57 6.34 -7.26
C ALA A 56 -5.97 6.41 -6.62
N TYR A 57 -6.09 7.01 -5.43
CA TYR A 57 -7.32 7.06 -4.63
C TYR A 57 -7.54 8.45 -4.00
N PRO A 58 -8.78 8.97 -3.93
CA PRO A 58 -9.13 10.29 -3.37
C PRO A 58 -9.13 10.34 -1.82
N VAL A 59 -8.20 9.64 -1.17
CA VAL A 59 -8.13 9.45 0.29
C VAL A 59 -7.44 10.60 1.04
N GLY A 60 -6.59 11.36 0.35
CA GLY A 60 -5.81 12.47 0.93
C GLY A 60 -4.82 12.05 2.02
N VAL A 61 -4.30 10.81 2.00
CA VAL A 61 -3.61 10.19 3.14
C VAL A 61 -2.27 10.86 3.44
N LYS A 62 -1.98 11.08 4.73
CA LYS A 62 -0.71 11.64 5.24
C LYS A 62 0.37 10.57 5.35
N ALA A 63 1.63 10.98 5.21
CA ALA A 63 2.79 10.07 5.27
C ALA A 63 3.00 9.40 6.64
N THR A 64 2.41 9.94 7.72
CA THR A 64 2.44 9.35 9.07
C THR A 64 1.76 7.97 9.14
N ALA A 65 0.84 7.66 8.20
CA ALA A 65 0.18 6.35 8.09
C ALA A 65 1.16 5.19 7.84
N LEU A 66 2.36 5.46 7.30
CA LEU A 66 3.41 4.46 7.10
C LEU A 66 3.97 3.89 8.41
N TYR A 67 3.94 4.66 9.51
CA TYR A 67 4.35 4.20 10.84
C TYR A 67 3.21 3.51 11.60
N ASP A 68 1.98 3.98 11.44
CA ASP A 68 0.77 3.39 12.05
C ASP A 68 0.39 2.03 11.44
N HIS A 69 0.67 1.83 10.13
CA HIS A 69 0.34 0.63 9.36
C HIS A 69 1.60 0.16 8.60
N PRO A 70 2.55 -0.53 9.25
CA PRO A 70 3.92 -0.70 8.75
C PRO A 70 4.10 -1.68 7.57
N THR A 71 3.05 -2.39 7.15
CA THR A 71 3.04 -3.29 5.97
C THR A 71 2.06 -2.78 4.92
N PRO A 72 2.27 -3.04 3.61
CA PRO A 72 1.29 -2.67 2.57
C PRO A 72 -0.06 -3.40 2.75
N ALA A 73 -0.08 -4.60 3.35
CA ALA A 73 -1.32 -5.29 3.69
C ALA A 73 -2.15 -4.54 4.76
N ALA A 74 -1.53 -4.11 5.86
CA ALA A 74 -2.19 -3.31 6.90
C ALA A 74 -2.58 -1.92 6.38
N PHE A 75 -1.69 -1.28 5.60
CA PHE A 75 -1.91 0.03 5.00
C PHE A 75 -3.10 0.02 4.01
N ALA A 76 -3.19 -0.99 3.15
CA ALA A 76 -4.30 -1.12 2.19
C ALA A 76 -5.67 -1.25 2.87
N ARG A 77 -5.76 -1.86 4.06
CA ARG A 77 -7.01 -1.92 4.86
C ARG A 77 -7.42 -0.53 5.37
N HIS A 78 -6.46 0.30 5.79
CA HIS A 78 -6.70 1.70 6.16
C HIS A 78 -7.15 2.55 4.94
N ILE A 79 -6.53 2.35 3.77
CA ILE A 79 -6.94 2.99 2.51
C ILE A 79 -8.35 2.57 2.11
N ALA A 80 -8.68 1.27 2.21
CA ALA A 80 -10.00 0.74 1.91
C ALA A 80 -11.10 1.24 2.88
N GLU A 81 -10.81 1.33 4.18
CA GLU A 81 -11.71 1.95 5.17
C GLU A 81 -11.90 3.45 4.94
N SER A 82 -10.87 4.18 4.47
CA SER A 82 -10.98 5.59 4.07
C SER A 82 -11.87 5.79 2.84
N LEU A 83 -11.97 4.78 1.95
CA LEU A 83 -12.88 4.73 0.81
C LEU A 83 -14.27 4.16 1.15
N GLY A 84 -14.46 3.62 2.36
CA GLY A 84 -15.69 2.96 2.81
C GLY A 84 -15.95 1.58 2.17
N ALA A 85 -14.92 0.95 1.58
CA ALA A 85 -14.99 -0.37 0.95
C ALA A 85 -15.14 -1.52 1.97
O23 PNS B . 15.20 9.87 6.08
P24 PNS B . 14.79 10.57 4.85
O26 PNS B . 15.83 11.10 3.93
O27 PNS B . 13.80 11.76 5.25
C28 PNS B . 13.18 12.54 4.26
C29 PNS B . 12.31 13.68 4.85
C30 PNS B . 11.14 13.07 5.66
C31 PNS B . 13.18 14.51 5.83
C32 PNS B . 11.81 14.58 3.68
O33 PNS B . 11.09 13.79 2.73
C34 PNS B . 10.96 15.81 4.12
O35 PNS B . 9.72 15.73 4.19
N36 PNS B . 11.62 16.94 4.42
C37 PNS B . 11.00 18.18 4.87
C38 PNS B . 10.87 18.15 6.40
C39 PNS B . 10.14 19.39 6.92
O40 PNS B . 8.92 19.36 7.07
N41 PNS B . 10.80 20.52 7.18
C42 PNS B . 12.23 20.78 7.06
C43 PNS B . 12.92 20.53 8.41
S44 PNS B . 14.70 20.84 8.24
H282 PNS B . 12.55 11.90 3.65
H281 PNS B . 13.94 12.97 3.60
H303 PNS B . 10.52 12.44 5.02
H302 PNS B . 11.53 12.46 6.47
H301 PNS B . 10.53 13.86 6.08
H313 PNS B . 13.58 13.88 6.63
H312 PNS B . 14.03 14.96 5.30
H311 PNS B . 12.59 15.30 6.30
H32 PNS B . 12.69 14.98 3.17
H33 PNS B . 10.14 13.82 2.96
H36 PNS B . 12.62 16.93 4.32
H372 PNS B . 11.61 19.03 4.57
H371 PNS B . 10.00 18.29 4.43
H382 PNS B . 10.30 17.27 6.70
H381 PNS B . 11.86 18.08 6.85
H41 PNS B . 10.23 21.27 7.52
H422 PNS B . 12.68 20.15 6.29
H421 PNS B . 12.38 21.83 6.78
H431 PNS B . 12.49 21.20 9.15
H432 PNS B . 12.75 19.49 8.71
H44 PNS B . 14.59 22.13 7.87
N GLY A 1 -15.91 -21.52 3.69
CA GLY A 1 -14.85 -21.14 2.72
C GLY A 1 -14.22 -19.80 3.06
N PRO A 2 -13.51 -19.16 2.12
CA PRO A 2 -12.84 -17.87 2.31
C PRO A 2 -13.78 -16.72 2.67
N GLY A 3 -13.25 -15.70 3.35
CA GLY A 3 -13.99 -14.48 3.72
C GLY A 3 -14.29 -13.56 2.53
N SER A 4 -15.33 -12.73 2.67
CA SER A 4 -15.86 -11.81 1.63
C SER A 4 -15.03 -10.51 1.47
N ALA A 5 -13.70 -10.63 1.41
CA ALA A 5 -12.75 -9.51 1.39
C ALA A 5 -12.82 -8.64 0.12
N GLY A 6 -13.21 -9.22 -1.03
CA GLY A 6 -13.69 -8.52 -2.23
C GLY A 6 -12.94 -7.22 -2.61
N ARG A 7 -13.59 -6.07 -2.36
CA ARG A 7 -13.06 -4.73 -2.69
C ARG A 7 -11.80 -4.35 -1.91
N GLN A 8 -11.72 -4.67 -0.61
CA GLN A 8 -10.50 -4.40 0.17
C GLN A 8 -9.33 -5.33 -0.21
N GLU A 9 -9.62 -6.52 -0.76
CA GLU A 9 -8.58 -7.42 -1.29
C GLU A 9 -7.91 -6.86 -2.56
N GLU A 10 -8.68 -6.37 -3.54
CA GLU A 10 -8.12 -5.76 -4.76
C GLU A 10 -7.46 -4.39 -4.48
N ILE A 11 -7.90 -3.65 -3.45
CA ILE A 11 -7.18 -2.47 -2.94
C ILE A 11 -5.82 -2.87 -2.36
N ALA A 12 -5.72 -3.98 -1.61
CA ALA A 12 -4.44 -4.48 -1.09
C ALA A 12 -3.49 -4.91 -2.22
N GLU A 13 -3.99 -5.56 -3.27
CA GLU A 13 -3.21 -5.88 -4.48
C GLU A 13 -2.73 -4.61 -5.20
N GLU A 14 -3.58 -3.59 -5.33
CA GLU A 14 -3.21 -2.30 -5.93
C GLU A 14 -2.11 -1.57 -5.12
N VAL A 15 -2.26 -1.47 -3.80
CA VAL A 15 -1.26 -0.86 -2.90
C VAL A 15 0.08 -1.61 -2.94
N ALA A 16 0.07 -2.94 -3.01
CA ALA A 16 1.28 -3.75 -3.13
C ALA A 16 2.02 -3.53 -4.47
N ARG A 17 1.31 -3.42 -5.61
CA ARG A 17 1.94 -3.15 -6.92
C ARG A 17 2.30 -1.68 -7.15
N LEU A 18 1.64 -0.73 -6.50
CA LEU A 18 2.11 0.66 -6.39
C LEU A 18 3.46 0.72 -5.65
N LEU A 19 3.59 0.00 -4.53
CA LEU A 19 4.87 -0.11 -3.80
C LEU A 19 5.96 -0.78 -4.67
N ALA A 20 5.65 -1.91 -5.31
CA ALA A 20 6.61 -2.59 -6.19
C ALA A 20 7.08 -1.67 -7.34
N GLY A 21 6.18 -0.88 -7.93
CA GLY A 21 6.50 0.13 -8.94
C GLY A 21 7.46 1.23 -8.46
N VAL A 22 7.24 1.77 -7.26
CA VAL A 22 8.16 2.76 -6.63
C VAL A 22 9.54 2.15 -6.35
N LEU A 23 9.61 0.89 -5.93
CA LEU A 23 10.85 0.17 -5.63
C LEU A 23 11.49 -0.52 -6.85
N TYR A 24 10.97 -0.30 -8.06
CA TYR A 24 11.43 -0.89 -9.33
C TYR A 24 11.50 -2.43 -9.31
N LEU A 25 10.49 -3.06 -8.70
CA LEU A 25 10.33 -4.51 -8.51
C LEU A 25 8.98 -4.99 -9.07
N GLU A 26 8.84 -6.30 -9.29
CA GLU A 26 7.60 -6.97 -9.66
C GLU A 26 6.76 -7.34 -8.42
N PRO A 27 5.41 -7.17 -8.45
CA PRO A 27 4.54 -7.45 -7.31
C PRO A 27 4.40 -8.95 -6.98
N ASP A 28 4.76 -9.86 -7.90
CA ASP A 28 4.72 -11.32 -7.67
C ASP A 28 5.87 -11.84 -6.79
N ARG A 29 6.94 -11.06 -6.59
CA ARG A 29 8.06 -11.36 -5.67
C ARG A 29 8.29 -10.33 -4.54
N LEU A 30 7.58 -9.21 -4.55
CA LEU A 30 7.39 -8.38 -3.35
C LEU A 30 6.48 -9.12 -2.35
N ASP A 31 6.88 -9.18 -1.07
CA ASP A 31 6.05 -9.75 0.01
C ASP A 31 5.16 -8.66 0.65
N PRO A 32 3.83 -8.67 0.45
CA PRO A 32 2.95 -7.63 0.98
C PRO A 32 2.75 -7.71 2.51
N GLU A 33 3.07 -8.85 3.11
CA GLU A 33 3.09 -9.07 4.58
C GLU A 33 4.35 -8.52 5.26
N GLU A 34 5.37 -8.10 4.50
CA GLU A 34 6.63 -7.56 5.02
C GLU A 34 6.57 -6.03 5.22
N THR A 35 7.36 -5.48 6.15
CA THR A 35 7.37 -4.03 6.43
C THR A 35 8.02 -3.21 5.33
N PHE A 36 7.58 -1.97 5.17
CA PHE A 36 8.16 -1.01 4.22
C PHE A 36 9.68 -0.86 4.42
N LEU A 37 10.14 -0.76 5.67
CA LEU A 37 11.56 -0.61 6.00
C LEU A 37 12.38 -1.86 5.60
N THR A 38 11.84 -3.06 5.83
CA THR A 38 12.50 -4.32 5.45
C THR A 38 12.48 -4.58 3.93
N LEU A 39 11.42 -4.13 3.24
CA LEU A 39 11.34 -4.10 1.77
C LEU A 39 12.28 -3.05 1.12
N GLY A 40 12.92 -2.19 1.92
CA GLY A 40 13.96 -1.24 1.46
C GLY A 40 13.44 0.16 1.10
N VAL A 41 12.28 0.57 1.63
CA VAL A 41 11.72 1.92 1.47
C VAL A 41 12.57 2.95 2.24
N ASP A 42 13.31 3.78 1.52
CA ASP A 42 13.92 5.01 2.04
C ASP A 42 12.87 6.11 2.29
N SER A 43 13.23 7.18 3.00
CA SER A 43 12.30 8.28 3.34
C SER A 43 11.63 8.91 2.10
N ILE A 44 12.43 9.25 1.08
CA ILE A 44 11.94 9.78 -0.21
C ILE A 44 11.01 8.78 -0.91
N LEU A 45 11.37 7.48 -0.92
CA LEU A 45 10.55 6.43 -1.52
C LEU A 45 9.23 6.20 -0.76
N GLY A 46 9.21 6.45 0.55
CA GLY A 46 8.01 6.46 1.37
C GLY A 46 7.06 7.61 1.00
N VAL A 47 7.60 8.83 0.85
CA VAL A 47 6.84 9.99 0.35
C VAL A 47 6.32 9.76 -1.08
N GLU A 48 7.11 9.15 -1.96
CA GLU A 48 6.70 8.80 -3.33
C GLU A 48 5.60 7.73 -3.37
N PHE A 49 5.66 6.72 -2.50
CA PHE A 49 4.59 5.72 -2.33
C PHE A 49 3.28 6.35 -1.80
N VAL A 50 3.37 7.25 -0.81
CA VAL A 50 2.21 7.99 -0.28
C VAL A 50 1.59 8.88 -1.37
N ALA A 51 2.40 9.54 -2.20
CA ALA A 51 1.94 10.33 -3.35
C ALA A 51 1.32 9.43 -4.45
N ALA A 52 1.88 8.26 -4.72
CA ALA A 52 1.36 7.31 -5.71
C ALA A 52 -0.01 6.74 -5.29
N VAL A 53 -0.22 6.42 -4.01
CA VAL A 53 -1.52 5.99 -3.47
C VAL A 53 -2.54 7.14 -3.51
N ASN A 54 -2.13 8.38 -3.23
CA ASN A 54 -2.97 9.58 -3.40
C ASN A 54 -3.34 9.86 -4.87
N ALA A 55 -2.49 9.50 -5.83
CA ALA A 55 -2.79 9.59 -7.26
C ALA A 55 -3.77 8.47 -7.72
N ALA A 56 -3.63 7.26 -7.17
CA ALA A 56 -4.49 6.12 -7.47
C ALA A 56 -5.90 6.21 -6.83
N TYR A 57 -6.00 6.78 -5.62
CA TYR A 57 -7.23 6.89 -4.83
C TYR A 57 -7.36 8.28 -4.13
N PRO A 58 -8.56 8.90 -4.07
CA PRO A 58 -8.80 10.21 -3.44
C PRO A 58 -8.89 10.14 -1.90
N VAL A 59 -7.93 9.47 -1.24
CA VAL A 59 -7.92 9.22 0.21
C VAL A 59 -7.37 10.40 1.02
N GLY A 60 -6.54 11.24 0.41
CA GLY A 60 -5.84 12.35 1.07
C GLY A 60 -4.82 11.93 2.13
N VAL A 61 -4.31 10.69 2.09
CA VAL A 61 -3.51 10.09 3.18
C VAL A 61 -2.15 10.77 3.34
N LYS A 62 -1.62 10.78 4.56
CA LYS A 62 -0.33 11.38 4.95
C LYS A 62 0.69 10.32 5.37
N ALA A 63 1.98 10.67 5.32
CA ALA A 63 3.09 9.76 5.65
C ALA A 63 3.08 9.25 7.10
N THR A 64 2.32 9.87 8.01
CA THR A 64 2.10 9.37 9.38
C THR A 64 1.39 8.01 9.41
N ALA A 65 0.58 7.68 8.39
CA ALA A 65 -0.07 6.38 8.27
C ALA A 65 0.91 5.22 8.06
N LEU A 66 2.15 5.48 7.61
CA LEU A 66 3.21 4.48 7.49
C LEU A 66 3.67 3.94 8.86
N TYR A 67 3.55 4.75 9.92
CA TYR A 67 3.87 4.35 11.31
C TYR A 67 2.72 3.53 11.94
N ASP A 68 1.47 3.92 11.68
CA ASP A 68 0.26 3.21 12.15
C ASP A 68 0.08 1.84 11.46
N HIS A 69 0.52 1.73 10.20
CA HIS A 69 0.37 0.54 9.35
C HIS A 69 1.72 0.24 8.65
N PRO A 70 2.58 -0.65 9.20
CA PRO A 70 3.97 -0.79 8.76
C PRO A 70 4.19 -1.60 7.46
N THR A 71 3.16 -2.26 6.93
CA THR A 71 3.20 -3.09 5.70
C THR A 71 2.20 -2.56 4.66
N PRO A 72 2.36 -2.81 3.35
CA PRO A 72 1.37 -2.40 2.36
C PRO A 72 0.02 -3.10 2.55
N ALA A 73 0.00 -4.36 3.02
CA ALA A 73 -1.24 -5.07 3.36
C ALA A 73 -2.00 -4.43 4.54
N ALA A 74 -1.29 -3.96 5.57
CA ALA A 74 -1.87 -3.21 6.69
C ALA A 74 -2.34 -1.80 6.25
N PHE A 75 -1.54 -1.11 5.44
CA PHE A 75 -1.81 0.25 4.95
C PHE A 75 -3.07 0.30 4.07
N ALA A 76 -3.28 -0.73 3.25
CA ALA A 76 -4.47 -0.92 2.43
C ALA A 76 -5.80 -0.98 3.20
N ARG A 77 -5.78 -1.34 4.50
CA ARG A 77 -6.97 -1.31 5.38
C ARG A 77 -7.48 0.12 5.55
N HIS A 78 -6.57 1.07 5.78
CA HIS A 78 -6.93 2.50 5.89
C HIS A 78 -7.44 3.06 4.56
N ILE A 79 -6.84 2.64 3.44
CA ILE A 79 -7.29 3.01 2.09
C ILE A 79 -8.71 2.51 1.83
N ALA A 80 -9.00 1.25 2.14
CA ALA A 80 -10.33 0.65 2.01
C ALA A 80 -11.39 1.34 2.91
N GLU A 81 -11.07 1.60 4.18
CA GLU A 81 -11.99 2.30 5.11
C GLU A 81 -12.24 3.77 4.71
N SER A 82 -11.22 4.46 4.18
CA SER A 82 -11.37 5.84 3.67
C SER A 82 -12.28 5.91 2.43
N LEU A 83 -12.20 4.92 1.54
CA LEU A 83 -13.06 4.76 0.35
C LEU A 83 -14.45 4.16 0.64
N GLY A 84 -14.67 3.61 1.84
CA GLY A 84 -15.91 2.91 2.23
C GLY A 84 -16.08 1.53 1.57
N ALA A 85 -14.98 0.89 1.16
CA ALA A 85 -14.94 -0.43 0.51
C ALA A 85 -15.31 -1.58 1.48
O23 PNS B . 15.60 10.24 5.50
P24 PNS B . 15.15 10.86 4.23
O26 PNS B . 16.18 11.29 3.25
O27 PNS B . 14.23 12.12 4.60
C28 PNS B . 13.54 12.81 3.58
C29 PNS B . 13.11 14.22 4.05
C30 PNS B . 14.39 15.08 4.18
C31 PNS B . 12.25 14.84 2.92
C32 PNS B . 12.35 14.20 5.41
O33 PNS B . 12.00 15.52 5.83
C34 PNS B . 11.12 13.25 5.44
O35 PNS B . 10.01 13.63 5.04
N36 PNS B . 11.30 12.02 5.91
C37 PNS B . 10.24 11.03 6.10
C38 PNS B . 9.82 10.96 7.57
C39 PNS B . 9.14 12.23 8.05
O40 PNS B . 9.73 13.05 8.74
N41 PNS B . 7.86 12.40 7.68
C42 PNS B . 7.05 13.58 7.99
C43 PNS B . 6.20 13.31 9.25
S44 PNS B . 4.99 11.98 8.94
H282 PNS B . 12.66 12.24 3.29
H281 PNS B . 14.17 12.92 2.70
H303 PNS B . 15.02 14.70 4.99
H302 PNS B . 14.96 15.06 3.26
H301 PNS B . 14.13 16.13 4.41
H313 PNS B . 11.36 14.24 2.75
H312 PNS B . 11.96 15.86 3.17
H311 PNS B . 12.82 14.88 1.99
H32 PNS B . 13.05 13.82 6.16
H33 PNS B . 11.15 15.76 5.42
H36 PNS B . 12.23 11.78 6.22
H372 PNS B . 9.38 11.26 5.48
H371 PNS B . 10.61 10.04 5.80
H382 PNS B . 9.13 10.13 7.70
H381 PNS B . 10.70 10.78 8.20
H41 PNS B . 7.43 11.68 7.13
H422 PNS B . 7.68 14.45 8.19
H421 PNS B . 6.38 13.81 7.16
H431 PNS B . 6.84 13.03 10.08
H432 PNS B . 5.66 14.22 9.51
H44 PNS B . 4.42 12.03 10.15
N GLY A 1 -6.52 -20.72 -2.30
CA GLY A 1 -7.91 -20.22 -2.36
C GLY A 1 -8.82 -21.15 -3.17
N PRO A 2 -10.07 -20.71 -3.47
CA PRO A 2 -10.69 -19.45 -3.05
C PRO A 2 -10.99 -19.38 -1.54
N GLY A 3 -11.30 -18.18 -1.05
CA GLY A 3 -11.60 -17.88 0.36
C GLY A 3 -12.07 -16.44 0.59
N SER A 4 -12.19 -16.03 1.86
CA SER A 4 -12.55 -14.66 2.26
C SER A 4 -11.49 -13.63 1.80
N ALA A 5 -11.95 -12.44 1.38
CA ALA A 5 -11.11 -11.37 0.84
C ALA A 5 -11.71 -9.98 1.15
N GLY A 6 -12.73 -9.59 0.38
CA GLY A 6 -13.48 -8.33 0.54
C GLY A 6 -12.87 -7.14 -0.21
N ARG A 7 -13.57 -5.99 -0.16
CA ARG A 7 -13.22 -4.77 -0.91
C ARG A 7 -11.85 -4.19 -0.55
N GLN A 8 -11.42 -4.35 0.71
CA GLN A 8 -10.10 -3.94 1.18
C GLN A 8 -8.95 -4.80 0.62
N GLU A 9 -9.21 -6.05 0.25
CA GLU A 9 -8.20 -6.99 -0.26
C GLU A 9 -7.84 -6.73 -1.73
N GLU A 10 -8.81 -6.38 -2.57
CA GLU A 10 -8.54 -5.94 -3.95
C GLU A 10 -7.90 -4.53 -4.00
N ILE A 11 -8.09 -3.70 -2.98
CA ILE A 11 -7.32 -2.45 -2.77
C ILE A 11 -5.88 -2.78 -2.34
N ALA A 12 -5.66 -3.80 -1.50
CA ALA A 12 -4.32 -4.23 -1.11
C ALA A 12 -3.48 -4.76 -2.29
N GLU A 13 -4.10 -5.42 -3.28
CA GLU A 13 -3.44 -5.81 -4.52
C GLU A 13 -2.92 -4.60 -5.32
N GLU A 14 -3.70 -3.50 -5.39
CA GLU A 14 -3.27 -2.25 -6.03
C GLU A 14 -2.13 -1.58 -5.24
N VAL A 15 -2.28 -1.43 -3.92
CA VAL A 15 -1.27 -0.83 -3.03
C VAL A 15 0.07 -1.60 -3.07
N ALA A 16 0.05 -2.93 -3.14
CA ALA A 16 1.26 -3.75 -3.25
C ALA A 16 2.01 -3.53 -4.58
N ARG A 17 1.31 -3.42 -5.73
CA ARG A 17 1.97 -3.14 -7.02
C ARG A 17 2.40 -1.68 -7.19
N LEU A 18 1.72 -0.73 -6.55
CA LEU A 18 2.20 0.66 -6.43
C LEU A 18 3.53 0.71 -5.66
N LEU A 19 3.65 -0.03 -4.55
CA LEU A 19 4.92 -0.15 -3.82
C LEU A 19 6.01 -0.81 -4.66
N ALA A 20 5.71 -1.93 -5.34
CA ALA A 20 6.67 -2.60 -6.22
C ALA A 20 7.18 -1.67 -7.33
N GLY A 21 6.31 -0.84 -7.92
CA GLY A 21 6.67 0.20 -8.91
C GLY A 21 7.64 1.26 -8.37
N VAL A 22 7.42 1.77 -7.14
CA VAL A 22 8.33 2.70 -6.45
C VAL A 22 9.70 2.06 -6.18
N LEU A 23 9.72 0.78 -5.78
CA LEU A 23 10.92 0.02 -5.45
C LEU A 23 11.60 -0.65 -6.67
N TYR A 24 11.16 -0.34 -7.90
CA TYR A 24 11.68 -0.87 -9.16
C TYR A 24 11.66 -2.42 -9.24
N LEU A 25 10.63 -3.04 -8.67
CA LEU A 25 10.45 -4.48 -8.49
C LEU A 25 9.12 -4.98 -9.10
N GLU A 26 8.99 -6.29 -9.29
CA GLU A 26 7.74 -6.95 -9.69
C GLU A 26 6.81 -7.22 -8.50
N PRO A 27 5.48 -7.11 -8.67
CA PRO A 27 4.52 -7.43 -7.61
C PRO A 27 4.47 -8.93 -7.27
N ASP A 28 4.92 -9.81 -8.18
CA ASP A 28 5.11 -11.24 -7.92
C ASP A 28 6.33 -11.54 -7.01
N ARG A 29 7.36 -10.67 -7.03
CA ARG A 29 8.57 -10.78 -6.20
C ARG A 29 8.41 -10.12 -4.83
N LEU A 30 7.69 -8.98 -4.77
CA LEU A 30 7.40 -8.26 -3.53
C LEU A 30 6.47 -9.05 -2.59
N ASP A 31 6.85 -9.18 -1.32
CA ASP A 31 6.00 -9.78 -0.26
C ASP A 31 5.16 -8.69 0.44
N PRO A 32 3.81 -8.65 0.27
CA PRO A 32 2.98 -7.59 0.84
C PRO A 32 2.81 -7.69 2.37
N GLU A 33 3.11 -8.85 2.95
CA GLU A 33 3.15 -9.06 4.41
C GLU A 33 4.45 -8.56 5.08
N GLU A 34 5.47 -8.19 4.29
CA GLU A 34 6.74 -7.67 4.81
C GLU A 34 6.68 -6.15 5.04
N THR A 35 7.48 -5.64 5.99
CA THR A 35 7.51 -4.20 6.32
C THR A 35 8.20 -3.36 5.24
N PHE A 36 7.77 -2.10 5.11
CA PHE A 36 8.31 -1.15 4.13
C PHE A 36 9.84 -1.01 4.22
N LEU A 37 10.40 -0.87 5.43
CA LEU A 37 11.84 -0.70 5.64
C LEU A 37 12.66 -1.95 5.26
N THR A 38 12.13 -3.17 5.45
CA THR A 38 12.78 -4.42 5.04
C THR A 38 12.65 -4.67 3.53
N LEU A 39 11.56 -4.22 2.90
CA LEU A 39 11.40 -4.21 1.44
C LEU A 39 12.34 -3.19 0.74
N GLY A 40 12.85 -2.19 1.47
CA GLY A 40 13.85 -1.23 0.99
C GLY A 40 13.36 0.21 0.81
N VAL A 41 12.22 0.57 1.41
CA VAL A 41 11.69 1.95 1.43
C VAL A 41 12.59 2.86 2.27
N ASP A 42 13.30 3.78 1.60
CA ASP A 42 13.89 4.98 2.23
C ASP A 42 12.80 6.03 2.54
N SER A 43 13.10 7.03 3.36
CA SER A 43 12.16 8.13 3.71
C SER A 43 11.54 8.84 2.48
N ILE A 44 12.37 9.18 1.49
CA ILE A 44 11.93 9.77 0.22
C ILE A 44 11.00 8.81 -0.55
N LEU A 45 11.36 7.52 -0.63
CA LEU A 45 10.54 6.50 -1.30
C LEU A 45 9.21 6.24 -0.57
N GLY A 46 9.16 6.45 0.75
CA GLY A 46 7.92 6.44 1.54
C GLY A 46 6.97 7.56 1.10
N VAL A 47 7.47 8.78 0.93
CA VAL A 47 6.70 9.91 0.38
C VAL A 47 6.25 9.65 -1.07
N GLU A 48 7.09 9.04 -1.92
CA GLU A 48 6.70 8.66 -3.29
C GLU A 48 5.59 7.58 -3.33
N PHE A 49 5.66 6.59 -2.44
CA PHE A 49 4.59 5.58 -2.27
C PHE A 49 3.28 6.20 -1.78
N VAL A 50 3.33 7.11 -0.80
CA VAL A 50 2.17 7.87 -0.31
C VAL A 50 1.56 8.73 -1.42
N ALA A 51 2.39 9.41 -2.22
CA ALA A 51 1.96 10.18 -3.39
C ALA A 51 1.33 9.30 -4.48
N ALA A 52 1.85 8.09 -4.71
CA ALA A 52 1.30 7.13 -5.65
C ALA A 52 -0.10 6.63 -5.23
N VAL A 53 -0.32 6.37 -3.93
CA VAL A 53 -1.64 6.03 -3.38
C VAL A 53 -2.61 7.23 -3.42
N ASN A 54 -2.13 8.45 -3.15
CA ASN A 54 -2.91 9.68 -3.33
C ASN A 54 -3.34 9.91 -4.79
N ALA A 55 -2.51 9.53 -5.78
CA ALA A 55 -2.87 9.58 -7.19
C ALA A 55 -3.85 8.47 -7.62
N ALA A 56 -3.68 7.26 -7.08
CA ALA A 56 -4.55 6.10 -7.36
C ALA A 56 -5.96 6.20 -6.74
N TYR A 57 -6.09 6.83 -5.56
CA TYR A 57 -7.32 6.90 -4.76
C TYR A 57 -7.54 8.31 -4.16
N PRO A 58 -8.78 8.88 -4.18
CA PRO A 58 -9.12 10.19 -3.58
C PRO A 58 -9.09 10.29 -2.03
N VAL A 59 -8.20 9.53 -1.36
CA VAL A 59 -8.12 9.42 0.11
C VAL A 59 -7.43 10.61 0.77
N GLY A 60 -6.54 11.29 0.04
CA GLY A 60 -5.73 12.41 0.54
C GLY A 60 -4.76 12.03 1.67
N VAL A 61 -4.35 10.76 1.77
CA VAL A 61 -3.68 10.19 2.95
C VAL A 61 -2.32 10.84 3.24
N LYS A 62 -2.05 11.13 4.52
CA LYS A 62 -0.77 11.67 5.02
C LYS A 62 0.25 10.55 5.28
N ALA A 63 1.53 10.89 5.18
CA ALA A 63 2.64 9.95 5.42
C ALA A 63 2.71 9.40 6.86
N THR A 64 2.01 10.00 7.82
CA THR A 64 1.89 9.48 9.20
C THR A 64 1.23 8.09 9.28
N ALA A 65 0.44 7.71 8.27
CA ALA A 65 -0.16 6.38 8.17
C ALA A 65 0.88 5.25 8.03
N LEU A 66 2.11 5.55 7.57
CA LEU A 66 3.23 4.59 7.51
C LEU A 66 3.70 4.15 8.90
N TYR A 67 3.53 4.99 9.93
CA TYR A 67 3.88 4.69 11.32
C TYR A 67 2.82 3.78 11.99
N ASP A 68 1.54 4.02 11.70
CA ASP A 68 0.41 3.20 12.19
C ASP A 68 0.32 1.83 11.49
N HIS A 69 0.71 1.75 10.21
CA HIS A 69 0.62 0.55 9.38
C HIS A 69 1.98 0.29 8.69
N PRO A 70 2.82 -0.65 9.18
CA PRO A 70 4.20 -0.83 8.71
C PRO A 70 4.35 -1.66 7.41
N THR A 71 3.27 -2.27 6.90
CA THR A 71 3.25 -3.10 5.68
C THR A 71 2.24 -2.54 4.65
N PRO A 72 2.40 -2.79 3.34
CA PRO A 72 1.40 -2.36 2.35
C PRO A 72 0.04 -3.06 2.55
N ALA A 73 0.03 -4.32 3.01
CA ALA A 73 -1.20 -5.04 3.32
C ALA A 73 -1.98 -4.42 4.49
N ALA A 74 -1.30 -3.95 5.55
CA ALA A 74 -1.92 -3.21 6.64
C ALA A 74 -2.37 -1.80 6.20
N PHE A 75 -1.51 -1.10 5.45
CA PHE A 75 -1.75 0.28 4.98
C PHE A 75 -3.02 0.37 4.11
N ALA A 76 -3.25 -0.61 3.23
CA ALA A 76 -4.43 -0.70 2.37
C ALA A 76 -5.78 -0.76 3.11
N ARG A 77 -5.81 -1.24 4.36
CA ARG A 77 -7.04 -1.27 5.19
C ARG A 77 -7.53 0.15 5.49
N HIS A 78 -6.62 1.07 5.80
CA HIS A 78 -6.94 2.48 6.00
C HIS A 78 -7.40 3.19 4.72
N ILE A 79 -6.84 2.79 3.56
CA ILE A 79 -7.27 3.30 2.25
C ILE A 79 -8.73 2.91 1.95
N ALA A 80 -9.08 1.65 2.21
CA ALA A 80 -10.45 1.15 2.06
C ALA A 80 -11.45 1.84 3.01
N GLU A 81 -11.09 2.03 4.27
CA GLU A 81 -11.91 2.78 5.25
C GLU A 81 -12.05 4.27 4.91
N SER A 82 -10.99 4.90 4.38
CA SER A 82 -11.02 6.31 3.94
C SER A 82 -11.91 6.53 2.71
N LEU A 83 -11.92 5.58 1.76
CA LEU A 83 -12.87 5.55 0.63
C LEU A 83 -14.32 5.24 1.06
N GLY A 84 -14.51 4.63 2.22
CA GLY A 84 -15.81 4.12 2.69
C GLY A 84 -16.29 2.90 1.90
N ALA A 85 -15.35 2.06 1.41
CA ALA A 85 -15.59 0.90 0.55
C ALA A 85 -16.47 -0.18 1.20
O23 PNS B . 15.09 9.94 6.40
P24 PNS B . 15.19 10.35 4.98
O26 PNS B . 16.51 10.23 4.29
O27 PNS B . 14.71 11.87 4.83
C28 PNS B . 13.72 12.41 5.69
C29 PNS B . 13.42 13.89 5.35
C30 PNS B . 14.71 14.73 5.53
C31 PNS B . 13.00 14.02 3.86
C32 PNS B . 12.28 14.44 6.25
O33 PNS B . 11.06 13.73 6.01
C34 PNS B . 12.63 14.46 7.77
O35 PNS B . 12.42 13.49 8.50
N36 PNS B . 13.17 15.59 8.26
C37 PNS B . 13.49 15.82 9.67
C38 PNS B . 14.93 15.40 9.95
C39 PNS B . 15.31 15.65 11.40
O40 PNS B . 15.99 16.63 11.71
N41 PNS B . 14.84 14.78 12.30
C42 PNS B . 15.05 14.86 13.75
C43 PNS B . 16.16 13.90 14.18
S44 PNS B . 15.69 12.18 13.81
H282 PNS B . 14.08 12.35 6.72
H281 PNS B . 12.80 11.83 5.63
H303 PNS B . 15.10 14.61 6.54
H302 PNS B . 15.48 14.41 4.83
H301 PNS B . 14.48 15.79 5.37
H313 PNS B . 12.70 15.03 3.63
H312 PNS B . 13.82 13.74 3.21
H311 PNS B . 12.16 13.35 3.65
H32 PNS B . 12.11 15.47 5.97
H33 PNS B . 10.35 14.06 6.62
H36 PNS B . 13.33 16.34 7.61
H372 PNS B . 13.37 16.89 9.90
H371 PNS B . 12.81 15.27 10.31
H382 PNS B . 15.06 14.33 9.72
H381 PNS B . 15.60 15.96 9.30
H41 PNS B . 14.30 14.00 11.96
H422 PNS B . 15.34 15.87 14.03
H421 PNS B . 14.13 14.60 14.27
H431 PNS B . 17.09 14.14 13.64
H432 PNS B . 16.33 14.00 15.25
H44 PNS B . 14.59 12.16 14.59
N GLY A 1 -19.74 -12.04 7.45
CA GLY A 1 -20.15 -13.47 7.41
C GLY A 1 -19.15 -14.33 6.63
N PRO A 2 -19.33 -15.66 6.65
CA PRO A 2 -18.46 -16.59 5.92
C PRO A 2 -18.58 -16.42 4.40
N GLY A 3 -17.49 -16.69 3.67
CA GLY A 3 -17.41 -16.62 2.20
C GLY A 3 -17.32 -15.21 1.60
N SER A 4 -17.06 -14.18 2.41
CA SER A 4 -16.88 -12.79 1.95
C SER A 4 -15.64 -12.61 1.06
N ALA A 5 -15.74 -11.70 0.08
CA ALA A 5 -14.68 -11.36 -0.88
C ALA A 5 -14.71 -9.87 -1.24
N GLY A 6 -14.26 -9.03 -0.30
CA GLY A 6 -14.36 -7.57 -0.36
C GLY A 6 -13.48 -6.88 -1.42
N ARG A 7 -13.87 -5.68 -1.83
CA ARG A 7 -13.03 -4.79 -2.68
C ARG A 7 -11.80 -4.26 -1.92
N GLN A 8 -11.86 -4.21 -0.59
CA GLN A 8 -10.72 -3.93 0.29
C GLN A 8 -9.54 -4.91 0.08
N GLU A 9 -9.83 -6.16 -0.27
CA GLU A 9 -8.82 -7.20 -0.54
C GLU A 9 -8.10 -6.97 -1.88
N GLU A 10 -8.80 -6.43 -2.88
CA GLU A 10 -8.21 -5.98 -4.16
C GLU A 10 -7.41 -4.68 -4.01
N ILE A 11 -7.85 -3.76 -3.12
CA ILE A 11 -7.09 -2.55 -2.77
C ILE A 11 -5.77 -2.89 -2.06
N ALA A 12 -5.70 -3.97 -1.28
CA ALA A 12 -4.44 -4.46 -0.72
C ALA A 12 -3.45 -4.92 -1.81
N GLU A 13 -3.92 -5.57 -2.88
CA GLU A 13 -3.10 -5.88 -4.07
C GLU A 13 -2.69 -4.61 -4.85
N GLU A 14 -3.58 -3.62 -5.00
CA GLU A 14 -3.28 -2.32 -5.62
C GLU A 14 -2.17 -1.56 -4.87
N VAL A 15 -2.26 -1.45 -3.55
CA VAL A 15 -1.24 -0.79 -2.71
C VAL A 15 0.10 -1.55 -2.78
N ALA A 16 0.10 -2.88 -2.81
CA ALA A 16 1.32 -3.68 -2.96
C ALA A 16 2.00 -3.52 -4.34
N ARG A 17 1.24 -3.52 -5.45
CA ARG A 17 1.79 -3.34 -6.80
C ARG A 17 2.19 -1.89 -7.12
N LEU A 18 1.55 -0.90 -6.48
CA LEU A 18 2.06 0.49 -6.46
C LEU A 18 3.41 0.59 -5.74
N LEU A 19 3.57 -0.04 -4.56
CA LEU A 19 4.83 -0.08 -3.82
C LEU A 19 5.95 -0.74 -4.64
N ALA A 20 5.69 -1.88 -5.29
CA ALA A 20 6.68 -2.54 -6.15
C ALA A 20 7.18 -1.60 -7.27
N GLY A 21 6.27 -0.86 -7.92
CA GLY A 21 6.60 0.13 -8.95
C GLY A 21 7.49 1.28 -8.44
N VAL A 22 7.25 1.80 -7.22
CA VAL A 22 8.11 2.82 -6.58
C VAL A 22 9.52 2.29 -6.32
N LEU A 23 9.62 1.05 -5.83
CA LEU A 23 10.90 0.38 -5.53
C LEU A 23 11.59 -0.24 -6.77
N TYR A 24 11.04 -0.02 -7.98
CA TYR A 24 11.48 -0.58 -9.27
C TYR A 24 11.57 -2.13 -9.28
N LEU A 25 10.71 -2.76 -8.47
CA LEU A 25 10.56 -4.22 -8.31
C LEU A 25 9.31 -4.73 -9.04
N GLU A 26 9.24 -6.03 -9.29
CA GLU A 26 8.04 -6.71 -9.82
C GLU A 26 7.00 -6.92 -8.71
N PRO A 27 5.68 -6.72 -8.97
CA PRO A 27 4.61 -7.08 -8.03
C PRO A 27 4.63 -8.57 -7.64
N ASP A 28 5.07 -9.42 -8.58
CA ASP A 28 5.25 -10.87 -8.40
C ASP A 28 6.38 -11.23 -7.41
N ARG A 29 7.40 -10.36 -7.27
CA ARG A 29 8.54 -10.52 -6.34
C ARG A 29 8.27 -9.92 -4.95
N LEU A 30 7.54 -8.80 -4.88
CA LEU A 30 7.23 -8.13 -3.60
C LEU A 30 6.29 -8.99 -2.73
N ASP A 31 6.61 -9.13 -1.45
CA ASP A 31 5.76 -9.80 -0.45
C ASP A 31 4.88 -8.77 0.29
N PRO A 32 3.54 -8.79 0.15
CA PRO A 32 2.65 -7.81 0.77
C PRO A 32 2.57 -7.92 2.32
N GLU A 33 2.98 -9.05 2.89
CA GLU A 33 3.08 -9.23 4.36
C GLU A 33 4.37 -8.64 4.96
N GLU A 34 5.36 -8.28 4.14
CA GLU A 34 6.66 -7.75 4.58
C GLU A 34 6.61 -6.25 4.92
N THR A 35 7.42 -5.80 5.87
CA THR A 35 7.45 -4.38 6.29
C THR A 35 8.14 -3.47 5.27
N PHE A 36 7.74 -2.20 5.22
CA PHE A 36 8.39 -1.16 4.40
C PHE A 36 9.90 -1.06 4.68
N LEU A 37 10.30 -1.15 5.95
CA LEU A 37 11.71 -1.09 6.37
C LEU A 37 12.53 -2.28 5.84
N THR A 38 11.95 -3.48 5.85
CA THR A 38 12.60 -4.70 5.31
C THR A 38 12.60 -4.73 3.77
N LEU A 39 11.57 -4.18 3.14
CA LEU A 39 11.50 -3.97 1.68
C LEU A 39 12.48 -2.88 1.18
N GLY A 40 13.10 -2.11 2.07
CA GLY A 40 14.11 -1.10 1.74
C GLY A 40 13.55 0.31 1.46
N VAL A 41 12.34 0.62 1.93
CA VAL A 41 11.70 1.94 1.81
C VAL A 41 12.41 2.97 2.70
N ASP A 42 13.23 3.84 2.10
CA ASP A 42 13.72 5.07 2.73
C ASP A 42 12.60 6.14 2.80
N SER A 43 12.81 7.22 3.58
CA SER A 43 11.83 8.32 3.74
C SER A 43 11.25 8.84 2.42
N ILE A 44 12.09 9.17 1.45
CA ILE A 44 11.69 9.70 0.14
C ILE A 44 10.88 8.67 -0.66
N LEU A 45 11.27 7.38 -0.63
CA LEU A 45 10.53 6.29 -1.27
C LEU A 45 9.16 6.06 -0.60
N GLY A 46 9.08 6.26 0.73
CA GLY A 46 7.82 6.27 1.48
C GLY A 46 6.90 7.40 1.06
N VAL A 47 7.43 8.62 0.92
CA VAL A 47 6.68 9.78 0.39
C VAL A 47 6.22 9.58 -1.05
N GLU A 48 7.04 8.98 -1.92
CA GLU A 48 6.65 8.63 -3.30
C GLU A 48 5.55 7.57 -3.36
N PHE A 49 5.59 6.57 -2.46
CA PHE A 49 4.51 5.58 -2.30
C PHE A 49 3.21 6.19 -1.78
N VAL A 50 3.29 7.10 -0.79
CA VAL A 50 2.13 7.87 -0.29
C VAL A 50 1.53 8.73 -1.40
N ALA A 51 2.36 9.39 -2.21
CA ALA A 51 1.95 10.17 -3.37
C ALA A 51 1.31 9.30 -4.47
N ALA A 52 1.84 8.10 -4.72
CA ALA A 52 1.28 7.16 -5.70
C ALA A 52 -0.12 6.65 -5.29
N VAL A 53 -0.34 6.37 -4.00
CA VAL A 53 -1.67 6.03 -3.45
C VAL A 53 -2.64 7.21 -3.52
N ASN A 54 -2.18 8.43 -3.23
CA ASN A 54 -2.97 9.66 -3.40
C ASN A 54 -3.30 9.97 -4.87
N ALA A 55 -2.48 9.53 -5.82
CA ALA A 55 -2.75 9.64 -7.26
C ALA A 55 -3.75 8.56 -7.75
N ALA A 56 -3.67 7.34 -7.19
CA ALA A 56 -4.55 6.22 -7.51
C ALA A 56 -5.99 6.44 -6.99
N TYR A 57 -6.13 7.02 -5.79
CA TYR A 57 -7.43 7.26 -5.13
C TYR A 57 -7.47 8.62 -4.39
N PRO A 58 -8.63 9.32 -4.36
CA PRO A 58 -8.81 10.62 -3.70
C PRO A 58 -8.97 10.51 -2.17
N VAL A 59 -8.16 9.67 -1.51
CA VAL A 59 -8.23 9.34 -0.08
C VAL A 59 -7.50 10.34 0.82
N GLY A 60 -6.56 11.10 0.24
CA GLY A 60 -5.85 12.17 0.94
C GLY A 60 -4.90 11.72 2.05
N VAL A 61 -4.38 10.49 2.01
CA VAL A 61 -3.61 9.90 3.13
C VAL A 61 -2.29 10.65 3.38
N LYS A 62 -1.98 10.92 4.66
CA LYS A 62 -0.74 11.58 5.11
C LYS A 62 0.39 10.57 5.31
N ALA A 63 1.64 11.05 5.22
CA ALA A 63 2.84 10.21 5.39
C ALA A 63 3.00 9.58 6.80
N THR A 64 2.27 10.08 7.80
CA THR A 64 2.25 9.50 9.16
C THR A 64 1.70 8.07 9.19
N ALA A 65 0.88 7.68 8.20
CA ALA A 65 0.37 6.32 8.05
C ALA A 65 1.47 5.26 7.81
N LEU A 66 2.67 5.65 7.36
CA LEU A 66 3.82 4.75 7.21
C LEU A 66 4.28 4.15 8.56
N TYR A 67 4.16 4.90 9.65
CA TYR A 67 4.52 4.47 11.00
C TYR A 67 3.39 3.69 11.69
N ASP A 68 2.13 4.09 11.47
CA ASP A 68 0.94 3.42 12.03
C ASP A 68 0.64 2.06 11.38
N HIS A 69 0.99 1.90 10.09
CA HIS A 69 0.72 0.71 9.29
C HIS A 69 2.00 0.27 8.54
N PRO A 70 2.83 -0.63 9.11
CA PRO A 70 4.18 -0.90 8.62
C PRO A 70 4.30 -1.77 7.36
N THR A 71 3.20 -2.36 6.86
CA THR A 71 3.16 -3.20 5.64
C THR A 71 2.15 -2.63 4.63
N PRO A 72 2.27 -2.90 3.32
CA PRO A 72 1.29 -2.42 2.33
C PRO A 72 -0.10 -3.02 2.57
N ALA A 73 -0.19 -4.26 3.06
CA ALA A 73 -1.45 -4.92 3.42
C ALA A 73 -2.14 -4.22 4.63
N ALA A 74 -1.38 -3.81 5.64
CA ALA A 74 -1.89 -3.03 6.77
C ALA A 74 -2.29 -1.60 6.36
N PHE A 75 -1.48 -0.96 5.51
CA PHE A 75 -1.69 0.42 5.03
C PHE A 75 -2.97 0.55 4.19
N ALA A 76 -3.25 -0.45 3.35
CA ALA A 76 -4.45 -0.56 2.51
C ALA A 76 -5.79 -0.51 3.28
N ARG A 77 -5.80 -0.88 4.58
CA ARG A 77 -7.00 -0.85 5.43
C ARG A 77 -7.62 0.55 5.51
N HIS A 78 -6.80 1.57 5.74
CA HIS A 78 -7.25 2.98 5.76
C HIS A 78 -7.75 3.45 4.39
N ILE A 79 -7.06 3.04 3.32
CA ILE A 79 -7.41 3.38 1.93
C ILE A 79 -8.79 2.82 1.56
N ALA A 80 -9.03 1.54 1.88
CA ALA A 80 -10.31 0.87 1.68
C ALA A 80 -11.45 1.45 2.54
N GLU A 81 -11.21 1.74 3.82
CA GLU A 81 -12.22 2.35 4.71
C GLU A 81 -12.59 3.78 4.29
N SER A 82 -11.64 4.57 3.76
CA SER A 82 -11.90 5.89 3.18
C SER A 82 -12.80 5.83 1.93
N LEU A 83 -12.62 4.81 1.09
CA LEU A 83 -13.44 4.53 -0.10
C LEU A 83 -14.77 3.81 0.18
N GLY A 84 -14.96 3.26 1.40
CA GLY A 84 -16.12 2.42 1.75
C GLY A 84 -16.12 1.02 1.12
N ALA A 85 -14.94 0.52 0.72
CA ALA A 85 -14.71 -0.76 0.05
C ALA A 85 -14.82 -2.00 0.96
O23 PNS B . 13.53 9.46 8.16
P24 PNS B . 13.46 10.14 6.84
O26 PNS B . 14.72 10.67 6.23
O27 PNS B . 12.39 11.33 6.93
C28 PNS B . 12.52 12.49 6.13
C29 PNS B . 11.28 13.42 6.23
C30 PNS B . 11.05 13.86 7.68
C31 PNS B . 11.64 14.67 5.40
C32 PNS B . 10.04 12.71 5.59
O33 PNS B . 9.66 11.58 6.37
C34 PNS B . 8.84 13.65 5.32
O35 PNS B . 8.64 14.12 4.19
N36 PNS B . 8.01 13.90 6.34
C37 PNS B . 6.78 14.69 6.26
C38 PNS B . 7.08 16.18 6.44
C39 PNS B . 7.55 16.60 7.83
O40 PNS B . 7.47 15.82 8.80
N41 PNS B . 8.01 17.84 7.96
C42 PNS B . 8.48 18.44 9.20
C43 PNS B . 10.00 18.29 9.29
S44 PNS B . 10.60 19.11 10.80
H282 PNS B . 12.68 12.20 5.10
H281 PNS B . 13.40 13.04 6.47
H303 PNS B . 11.96 14.31 8.09
H302 PNS B . 10.25 14.59 7.73
H301 PNS B . 10.79 13.00 8.31
H313 PNS B . 11.78 14.40 4.35
H312 PNS B . 10.86 15.43 5.48
H311 PNS B . 12.57 15.11 5.77
H32 PNS B . 10.34 12.34 4.61
H33 PNS B . 10.48 11.16 6.72
H36 PNS B . 8.22 13.46 7.21
H372 PNS B . 6.32 14.53 5.28
H371 PNS B . 6.09 14.36 7.03
H382 PNS B . 7.83 16.49 5.71
H381 PNS B . 6.17 16.74 6.22
H41 PNS B . 8.03 18.41 7.12
H422 PNS B . 8.23 19.50 9.21
H421 PNS B . 8.03 17.97 10.06
H431 PNS B . 10.25 17.23 9.32
H432 PNS B . 10.48 18.74 8.42
H44 PNS B . 11.90 18.81 10.62
N GLY A 1 -13.86 -20.13 -2.60
CA GLY A 1 -13.04 -20.30 -3.82
C GLY A 1 -12.37 -19.00 -4.24
N PRO A 2 -11.54 -19.02 -5.30
CA PRO A 2 -10.87 -17.85 -5.86
C PRO A 2 -11.83 -16.86 -6.53
N GLY A 3 -11.35 -15.63 -6.78
CA GLY A 3 -12.14 -14.57 -7.43
C GLY A 3 -13.16 -13.86 -6.54
N SER A 4 -12.95 -13.84 -5.21
CA SER A 4 -13.88 -13.27 -4.23
C SER A 4 -14.10 -11.75 -4.39
N ALA A 5 -13.08 -11.04 -4.89
CA ALA A 5 -13.09 -9.61 -5.23
C ALA A 5 -13.51 -8.67 -4.07
N GLY A 6 -13.13 -9.02 -2.83
CA GLY A 6 -13.35 -8.17 -1.65
C GLY A 6 -12.63 -6.83 -1.75
N ARG A 7 -13.19 -5.77 -1.15
CA ARG A 7 -12.68 -4.39 -1.35
C ARG A 7 -11.27 -4.20 -0.80
N GLN A 8 -10.99 -4.72 0.40
CA GLN A 8 -9.65 -4.75 0.98
C GLN A 8 -8.66 -5.56 0.13
N GLU A 9 -9.10 -6.65 -0.50
CA GLU A 9 -8.26 -7.49 -1.38
C GLU A 9 -7.90 -6.76 -2.69
N GLU A 10 -8.86 -6.10 -3.33
CA GLU A 10 -8.63 -5.27 -4.53
C GLU A 10 -7.69 -4.08 -4.24
N ILE A 11 -7.90 -3.40 -3.11
CA ILE A 11 -7.04 -2.29 -2.66
C ILE A 11 -5.64 -2.80 -2.30
N ALA A 12 -5.50 -3.95 -1.64
CA ALA A 12 -4.20 -4.56 -1.35
C ALA A 12 -3.42 -4.92 -2.63
N GLU A 13 -4.09 -5.45 -3.66
CA GLU A 13 -3.50 -5.72 -4.97
C GLU A 13 -2.98 -4.45 -5.66
N GLU A 14 -3.70 -3.33 -5.56
CA GLU A 14 -3.26 -2.03 -6.09
C GLU A 14 -2.11 -1.44 -5.27
N VAL A 15 -2.21 -1.42 -3.94
CA VAL A 15 -1.17 -0.94 -3.02
C VAL A 15 0.15 -1.71 -3.19
N ALA A 16 0.09 -3.03 -3.37
CA ALA A 16 1.28 -3.87 -3.56
C ALA A 16 2.04 -3.54 -4.87
N ARG A 17 1.32 -3.37 -6.00
CA ARG A 17 1.95 -3.04 -7.30
C ARG A 17 2.40 -1.58 -7.42
N LEU A 18 1.73 -0.64 -6.76
CA LEU A 18 2.23 0.74 -6.60
C LEU A 18 3.55 0.75 -5.80
N LEU A 19 3.60 0.03 -4.67
CA LEU A 19 4.81 -0.09 -3.84
C LEU A 19 5.96 -0.77 -4.60
N ALA A 20 5.70 -1.89 -5.28
CA ALA A 20 6.71 -2.57 -6.08
C ALA A 20 7.28 -1.63 -7.19
N GLY A 21 6.41 -0.86 -7.86
CA GLY A 21 6.82 0.13 -8.87
C GLY A 21 7.74 1.22 -8.33
N VAL A 22 7.44 1.76 -7.14
CA VAL A 22 8.30 2.76 -6.45
C VAL A 22 9.66 2.17 -6.05
N LEU A 23 9.67 0.90 -5.62
CA LEU A 23 10.89 0.17 -5.22
C LEU A 23 11.61 -0.53 -6.38
N TYR A 24 11.26 -0.22 -7.64
CA TYR A 24 11.88 -0.75 -8.87
C TYR A 24 11.86 -2.30 -8.96
N LEU A 25 10.75 -2.89 -8.54
CA LEU A 25 10.51 -4.33 -8.36
C LEU A 25 9.22 -4.77 -9.08
N GLU A 26 9.09 -6.08 -9.34
CA GLU A 26 7.81 -6.69 -9.73
C GLU A 26 6.95 -7.05 -8.50
N PRO A 27 5.61 -6.89 -8.54
CA PRO A 27 4.71 -7.29 -7.44
C PRO A 27 4.69 -8.81 -7.20
N ASP A 28 5.13 -9.62 -8.17
CA ASP A 28 5.31 -11.06 -8.02
C ASP A 28 6.41 -11.43 -7.01
N ARG A 29 7.42 -10.56 -6.85
CA ARG A 29 8.54 -10.72 -5.89
C ARG A 29 8.22 -10.14 -4.51
N LEU A 30 7.38 -9.08 -4.45
CA LEU A 30 7.01 -8.38 -3.24
C LEU A 30 6.13 -9.24 -2.31
N ASP A 31 6.56 -9.45 -1.07
CA ASP A 31 5.75 -10.08 -0.02
C ASP A 31 4.86 -9.02 0.69
N PRO A 32 3.52 -9.12 0.64
CA PRO A 32 2.63 -8.10 1.19
C PRO A 32 2.59 -8.08 2.73
N GLU A 33 2.97 -9.19 3.38
CA GLU A 33 3.06 -9.29 4.85
C GLU A 33 4.37 -8.70 5.43
N GLU A 34 5.35 -8.36 4.58
CA GLU A 34 6.65 -7.83 5.00
C GLU A 34 6.61 -6.31 5.28
N THR A 35 7.47 -5.81 6.17
CA THR A 35 7.51 -4.37 6.51
C THR A 35 8.09 -3.51 5.39
N PHE A 36 7.64 -2.26 5.29
CA PHE A 36 8.16 -1.25 4.35
C PHE A 36 9.69 -1.10 4.45
N LEU A 37 10.25 -1.06 5.66
CA LEU A 37 11.69 -0.92 5.90
C LEU A 37 12.49 -2.12 5.36
N THR A 38 11.95 -3.33 5.49
CA THR A 38 12.57 -4.56 4.98
C THR A 38 12.41 -4.72 3.47
N LEU A 39 11.27 -4.28 2.90
CA LEU A 39 11.03 -4.24 1.45
C LEU A 39 11.93 -3.22 0.72
N GLY A 40 12.40 -2.18 1.41
CA GLY A 40 13.40 -1.21 0.92
C GLY A 40 12.95 0.26 0.91
N VAL A 41 11.86 0.61 1.59
CA VAL A 41 11.35 1.98 1.69
C VAL A 41 12.24 2.84 2.60
N ASP A 42 13.05 3.72 1.99
CA ASP A 42 13.65 4.87 2.68
C ASP A 42 12.63 6.02 2.80
N SER A 43 12.92 7.03 3.63
CA SER A 43 12.03 8.18 3.90
C SER A 43 11.42 8.83 2.64
N ILE A 44 12.26 9.13 1.64
CA ILE A 44 11.86 9.76 0.38
C ILE A 44 10.98 8.82 -0.47
N LEU A 45 11.33 7.53 -0.54
CA LEU A 45 10.53 6.51 -1.23
C LEU A 45 9.17 6.30 -0.56
N GLY A 46 9.07 6.50 0.75
CA GLY A 46 7.81 6.53 1.49
C GLY A 46 6.88 7.66 1.00
N VAL A 47 7.41 8.88 0.83
CA VAL A 47 6.68 10.02 0.26
C VAL A 47 6.25 9.74 -1.19
N GLU A 48 7.09 9.11 -2.01
CA GLU A 48 6.74 8.72 -3.40
C GLU A 48 5.61 7.67 -3.45
N PHE A 49 5.64 6.66 -2.57
CA PHE A 49 4.58 5.67 -2.41
C PHE A 49 3.26 6.30 -1.92
N VAL A 50 3.32 7.21 -0.95
CA VAL A 50 2.16 7.97 -0.45
C VAL A 50 1.56 8.84 -1.57
N ALA A 51 2.39 9.51 -2.37
CA ALA A 51 1.95 10.29 -3.52
C ALA A 51 1.31 9.42 -4.62
N ALA A 52 1.85 8.22 -4.87
CA ALA A 52 1.28 7.25 -5.81
C ALA A 52 -0.11 6.73 -5.36
N VAL A 53 -0.30 6.50 -4.06
CA VAL A 53 -1.60 6.13 -3.48
C VAL A 53 -2.60 7.30 -3.52
N ASN A 54 -2.14 8.53 -3.27
CA ASN A 54 -2.95 9.76 -3.45
C ASN A 54 -3.39 9.98 -4.91
N ALA A 55 -2.58 9.57 -5.90
CA ALA A 55 -2.94 9.59 -7.31
C ALA A 55 -3.94 8.48 -7.68
N ALA A 56 -3.77 7.27 -7.11
CA ALA A 56 -4.64 6.11 -7.37
C ALA A 56 -6.03 6.22 -6.72
N TYR A 57 -6.13 6.84 -5.53
CA TYR A 57 -7.35 6.94 -4.73
C TYR A 57 -7.51 8.35 -4.10
N PRO A 58 -8.74 8.91 -4.03
CA PRO A 58 -9.03 10.25 -3.49
C PRO A 58 -9.06 10.29 -1.94
N VAL A 59 -8.12 9.61 -1.29
CA VAL A 59 -8.06 9.44 0.18
C VAL A 59 -7.40 10.61 0.91
N GLY A 60 -6.54 11.36 0.21
CA GLY A 60 -5.77 12.48 0.77
C GLY A 60 -4.76 12.08 1.87
N VAL A 61 -4.29 10.82 1.86
CA VAL A 61 -3.55 10.21 2.99
C VAL A 61 -2.18 10.88 3.23
N LYS A 62 -1.84 11.09 4.50
CA LYS A 62 -0.56 11.66 4.95
C LYS A 62 0.47 10.55 5.22
N ALA A 63 1.76 10.87 5.11
CA ALA A 63 2.86 9.91 5.29
C ALA A 63 2.98 9.33 6.71
N THR A 64 2.34 9.95 7.71
CA THR A 64 2.28 9.41 9.10
C THR A 64 1.54 8.07 9.19
N ALA A 65 0.69 7.73 8.22
CA ALA A 65 0.03 6.42 8.12
C ALA A 65 1.03 5.25 7.90
N LEU A 66 2.24 5.52 7.37
CA LEU A 66 3.29 4.52 7.21
C LEU A 66 3.81 3.99 8.56
N TYR A 67 3.84 4.84 9.58
CA TYR A 67 4.29 4.46 10.94
C TYR A 67 3.23 3.65 11.70
N ASP A 68 1.95 4.00 11.51
CA ASP A 68 0.80 3.30 12.12
C ASP A 68 0.50 1.94 11.47
N HIS A 69 0.78 1.79 10.18
CA HIS A 69 0.49 0.60 9.36
C HIS A 69 1.73 0.18 8.55
N PRO A 70 2.72 -0.49 9.17
CA PRO A 70 4.08 -0.66 8.63
C PRO A 70 4.23 -1.70 7.50
N THR A 71 3.17 -2.36 7.07
CA THR A 71 3.15 -3.31 5.93
C THR A 71 2.11 -2.85 4.89
N PRO A 72 2.28 -3.15 3.58
CA PRO A 72 1.26 -2.83 2.58
C PRO A 72 -0.07 -3.54 2.81
N ALA A 73 -0.06 -4.74 3.41
CA ALA A 73 -1.28 -5.45 3.82
C ALA A 73 -2.07 -4.71 4.92
N ALA A 74 -1.39 -4.18 5.94
CA ALA A 74 -2.00 -3.36 6.99
C ALA A 74 -2.46 -1.99 6.44
N PHE A 75 -1.63 -1.36 5.62
CA PHE A 75 -1.88 -0.06 5.00
C PHE A 75 -3.11 -0.09 4.07
N ALA A 76 -3.31 -1.16 3.31
CA ALA A 76 -4.49 -1.34 2.45
C ALA A 76 -5.83 -1.31 3.22
N ARG A 77 -5.86 -1.78 4.47
CA ARG A 77 -7.04 -1.71 5.35
C ARG A 77 -7.35 -0.26 5.76
N HIS A 78 -6.32 0.54 6.07
CA HIS A 78 -6.45 1.96 6.34
C HIS A 78 -6.94 2.75 5.11
N ILE A 79 -6.44 2.44 3.91
CA ILE A 79 -6.91 3.01 2.64
C ILE A 79 -8.37 2.63 2.36
N ALA A 80 -8.76 1.37 2.62
CA ALA A 80 -10.15 0.92 2.49
C ALA A 80 -11.10 1.63 3.49
N GLU A 81 -10.66 1.85 4.74
CA GLU A 81 -11.42 2.64 5.72
C GLU A 81 -11.53 4.13 5.32
N SER A 82 -10.50 4.70 4.71
CA SER A 82 -10.50 6.07 4.16
C SER A 82 -11.47 6.23 2.97
N LEU A 83 -11.65 5.15 2.18
CA LEU A 83 -12.65 5.04 1.11
C LEU A 83 -14.06 4.65 1.59
N GLY A 84 -14.22 4.32 2.88
CA GLY A 84 -15.51 3.94 3.48
C GLY A 84 -16.01 2.54 3.10
N ALA A 85 -15.11 1.62 2.74
CA ALA A 85 -15.42 0.24 2.32
C ALA A 85 -16.15 -0.58 3.41
O23 PNS B . 13.09 10.69 7.26
P24 PNS B . 14.07 9.60 6.97
O26 PNS B . 14.48 8.70 8.06
O27 PNS B . 15.40 10.24 6.36
C28 PNS B . 15.35 11.44 5.62
C29 PNS B . 16.77 11.97 5.27
C30 PNS B . 16.54 13.33 4.55
C31 PNS B . 17.56 12.27 6.57
C32 PNS B . 17.53 11.00 4.30
O33 PNS B . 18.70 11.63 3.77
C34 PNS B . 17.88 9.60 4.89
O35 PNS B . 18.83 9.47 5.67
N36 PNS B . 17.20 8.54 4.44
C37 PNS B . 17.52 7.16 4.74
C38 PNS B . 16.64 6.62 5.86
C39 PNS B . 16.92 5.15 6.19
O40 PNS B . 17.89 4.58 5.71
N41 PNS B . 16.11 4.47 7.01
C42 PNS B . 14.99 4.99 7.80
C43 PNS B . 15.26 4.80 9.29
S44 PNS B . 16.76 5.67 9.83
H282 PNS B . 14.86 12.21 6.21
H281 PNS B . 14.79 11.30 4.70
H303 PNS B . 15.93 13.99 5.18
H302 PNS B . 17.47 13.83 4.35
H301 PNS B . 16.01 13.17 3.61
H313 PNS B . 17.68 11.35 7.15
H312 PNS B . 18.54 12.67 6.34
H311 PNS B . 17.02 12.98 7.18
H32 PNS B . 16.87 10.82 3.46
H33 PNS B . 19.41 11.57 4.44
H36 PNS B . 16.44 8.72 3.79
H372 PNS B . 17.36 6.54 3.84
H371 PNS B . 18.57 7.06 5.02
H382 PNS B . 16.79 7.22 6.75
H381 PNS B . 15.59 6.71 5.56
H41 PNS B . 16.35 3.51 7.14
H422 PNS B . 14.82 6.05 7.61
H421 PNS B . 14.08 4.45 7.53
H431 PNS B . 14.41 5.18 9.86
H432 PNS B . 15.35 3.72 9.52
H44 PNS B . 17.60 4.99 9.02
N GLY A 1 -10.28 -22.09 -8.25
CA GLY A 1 -10.81 -20.92 -8.98
C GLY A 1 -9.70 -19.96 -9.40
N PRO A 2 -9.94 -19.13 -10.44
CA PRO A 2 -8.93 -18.20 -10.98
C PRO A 2 -8.63 -17.00 -10.07
N GLY A 3 -9.58 -16.60 -9.20
CA GLY A 3 -9.45 -15.48 -8.28
C GLY A 3 -10.80 -14.93 -7.78
N SER A 4 -10.77 -13.83 -7.02
CA SER A 4 -11.96 -13.09 -6.56
C SER A 4 -11.67 -11.60 -6.33
N ALA A 5 -12.54 -10.72 -6.86
CA ALA A 5 -12.45 -9.26 -6.78
C ALA A 5 -13.06 -8.69 -5.47
N GLY A 6 -12.55 -9.13 -4.31
CA GLY A 6 -13.00 -8.67 -2.99
C GLY A 6 -12.75 -7.17 -2.76
N ARG A 7 -13.60 -6.52 -1.95
CA ARG A 7 -13.62 -5.04 -1.80
C ARG A 7 -12.33 -4.45 -1.24
N GLN A 8 -11.74 -5.08 -0.21
CA GLN A 8 -10.42 -4.71 0.31
C GLN A 8 -9.27 -5.42 -0.44
N GLU A 9 -9.52 -6.60 -0.99
CA GLU A 9 -8.52 -7.40 -1.70
C GLU A 9 -8.04 -6.75 -3.01
N GLU A 10 -8.96 -6.16 -3.79
CA GLU A 10 -8.62 -5.44 -5.04
C GLU A 10 -7.80 -4.17 -4.79
N ILE A 11 -7.95 -3.55 -3.61
CA ILE A 11 -7.12 -2.43 -3.15
C ILE A 11 -5.73 -2.94 -2.72
N ALA A 12 -5.66 -4.05 -1.97
CA ALA A 12 -4.39 -4.61 -1.48
C ALA A 12 -3.44 -5.04 -2.62
N GLU A 13 -3.94 -5.69 -3.68
CA GLU A 13 -3.10 -6.04 -4.84
C GLU A 13 -2.64 -4.80 -5.64
N GLU A 14 -3.43 -3.73 -5.68
CA GLU A 14 -3.06 -2.49 -6.35
C GLU A 14 -2.04 -1.68 -5.53
N VAL A 15 -2.19 -1.62 -4.21
CA VAL A 15 -1.19 -1.06 -3.27
C VAL A 15 0.15 -1.80 -3.39
N ALA A 16 0.13 -3.13 -3.53
CA ALA A 16 1.33 -3.93 -3.78
C ALA A 16 2.00 -3.59 -5.14
N ARG A 17 1.22 -3.40 -6.22
CA ARG A 17 1.72 -2.95 -7.53
C ARG A 17 2.31 -1.53 -7.50
N LEU A 18 1.64 -0.59 -6.82
CA LEU A 18 2.13 0.78 -6.65
C LEU A 18 3.47 0.81 -5.90
N LEU A 19 3.59 0.05 -4.80
CA LEU A 19 4.83 -0.07 -4.03
C LEU A 19 5.96 -0.74 -4.83
N ALA A 20 5.68 -1.86 -5.51
CA ALA A 20 6.68 -2.52 -6.37
C ALA A 20 7.17 -1.58 -7.49
N GLY A 21 6.28 -0.77 -8.07
CA GLY A 21 6.62 0.27 -9.07
C GLY A 21 7.56 1.36 -8.52
N VAL A 22 7.32 1.85 -7.29
CA VAL A 22 8.20 2.83 -6.60
C VAL A 22 9.60 2.24 -6.33
N LEU A 23 9.65 0.99 -5.88
CA LEU A 23 10.89 0.29 -5.50
C LEU A 23 11.63 -0.38 -6.68
N TYR A 24 11.08 -0.27 -7.90
CA TYR A 24 11.54 -0.96 -9.11
C TYR A 24 11.63 -2.50 -8.97
N LEU A 25 10.76 -3.07 -8.14
CA LEU A 25 10.58 -4.51 -7.90
C LEU A 25 9.44 -5.07 -8.79
N GLU A 26 9.37 -6.40 -8.91
CA GLU A 26 8.24 -7.11 -9.51
C GLU A 26 7.12 -7.31 -8.47
N PRO A 27 5.84 -7.14 -8.83
CA PRO A 27 4.73 -7.24 -7.88
C PRO A 27 4.46 -8.67 -7.40
N ASP A 28 4.83 -9.70 -8.17
CA ASP A 28 4.62 -11.12 -7.83
C ASP A 28 5.59 -11.68 -6.78
N ARG A 29 6.67 -10.96 -6.44
CA ARG A 29 7.65 -11.31 -5.40
C ARG A 29 7.66 -10.38 -4.18
N LEU A 30 6.87 -9.30 -4.21
CA LEU A 30 6.60 -8.44 -3.06
C LEU A 30 5.64 -9.15 -2.08
N ASP A 31 5.98 -9.20 -0.79
CA ASP A 31 5.15 -9.80 0.27
C ASP A 31 4.32 -8.73 1.01
N PRO A 32 2.97 -8.77 0.96
CA PRO A 32 2.12 -7.79 1.67
C PRO A 32 2.25 -7.81 3.20
N GLU A 33 2.68 -8.93 3.76
CA GLU A 33 2.93 -9.12 5.20
C GLU A 33 4.28 -8.54 5.68
N GLU A 34 5.19 -8.14 4.79
CA GLU A 34 6.55 -7.70 5.15
C GLU A 34 6.61 -6.20 5.49
N THR A 35 7.53 -5.79 6.39
CA THR A 35 7.65 -4.37 6.76
C THR A 35 8.23 -3.53 5.62
N PHE A 36 7.80 -2.27 5.51
CA PHE A 36 8.34 -1.32 4.52
C PHE A 36 9.86 -1.16 4.64
N LEU A 37 10.40 -1.15 5.86
CA LEU A 37 11.84 -1.07 6.13
C LEU A 37 12.61 -2.29 5.60
N THR A 38 12.03 -3.49 5.71
CA THR A 38 12.63 -4.73 5.17
C THR A 38 12.49 -4.82 3.64
N LEU A 39 11.40 -4.29 3.07
CA LEU A 39 11.21 -4.11 1.62
C LEU A 39 12.16 -3.05 1.01
N GLY A 40 12.88 -2.27 1.84
CA GLY A 40 13.88 -1.28 1.41
C GLY A 40 13.37 0.15 1.27
N VAL A 41 12.16 0.44 1.74
CA VAL A 41 11.57 1.79 1.75
C VAL A 41 12.34 2.69 2.73
N ASP A 42 12.88 3.82 2.24
CA ASP A 42 13.34 4.94 3.08
C ASP A 42 12.30 6.08 3.10
N SER A 43 12.61 7.19 3.77
CA SER A 43 11.73 8.37 3.85
C SER A 43 11.21 8.84 2.47
N ILE A 44 12.11 9.05 1.50
CA ILE A 44 11.78 9.55 0.16
C ILE A 44 10.90 8.56 -0.60
N LEU A 45 11.24 7.26 -0.56
CA LEU A 45 10.45 6.20 -1.20
C LEU A 45 9.07 6.04 -0.54
N GLY A 46 8.98 6.27 0.78
CA GLY A 46 7.72 6.36 1.52
C GLY A 46 6.84 7.52 1.05
N VAL A 47 7.42 8.72 0.90
CA VAL A 47 6.72 9.90 0.35
C VAL A 47 6.24 9.68 -1.09
N GLU A 48 7.04 9.02 -1.94
CA GLU A 48 6.67 8.67 -3.33
C GLU A 48 5.55 7.61 -3.38
N PHE A 49 5.58 6.59 -2.51
CA PHE A 49 4.50 5.61 -2.35
C PHE A 49 3.18 6.25 -1.85
N VAL A 50 3.26 7.15 -0.88
CA VAL A 50 2.12 7.95 -0.39
C VAL A 50 1.54 8.84 -1.50
N ALA A 51 2.39 9.50 -2.30
CA ALA A 51 1.97 10.29 -3.45
C ALA A 51 1.31 9.44 -4.55
N ALA A 52 1.84 8.24 -4.81
CA ALA A 52 1.24 7.29 -5.75
C ALA A 52 -0.14 6.80 -5.30
N VAL A 53 -0.34 6.55 -4.00
CA VAL A 53 -1.65 6.22 -3.41
C VAL A 53 -2.62 7.41 -3.44
N ASN A 54 -2.16 8.63 -3.21
CA ASN A 54 -2.95 9.86 -3.37
C ASN A 54 -3.38 10.09 -4.84
N ALA A 55 -2.57 9.69 -5.82
CA ALA A 55 -2.93 9.73 -7.23
C ALA A 55 -3.92 8.61 -7.63
N ALA A 56 -3.76 7.41 -7.07
CA ALA A 56 -4.61 6.25 -7.34
C ALA A 56 -6.01 6.34 -6.69
N TYR A 57 -6.15 6.99 -5.52
CA TYR A 57 -7.38 7.07 -4.74
C TYR A 57 -7.60 8.45 -4.10
N PRO A 58 -8.86 8.95 -4.01
CA PRO A 58 -9.20 10.26 -3.42
C PRO A 58 -9.17 10.30 -1.88
N VAL A 59 -8.21 9.61 -1.25
CA VAL A 59 -8.08 9.42 0.21
C VAL A 59 -7.36 10.56 0.92
N GLY A 60 -6.52 11.31 0.19
CA GLY A 60 -5.75 12.43 0.72
C GLY A 60 -4.72 12.06 1.82
N VAL A 61 -4.25 10.81 1.85
CA VAL A 61 -3.51 10.24 3.01
C VAL A 61 -2.15 10.90 3.21
N LYS A 62 -1.77 11.12 4.47
CA LYS A 62 -0.47 11.69 4.88
C LYS A 62 0.54 10.60 5.23
N ALA A 63 1.83 10.93 5.17
CA ALA A 63 2.94 9.99 5.45
C ALA A 63 2.98 9.49 6.91
N THR A 64 2.25 10.12 7.83
CA THR A 64 2.06 9.62 9.22
C THR A 64 1.43 8.21 9.26
N ALA A 65 0.65 7.84 8.23
CA ALA A 65 0.07 6.49 8.11
C ALA A 65 1.12 5.36 7.95
N LEU A 66 2.33 5.67 7.46
CA LEU A 66 3.43 4.70 7.33
C LEU A 66 3.96 4.21 8.70
N TYR A 67 3.89 5.07 9.73
CA TYR A 67 4.30 4.74 11.11
C TYR A 67 3.22 3.91 11.83
N ASP A 68 1.94 4.23 11.61
CA ASP A 68 0.79 3.50 12.19
C ASP A 68 0.56 2.12 11.53
N HIS A 69 0.90 1.99 10.24
CA HIS A 69 0.66 0.79 9.42
C HIS A 69 1.94 0.39 8.66
N PRO A 70 2.87 -0.34 9.30
CA PRO A 70 4.24 -0.56 8.80
C PRO A 70 4.37 -1.60 7.67
N THR A 71 3.27 -2.24 7.22
CA THR A 71 3.27 -3.26 6.15
C THR A 71 2.31 -2.86 5.01
N PRO A 72 2.53 -3.34 3.77
CA PRO A 72 1.63 -3.07 2.65
C PRO A 72 0.19 -3.52 2.90
N ALA A 73 -0.02 -4.66 3.58
CA ALA A 73 -1.35 -5.16 3.93
C ALA A 73 -2.07 -4.27 4.97
N ALA A 74 -1.37 -3.89 6.06
CA ALA A 74 -1.95 -3.00 7.08
C ALA A 74 -2.29 -1.63 6.48
N PHE A 75 -1.40 -1.08 5.64
CA PHE A 75 -1.61 0.19 4.96
C PHE A 75 -2.78 0.10 3.96
N ALA A 76 -2.87 -0.96 3.15
CA ALA A 76 -3.98 -1.17 2.21
C ALA A 76 -5.34 -1.25 2.91
N ARG A 77 -5.44 -1.86 4.10
CA ARG A 77 -6.68 -1.86 4.90
C ARG A 77 -7.04 -0.47 5.44
N HIS A 78 -6.06 0.37 5.78
CA HIS A 78 -6.31 1.78 6.13
C HIS A 78 -6.84 2.58 4.93
N ILE A 79 -6.28 2.37 3.72
CA ILE A 79 -6.78 2.97 2.48
C ILE A 79 -8.21 2.49 2.16
N ALA A 80 -8.47 1.18 2.31
CA ALA A 80 -9.79 0.58 2.12
C ALA A 80 -10.85 1.14 3.09
N GLU A 81 -10.54 1.23 4.40
CA GLU A 81 -11.43 1.82 5.40
C GLU A 81 -11.68 3.32 5.16
N SER A 82 -10.69 4.08 4.67
CA SER A 82 -10.85 5.48 4.27
C SER A 82 -11.81 5.66 3.09
N LEU A 83 -11.82 4.70 2.15
CA LEU A 83 -12.78 4.60 1.03
C LEU A 83 -14.13 3.97 1.42
N GLY A 84 -14.27 3.44 2.64
CA GLY A 84 -15.46 2.73 3.12
C GLY A 84 -15.66 1.31 2.55
N ALA A 85 -14.62 0.72 1.95
CA ALA A 85 -14.62 -0.62 1.34
C ALA A 85 -14.64 -1.76 2.37
O23 PNS B . 10.97 8.04 6.92
P24 PNS B . 11.92 9.15 7.11
O26 PNS B . 12.76 9.17 8.34
O27 PNS B . 11.12 10.54 7.02
C28 PNS B . 11.82 11.77 7.10
C29 PNS B . 10.88 12.97 6.80
C30 PNS B . 10.03 12.73 5.53
C31 PNS B . 9.89 13.12 7.98
C32 PNS B . 11.69 14.30 6.65
O33 PNS B . 12.53 14.50 7.80
C34 PNS B . 12.51 14.44 5.32
O35 PNS B . 13.08 13.49 4.79
N36 PNS B . 12.62 15.63 4.72
C37 PNS B . 12.10 16.91 5.20
C38 PNS B . 12.60 18.01 4.26
C39 PNS B . 12.19 19.38 4.75
O40 PNS B . 11.16 19.93 4.35
N41 PNS B . 13.00 19.97 5.64
C42 PNS B . 12.82 21.29 6.21
C43 PNS B . 13.68 22.30 5.45
S44 PNS B . 15.46 21.92 5.63
H282 PNS B . 12.63 11.75 6.39
H281 PNS B . 12.24 11.88 8.09
H303 PNS B . 9.44 13.62 5.31
H302 PNS B . 10.66 12.49 4.67
H301 PNS B . 9.34 11.89 5.68
H313 PNS B . 10.43 13.27 8.92
H312 PNS B . 9.23 13.97 7.82
H311 PNS B . 9.29 12.22 8.08
H32 PNS B . 10.96 15.10 6.64
H33 PNS B . 13.00 15.34 7.72
H36 PNS B . 13.15 15.63 3.87
H372 PNS B . 11.01 16.90 5.19
H371 PNS B . 12.46 17.10 6.21
H382 PNS B . 13.68 17.96 4.18
H381 PNS B . 12.18 17.86 3.27
H41 PNS B . 13.84 19.46 5.90
H422 PNS B . 11.78 21.61 6.13
H421 PNS B . 13.11 21.30 7.26
H431 PNS B . 13.41 22.28 4.39
H432 PNS B . 13.49 23.30 5.84
H44 PNS B . 15.90 22.97 4.92
N GLY A 1 -21.93 -16.20 0.70
CA GLY A 1 -22.16 -15.90 -0.73
C GLY A 1 -21.25 -16.71 -1.64
N PRO A 2 -21.38 -16.55 -2.97
CA PRO A 2 -20.56 -17.27 -3.97
C PRO A 2 -19.10 -16.82 -4.05
N GLY A 3 -18.75 -15.66 -3.50
CA GLY A 3 -17.39 -15.12 -3.42
C GLY A 3 -17.30 -13.92 -2.46
N SER A 4 -16.10 -13.37 -2.29
CA SER A 4 -15.84 -12.21 -1.40
C SER A 4 -16.46 -10.90 -1.89
N ALA A 5 -16.66 -10.78 -3.21
CA ALA A 5 -17.13 -9.58 -3.93
C ALA A 5 -16.28 -8.31 -3.72
N GLY A 6 -15.01 -8.43 -3.28
CA GLY A 6 -14.14 -7.30 -2.95
C GLY A 6 -14.68 -6.43 -1.81
N ARG A 7 -14.38 -5.13 -1.77
CA ARG A 7 -13.43 -4.35 -2.61
C ARG A 7 -12.02 -4.32 -2.03
N GLN A 8 -11.86 -4.65 -0.75
CA GLN A 8 -10.56 -4.64 -0.04
C GLN A 8 -9.53 -5.61 -0.66
N GLU A 9 -9.99 -6.70 -1.26
CA GLU A 9 -9.17 -7.73 -1.91
C GLU A 9 -8.33 -7.17 -3.07
N GLU A 10 -8.92 -6.32 -3.93
CA GLU A 10 -8.19 -5.67 -5.04
C GLU A 10 -7.41 -4.41 -4.60
N ILE A 11 -7.84 -3.73 -3.54
CA ILE A 11 -7.07 -2.61 -2.94
C ILE A 11 -5.74 -3.14 -2.35
N ALA A 12 -5.76 -4.31 -1.69
CA ALA A 12 -4.57 -4.97 -1.16
C ALA A 12 -3.53 -5.30 -2.25
N GLU A 13 -3.97 -5.72 -3.45
CA GLU A 13 -3.08 -5.88 -4.60
C GLU A 13 -2.61 -4.54 -5.17
N GLU A 14 -3.49 -3.55 -5.38
CA GLU A 14 -3.12 -2.27 -6.00
C GLU A 14 -2.07 -1.51 -5.18
N VAL A 15 -2.21 -1.46 -3.85
CA VAL A 15 -1.21 -0.85 -2.96
C VAL A 15 0.14 -1.58 -3.02
N ALA A 16 0.16 -2.91 -3.11
CA ALA A 16 1.40 -3.69 -3.31
C ALA A 16 2.04 -3.46 -4.69
N ARG A 17 1.24 -3.30 -5.75
CA ARG A 17 1.71 -2.97 -7.12
C ARG A 17 2.33 -1.59 -7.19
N LEU A 18 1.70 -0.59 -6.55
CA LEU A 18 2.24 0.77 -6.43
C LEU A 18 3.56 0.79 -5.66
N LEU A 19 3.66 0.03 -4.56
CA LEU A 19 4.91 -0.10 -3.80
C LEU A 19 6.03 -0.75 -4.63
N ALA A 20 5.77 -1.87 -5.31
CA ALA A 20 6.77 -2.54 -6.15
C ALA A 20 7.31 -1.60 -7.25
N GLY A 21 6.42 -0.83 -7.90
CA GLY A 21 6.82 0.18 -8.90
C GLY A 21 7.76 1.26 -8.36
N VAL A 22 7.50 1.76 -7.14
CA VAL A 22 8.39 2.74 -6.45
C VAL A 22 9.74 2.11 -6.08
N LEU A 23 9.74 0.87 -5.61
CA LEU A 23 10.93 0.11 -5.20
C LEU A 23 11.68 -0.58 -6.37
N TYR A 24 11.39 -0.20 -7.62
CA TYR A 24 12.05 -0.68 -8.84
C TYR A 24 11.96 -2.21 -9.04
N LEU A 25 10.84 -2.80 -8.61
CA LEU A 25 10.60 -4.24 -8.52
C LEU A 25 9.29 -4.66 -9.24
N GLU A 26 9.14 -5.95 -9.53
CA GLU A 26 7.87 -6.55 -9.95
C GLU A 26 6.99 -6.95 -8.74
N PRO A 27 5.66 -6.77 -8.78
CA PRO A 27 4.74 -7.17 -7.71
C PRO A 27 4.69 -8.69 -7.50
N ASP A 28 5.09 -9.48 -8.49
CA ASP A 28 5.23 -10.95 -8.39
C ASP A 28 6.33 -11.38 -7.40
N ARG A 29 7.32 -10.51 -7.14
CA ARG A 29 8.43 -10.74 -6.18
C ARG A 29 8.12 -10.24 -4.77
N LEU A 30 7.31 -9.17 -4.66
CA LEU A 30 7.03 -8.47 -3.40
C LEU A 30 6.03 -9.24 -2.50
N ASP A 31 6.38 -9.42 -1.22
CA ASP A 31 5.48 -9.97 -0.20
C ASP A 31 4.73 -8.84 0.53
N PRO A 32 3.40 -8.70 0.38
CA PRO A 32 2.65 -7.59 0.97
C PRO A 32 2.48 -7.68 2.50
N GLU A 33 2.71 -8.85 3.10
CA GLU A 33 2.74 -9.06 4.55
C GLU A 33 4.06 -8.62 5.22
N GLU A 34 5.10 -8.29 4.44
CA GLU A 34 6.38 -7.78 4.95
C GLU A 34 6.37 -6.25 5.16
N THR A 35 7.14 -5.73 6.12
CA THR A 35 7.13 -4.29 6.44
C THR A 35 7.75 -3.44 5.33
N PHE A 36 7.29 -2.18 5.21
CA PHE A 36 7.86 -1.19 4.29
C PHE A 36 9.39 -1.04 4.49
N LEU A 37 9.85 -1.01 5.75
CA LEU A 37 11.26 -0.85 6.10
C LEU A 37 12.10 -2.07 5.69
N THR A 38 11.57 -3.28 5.85
CA THR A 38 12.25 -4.53 5.42
C THR A 38 12.24 -4.71 3.89
N LEU A 39 11.17 -4.26 3.21
CA LEU A 39 11.09 -4.21 1.74
C LEU A 39 12.03 -3.15 1.11
N GLY A 40 12.51 -2.17 1.90
CA GLY A 40 13.57 -1.23 1.53
C GLY A 40 13.15 0.24 1.37
N VAL A 41 11.98 0.62 1.91
CA VAL A 41 11.48 2.02 1.88
C VAL A 41 12.32 2.93 2.79
N ASP A 42 13.04 3.87 2.19
CA ASP A 42 13.53 5.09 2.86
C ASP A 42 12.48 6.22 2.77
N SER A 43 12.65 7.30 3.55
CA SER A 43 11.70 8.43 3.63
C SER A 43 11.20 8.96 2.28
N ILE A 44 12.11 9.25 1.34
CA ILE A 44 11.77 9.81 0.03
C ILE A 44 10.95 8.82 -0.82
N LEU A 45 11.29 7.53 -0.78
CA LEU A 45 10.51 6.46 -1.41
C LEU A 45 9.13 6.29 -0.74
N GLY A 46 9.05 6.48 0.58
CA GLY A 46 7.81 6.49 1.34
C GLY A 46 6.87 7.62 0.91
N VAL A 47 7.39 8.85 0.79
CA VAL A 47 6.64 10.02 0.28
C VAL A 47 6.17 9.82 -1.16
N GLU A 48 6.99 9.21 -2.04
CA GLU A 48 6.61 8.90 -3.42
C GLU A 48 5.53 7.80 -3.50
N PHE A 49 5.61 6.76 -2.68
CA PHE A 49 4.56 5.73 -2.55
C PHE A 49 3.25 6.33 -2.02
N VAL A 50 3.32 7.20 -1.00
CA VAL A 50 2.16 7.92 -0.44
C VAL A 50 1.50 8.83 -1.49
N ALA A 51 2.29 9.54 -2.31
CA ALA A 51 1.78 10.32 -3.44
C ALA A 51 1.15 9.43 -4.53
N ALA A 52 1.75 8.27 -4.84
CA ALA A 52 1.22 7.32 -5.82
C ALA A 52 -0.11 6.67 -5.38
N VAL A 53 -0.27 6.37 -4.08
CA VAL A 53 -1.56 5.91 -3.51
C VAL A 53 -2.62 7.02 -3.55
N ASN A 54 -2.25 8.28 -3.23
CA ASN A 54 -3.15 9.43 -3.39
C ASN A 54 -3.57 9.69 -4.85
N ALA A 55 -2.73 9.35 -5.84
CA ALA A 55 -3.08 9.42 -7.27
C ALA A 55 -4.03 8.26 -7.68
N ALA A 56 -3.83 7.05 -7.15
CA ALA A 56 -4.67 5.88 -7.43
C ALA A 56 -6.05 5.92 -6.73
N TYR A 57 -6.13 6.51 -5.53
CA TYR A 57 -7.33 6.59 -4.69
C TYR A 57 -7.45 7.97 -4.01
N PRO A 58 -8.63 8.62 -4.00
CA PRO A 58 -8.85 9.91 -3.33
C PRO A 58 -8.99 9.73 -1.80
N VAL A 59 -7.87 9.82 -1.07
CA VAL A 59 -7.80 9.55 0.38
C VAL A 59 -7.19 10.68 1.23
N GLY A 60 -6.32 11.54 0.65
CA GLY A 60 -5.61 12.59 1.38
C GLY A 60 -4.60 12.07 2.42
N VAL A 61 -4.07 10.85 2.26
CA VAL A 61 -3.22 10.17 3.27
C VAL A 61 -1.83 10.82 3.34
N LYS A 62 -1.24 10.83 4.54
CA LYS A 62 0.08 11.43 4.84
C LYS A 62 1.11 10.36 5.21
N ALA A 63 2.40 10.70 5.09
CA ALA A 63 3.52 9.78 5.38
C ALA A 63 3.59 9.26 6.82
N THR A 64 2.90 9.89 7.78
CA THR A 64 2.78 9.39 9.16
C THR A 64 2.01 8.06 9.25
N ALA A 65 1.13 7.76 8.27
CA ALA A 65 0.42 6.49 8.19
C ALA A 65 1.34 5.28 7.95
N LEU A 66 2.55 5.49 7.43
CA LEU A 66 3.58 4.44 7.27
C LEU A 66 4.09 3.91 8.62
N TYR A 67 4.05 4.72 9.69
CA TYR A 67 4.36 4.29 11.07
C TYR A 67 3.18 3.57 11.73
N ASP A 68 1.95 4.08 11.53
CA ASP A 68 0.72 3.50 12.08
C ASP A 68 0.37 2.12 11.45
N HIS A 69 0.69 1.94 10.17
CA HIS A 69 0.43 0.74 9.37
C HIS A 69 1.73 0.28 8.69
N PRO A 70 2.52 -0.62 9.31
CA PRO A 70 3.91 -0.89 8.91
C PRO A 70 4.07 -1.74 7.64
N THR A 71 3.00 -2.37 7.13
CA THR A 71 3.00 -3.19 5.90
C THR A 71 2.03 -2.60 4.85
N PRO A 72 2.25 -2.83 3.54
CA PRO A 72 1.28 -2.42 2.51
C PRO A 72 -0.07 -3.14 2.64
N ALA A 73 -0.11 -4.35 3.22
CA ALA A 73 -1.37 -5.02 3.56
C ALA A 73 -2.18 -4.28 4.63
N ALA A 74 -1.55 -3.83 5.72
CA ALA A 74 -2.19 -2.99 6.75
C ALA A 74 -2.56 -1.59 6.20
N PHE A 75 -1.69 -1.01 5.37
CA PHE A 75 -1.93 0.27 4.70
C PHE A 75 -3.15 0.20 3.76
N ALA A 76 -3.30 -0.90 3.01
CA ALA A 76 -4.46 -1.14 2.15
C ALA A 76 -5.80 -1.22 2.94
N ARG A 77 -5.79 -1.77 4.16
CA ARG A 77 -6.98 -1.75 5.03
C ARG A 77 -7.30 -0.34 5.53
N HIS A 78 -6.30 0.49 5.84
CA HIS A 78 -6.50 1.91 6.17
C HIS A 78 -7.05 2.71 4.97
N ILE A 79 -6.53 2.46 3.76
CA ILE A 79 -7.04 3.04 2.50
C ILE A 79 -8.49 2.61 2.24
N ALA A 80 -8.82 1.32 2.43
CA ALA A 80 -10.18 0.82 2.31
C ALA A 80 -11.16 1.45 3.32
N GLU A 81 -10.74 1.61 4.58
CA GLU A 81 -11.54 2.30 5.62
C GLU A 81 -11.76 3.78 5.31
N SER A 82 -10.77 4.47 4.70
CA SER A 82 -10.91 5.85 4.23
C SER A 82 -11.88 5.98 3.05
N LEU A 83 -11.87 5.02 2.11
CA LEU A 83 -12.79 4.94 0.97
C LEU A 83 -14.21 4.43 1.34
N GLY A 84 -14.36 3.75 2.46
CA GLY A 84 -15.59 3.02 2.83
C GLY A 84 -15.78 1.70 2.08
N ALA A 85 -14.69 1.12 1.55
CA ALA A 85 -14.64 -0.10 0.74
C ALA A 85 -14.81 -1.40 1.56
O23 PNS B . 12.92 9.64 8.19
P24 PNS B . 12.76 10.31 6.88
O26 PNS B . 13.84 11.22 6.40
O27 PNS B . 11.39 11.13 6.88
C28 PNS B . 10.18 10.50 7.29
C29 PNS B . 8.94 11.34 6.89
C30 PNS B . 8.83 11.34 5.35
C31 PNS B . 7.69 10.63 7.46
C32 PNS B . 9.06 12.80 7.42
O33 PNS B . 7.95 13.60 6.99
C34 PNS B . 9.29 12.90 8.95
O35 PNS B . 8.33 13.02 9.73
N36 PNS B . 10.54 12.86 9.39
C37 PNS B . 10.92 12.91 10.79
C38 PNS B . 12.44 12.72 10.93
C39 PNS B . 12.90 12.73 12.38
O40 PNS B . 12.10 12.80 13.32
N41 PNS B . 14.22 12.65 12.59
C42 PNS B . 14.89 12.66 13.88
C43 PNS B . 15.27 14.09 14.26
S44 PNS B . 16.49 14.77 13.09
H282 PNS B . 10.20 10.36 8.36
H281 PNS B . 10.11 9.52 6.82
H303 PNS B . 7.90 11.81 5.04
H302 PNS B . 9.66 11.87 4.90
H301 PNS B . 8.82 10.30 4.97
H313 PNS B . 7.74 10.57 8.54
H312 PNS B . 6.78 11.18 7.18
H311 PNS B . 7.62 9.62 7.06
H32 PNS B . 9.94 13.23 6.95
H33 PNS B . 7.24 13.50 7.65
H36 PNS B . 11.28 12.76 8.70
H372 PNS B . 10.63 13.87 11.22
H371 PNS B . 10.40 12.11 11.34
H382 PNS B . 12.71 11.77 10.49
H381 PNS B . 12.95 13.52 10.39
H41 PNS B . 14.80 12.61 11.76
H422 PNS B . 14.24 12.25 14.66
H421 PNS B . 15.78 12.04 13.82
H431 PNS B . 14.38 14.71 14.28
H432 PNS B . 15.71 14.09 15.26
H44 PNS B . 17.45 13.86 13.32
N GLY A 1 -14.04 -19.07 5.98
CA GLY A 1 -14.75 -19.97 5.04
C GLY A 1 -16.00 -20.53 5.68
N PRO A 2 -17.22 -20.18 5.19
CA PRO A 2 -17.52 -19.29 4.08
C PRO A 2 -17.12 -17.81 4.32
N GLY A 3 -17.32 -16.95 3.32
CA GLY A 3 -17.01 -15.51 3.37
C GLY A 3 -15.63 -15.15 2.80
N SER A 4 -15.38 -13.85 2.68
CA SER A 4 -14.18 -13.25 2.07
C SER A 4 -13.93 -11.84 2.61
N ALA A 5 -12.65 -11.45 2.69
CA ALA A 5 -12.20 -10.07 2.96
C ALA A 5 -12.57 -9.07 1.85
N GLY A 6 -12.87 -9.56 0.63
CA GLY A 6 -13.48 -8.78 -0.45
C GLY A 6 -12.65 -7.56 -0.88
N ARG A 7 -13.26 -6.37 -0.79
CA ARG A 7 -12.69 -5.09 -1.25
C ARG A 7 -11.35 -4.74 -0.59
N GLN A 8 -11.15 -5.07 0.69
CA GLN A 8 -9.89 -4.80 1.39
C GLN A 8 -8.72 -5.62 0.80
N GLU A 9 -8.96 -6.89 0.44
CA GLU A 9 -7.97 -7.76 -0.23
C GLU A 9 -7.70 -7.28 -1.67
N GLU A 10 -8.74 -6.87 -2.41
CA GLU A 10 -8.60 -6.32 -3.77
C GLU A 10 -7.77 -5.02 -3.81
N ILE A 11 -7.98 -4.13 -2.84
CA ILE A 11 -7.19 -2.90 -2.67
C ILE A 11 -5.75 -3.23 -2.22
N ALA A 12 -5.54 -4.20 -1.31
CA ALA A 12 -4.21 -4.61 -0.88
C ALA A 12 -3.34 -5.18 -2.01
N GLU A 13 -3.92 -5.94 -2.94
CA GLU A 13 -3.22 -6.42 -4.16
C GLU A 13 -2.78 -5.26 -5.07
N GLU A 14 -3.59 -4.21 -5.22
CA GLU A 14 -3.21 -3.02 -6.01
C GLU A 14 -2.19 -2.13 -5.29
N VAL A 15 -2.31 -1.95 -3.96
CA VAL A 15 -1.33 -1.21 -3.14
C VAL A 15 0.05 -1.88 -3.16
N ALA A 16 0.10 -3.22 -3.25
CA ALA A 16 1.35 -3.96 -3.46
C ALA A 16 2.00 -3.64 -4.84
N ARG A 17 1.20 -3.52 -5.91
CA ARG A 17 1.67 -3.10 -7.25
C ARG A 17 2.16 -1.64 -7.26
N LEU A 18 1.45 -0.74 -6.58
CA LEU A 18 1.89 0.66 -6.40
C LEU A 18 3.24 0.76 -5.68
N LEU A 19 3.43 0.02 -4.59
CA LEU A 19 4.71 -0.05 -3.87
C LEU A 19 5.82 -0.65 -4.74
N ALA A 20 5.58 -1.78 -5.40
CA ALA A 20 6.57 -2.42 -6.27
C ALA A 20 7.03 -1.48 -7.40
N GLY A 21 6.11 -0.72 -8.01
CA GLY A 21 6.42 0.30 -9.02
C GLY A 21 7.34 1.42 -8.53
N VAL A 22 7.13 1.93 -7.30
CA VAL A 22 8.01 2.95 -6.68
C VAL A 22 9.40 2.41 -6.35
N LEU A 23 9.47 1.18 -5.84
CA LEU A 23 10.73 0.51 -5.48
C LEU A 23 11.45 -0.13 -6.70
N TYR A 24 10.90 0.00 -7.91
CA TYR A 24 11.35 -0.63 -9.15
C TYR A 24 11.45 -2.17 -9.10
N LEU A 25 10.67 -2.79 -8.21
CA LEU A 25 10.43 -4.24 -8.13
C LEU A 25 9.29 -4.68 -9.07
N GLU A 26 9.21 -5.99 -9.31
CA GLU A 26 8.01 -6.66 -9.79
C GLU A 26 7.08 -7.01 -8.61
N PRO A 27 5.75 -7.03 -8.79
CA PRO A 27 4.82 -7.53 -7.76
C PRO A 27 4.99 -9.04 -7.48
N ASP A 28 5.64 -9.79 -8.38
CA ASP A 28 6.11 -11.15 -8.13
C ASP A 28 7.25 -11.22 -7.09
N ARG A 29 8.18 -10.24 -7.12
CA ARG A 29 9.31 -10.14 -6.18
C ARG A 29 8.92 -9.57 -4.81
N LEU A 30 8.03 -8.57 -4.78
CA LEU A 30 7.59 -7.90 -3.56
C LEU A 30 6.64 -8.78 -2.73
N ASP A 31 6.85 -8.83 -1.41
CA ASP A 31 5.97 -9.51 -0.45
C ASP A 31 5.20 -8.47 0.39
N PRO A 32 3.88 -8.26 0.15
CA PRO A 32 3.12 -7.23 0.86
C PRO A 32 2.86 -7.53 2.35
N GLU A 33 3.10 -8.76 2.82
CA GLU A 33 3.07 -9.09 4.26
C GLU A 33 4.34 -8.64 5.02
N GLU A 34 5.41 -8.25 4.30
CA GLU A 34 6.65 -7.73 4.87
C GLU A 34 6.57 -6.22 5.17
N THR A 35 7.32 -5.73 6.15
CA THR A 35 7.32 -4.30 6.54
C THR A 35 7.94 -3.40 5.46
N PHE A 36 7.48 -2.15 5.37
CA PHE A 36 8.08 -1.14 4.48
C PHE A 36 9.59 -0.99 4.69
N LEU A 37 10.04 -1.01 5.95
CA LEU A 37 11.46 -0.88 6.32
C LEU A 37 12.31 -2.05 5.80
N THR A 38 11.81 -3.28 5.91
CA THR A 38 12.49 -4.49 5.42
C THR A 38 12.42 -4.63 3.90
N LEU A 39 11.35 -4.14 3.25
CA LEU A 39 11.24 -4.00 1.79
C LEU A 39 12.17 -2.91 1.20
N GLY A 40 12.82 -2.09 2.03
CA GLY A 40 13.82 -1.10 1.62
C GLY A 40 13.29 0.30 1.36
N VAL A 41 12.12 0.65 1.93
CA VAL A 41 11.53 1.99 1.83
C VAL A 41 12.31 3.01 2.66
N ASP A 42 13.13 3.82 2.00
CA ASP A 42 13.70 5.07 2.54
C ASP A 42 12.60 6.14 2.70
N SER A 43 12.89 7.23 3.42
CA SER A 43 11.92 8.33 3.63
C SER A 43 11.41 8.93 2.31
N ILE A 44 12.31 9.17 1.36
CA ILE A 44 12.00 9.65 0.00
C ILE A 44 11.07 8.66 -0.74
N LEU A 45 11.37 7.35 -0.68
CA LEU A 45 10.55 6.30 -1.31
C LEU A 45 9.18 6.13 -0.61
N GLY A 46 9.12 6.37 0.69
CA GLY A 46 7.86 6.44 1.45
C GLY A 46 6.97 7.60 0.99
N VAL A 47 7.54 8.80 0.83
CA VAL A 47 6.83 9.96 0.26
C VAL A 47 6.34 9.70 -1.18
N GLU A 48 7.15 9.04 -2.02
CA GLU A 48 6.75 8.67 -3.39
C GLU A 48 5.64 7.61 -3.43
N PHE A 49 5.66 6.61 -2.54
CA PHE A 49 4.57 5.63 -2.38
C PHE A 49 3.27 6.28 -1.88
N VAL A 50 3.35 7.17 -0.90
CA VAL A 50 2.21 7.95 -0.38
C VAL A 50 1.63 8.85 -1.49
N ALA A 51 2.47 9.49 -2.30
CA ALA A 51 2.05 10.27 -3.48
C ALA A 51 1.39 9.40 -4.56
N ALA A 52 1.92 8.19 -4.82
CA ALA A 52 1.32 7.24 -5.76
C ALA A 52 -0.07 6.76 -5.30
N VAL A 53 -0.25 6.52 -3.99
CA VAL A 53 -1.56 6.19 -3.39
C VAL A 53 -2.54 7.37 -3.47
N ASN A 54 -2.07 8.60 -3.23
CA ASN A 54 -2.86 9.83 -3.42
C ASN A 54 -3.26 10.08 -4.91
N ALA A 55 -2.45 9.62 -5.87
CA ALA A 55 -2.77 9.68 -7.29
C ALA A 55 -3.75 8.57 -7.73
N ALA A 56 -3.60 7.36 -7.19
CA ALA A 56 -4.46 6.20 -7.47
C ALA A 56 -5.86 6.30 -6.83
N TYR A 57 -5.96 6.94 -5.66
CA TYR A 57 -7.18 7.02 -4.85
C TYR A 57 -7.38 8.42 -4.22
N PRO A 58 -8.60 8.98 -4.18
CA PRO A 58 -8.91 10.31 -3.65
C PRO A 58 -8.98 10.36 -2.10
N VAL A 59 -8.05 9.68 -1.43
CA VAL A 59 -8.05 9.44 0.04
C VAL A 59 -7.32 10.52 0.84
N GLY A 60 -6.44 11.29 0.20
CA GLY A 60 -5.69 12.38 0.85
C GLY A 60 -4.69 11.92 1.92
N VAL A 61 -4.22 10.66 1.90
CA VAL A 61 -3.48 10.04 3.02
C VAL A 61 -2.12 10.71 3.26
N LYS A 62 -1.74 10.82 4.54
CA LYS A 62 -0.47 11.40 5.01
C LYS A 62 0.58 10.33 5.32
N ALA A 63 1.85 10.69 5.22
CA ALA A 63 2.98 9.76 5.43
C ALA A 63 3.10 9.20 6.86
N THR A 64 2.42 9.81 7.85
CA THR A 64 2.32 9.27 9.22
C THR A 64 1.64 7.89 9.27
N ALA A 65 0.78 7.57 8.29
CA ALA A 65 0.13 6.26 8.18
C ALA A 65 1.11 5.09 7.93
N LEU A 66 2.32 5.37 7.43
CA LEU A 66 3.40 4.37 7.28
C LEU A 66 3.93 3.86 8.63
N TYR A 67 3.82 4.66 9.70
CA TYR A 67 4.20 4.27 11.06
C TYR A 67 3.05 3.58 11.82
N ASP A 68 1.80 4.05 11.61
CA ASP A 68 0.59 3.43 12.17
C ASP A 68 0.31 2.04 11.59
N HIS A 69 0.66 1.81 10.31
CA HIS A 69 0.49 0.55 9.57
C HIS A 69 1.83 0.15 8.93
N PRO A 70 2.60 -0.79 9.52
CA PRO A 70 4.00 -1.04 9.14
C PRO A 70 4.18 -1.83 7.83
N THR A 71 3.11 -2.43 7.28
CA THR A 71 3.11 -3.19 6.01
C THR A 71 2.14 -2.58 4.99
N PRO A 72 2.35 -2.75 3.67
CA PRO A 72 1.39 -2.32 2.66
C PRO A 72 0.04 -3.07 2.77
N ALA A 73 0.04 -4.32 3.23
CA ALA A 73 -1.19 -5.08 3.47
C ALA A 73 -2.06 -4.48 4.59
N ALA A 74 -1.47 -4.06 5.70
CA ALA A 74 -2.18 -3.35 6.78
C ALA A 74 -2.58 -1.91 6.35
N PHE A 75 -1.68 -1.21 5.66
CA PHE A 75 -1.89 0.17 5.18
C PHE A 75 -3.06 0.24 4.19
N ALA A 76 -3.22 -0.74 3.32
CA ALA A 76 -4.32 -0.82 2.35
C ALA A 76 -5.71 -0.87 2.99
N ARG A 77 -5.86 -1.39 4.22
CA ARG A 77 -7.14 -1.39 4.97
C ARG A 77 -7.56 0.02 5.39
N HIS A 78 -6.61 0.89 5.75
CA HIS A 78 -6.87 2.31 6.01
C HIS A 78 -7.28 3.05 4.73
N ILE A 79 -6.65 2.73 3.59
CA ILE A 79 -7.03 3.27 2.28
C ILE A 79 -8.46 2.84 1.91
N ALA A 80 -8.81 1.56 2.12
CA ALA A 80 -10.16 1.04 1.93
C ALA A 80 -11.21 1.68 2.86
N GLU A 81 -10.89 1.91 4.13
CA GLU A 81 -11.76 2.63 5.07
C GLU A 81 -11.99 4.11 4.65
N SER A 82 -10.95 4.78 4.12
CA SER A 82 -11.04 6.14 3.60
C SER A 82 -11.88 6.23 2.31
N LEU A 83 -11.81 5.20 1.45
CA LEU A 83 -12.69 5.01 0.29
C LEU A 83 -14.14 4.66 0.66
N GLY A 84 -14.41 4.26 1.91
CA GLY A 84 -15.73 3.81 2.37
C GLY A 84 -16.13 2.42 1.82
N ALA A 85 -15.14 1.55 1.57
CA ALA A 85 -15.32 0.20 1.01
C ALA A 85 -16.26 -0.71 1.84
O23 PNS B . 12.77 11.11 6.91
P24 PNS B . 13.33 9.75 7.01
O26 PNS B . 13.12 8.98 8.26
O27 PNS B . 14.91 9.80 6.74
C28 PNS B . 15.46 10.77 5.87
C29 PNS B . 16.99 10.63 5.76
C30 PNS B . 17.48 11.77 4.82
C31 PNS B . 17.65 10.90 7.14
C32 PNS B . 17.43 9.24 5.20
O33 PNS B . 17.19 8.20 6.14
C34 PNS B . 16.83 8.93 3.79
O35 PNS B . 15.71 8.40 3.68
N36 PNS B . 17.56 9.26 2.73
C37 PNS B . 17.20 9.08 1.33
C38 PNS B . 18.24 8.17 0.67
C39 PNS B . 18.00 8.09 -0.84
O40 PNS B . 18.45 8.98 -1.57
N41 PNS B . 17.30 7.07 -1.31
C42 PNS B . 16.97 6.85 -2.72
C43 PNS B . 15.70 7.64 -3.08
S44 PNS B . 15.30 7.35 -4.83
H282 PNS B . 15.19 11.76 6.26
H281 PNS B . 15.01 10.68 4.88
H303 PNS B . 17.25 12.74 5.26
H302 PNS B . 18.56 11.71 4.69
H301 PNS B . 16.99 11.72 3.86
H313 PNS B . 17.31 10.16 7.87
H312 PNS B . 18.73 10.84 7.06
H311 PNS B . 17.38 11.88 7.50
H32 PNS B . 18.53 9.29 5.07
H33 PNS B . 16.25 8.26 6.41
H36 PNS B . 18.45 9.70 2.92
H372 PNS B . 16.21 8.62 1.24
H371 PNS B . 17.19 10.05 0.83
H382 PNS B . 19.24 8.57 0.84
H381 PNS B . 18.19 7.17 1.10
H41 PNS B . 17.04 6.33 -0.65
H422 PNS B . 17.80 7.16 -3.35
H421 PNS B . 16.79 5.79 -2.88
H431 PNS B . 14.89 7.31 -2.44
H432 PNS B . 15.87 8.70 -2.91
H44 PNS B . 14.19 8.12 -4.85
N GLY A 1 -23.30 -7.35 -0.26
CA GLY A 1 -22.02 -8.02 -0.56
C GLY A 1 -21.75 -9.21 0.37
N PRO A 2 -21.02 -10.24 -0.10
CA PRO A 2 -20.76 -11.46 0.66
C PRO A 2 -19.77 -11.30 1.83
N GLY A 3 -18.85 -10.32 1.75
CA GLY A 3 -17.84 -10.04 2.78
C GLY A 3 -16.73 -9.11 2.29
N SER A 4 -15.76 -8.84 3.17
CA SER A 4 -14.60 -7.96 2.91
C SER A 4 -13.57 -8.55 1.91
N ALA A 5 -13.62 -9.87 1.68
CA ALA A 5 -12.77 -10.63 0.76
C ALA A 5 -13.11 -10.36 -0.73
N GLY A 6 -12.87 -9.12 -1.15
CA GLY A 6 -13.15 -8.57 -2.48
C GLY A 6 -13.22 -7.04 -2.44
N ARG A 7 -13.93 -6.50 -1.44
CA ARG A 7 -14.11 -5.05 -1.19
C ARG A 7 -12.80 -4.31 -0.91
N GLN A 8 -11.96 -4.85 -0.01
CA GLN A 8 -10.63 -4.31 0.29
C GLN A 8 -9.48 -5.13 -0.32
N GLU A 9 -9.75 -6.34 -0.84
CA GLU A 9 -8.74 -7.19 -1.48
C GLU A 9 -8.25 -6.59 -2.82
N GLU A 10 -9.14 -5.96 -3.59
CA GLU A 10 -8.78 -5.23 -4.81
C GLU A 10 -7.93 -3.97 -4.56
N ILE A 11 -8.04 -3.39 -3.36
CA ILE A 11 -7.19 -2.29 -2.91
C ILE A 11 -5.83 -2.83 -2.45
N ALA A 12 -5.79 -3.97 -1.74
CA ALA A 12 -4.55 -4.58 -1.26
C ALA A 12 -3.58 -4.96 -2.39
N GLU A 13 -4.06 -5.57 -3.49
CA GLU A 13 -3.21 -5.89 -4.64
C GLU A 13 -2.73 -4.64 -5.40
N GLU A 14 -3.54 -3.57 -5.43
CA GLU A 14 -3.17 -2.28 -6.03
C GLU A 14 -2.08 -1.57 -5.22
N VAL A 15 -2.24 -1.45 -3.89
CA VAL A 15 -1.26 -0.86 -2.99
C VAL A 15 0.08 -1.63 -3.01
N ALA A 16 0.04 -2.97 -3.07
CA ALA A 16 1.23 -3.81 -3.18
C ALA A 16 2.00 -3.59 -4.51
N ARG A 17 1.32 -3.55 -5.67
CA ARG A 17 1.99 -3.32 -6.97
C ARG A 17 2.45 -1.88 -7.17
N LEU A 18 1.77 -0.89 -6.58
CA LEU A 18 2.25 0.49 -6.50
C LEU A 18 3.57 0.58 -5.71
N LEU A 19 3.68 -0.11 -4.57
CA LEU A 19 4.94 -0.19 -3.81
C LEU A 19 6.05 -0.88 -4.61
N ALA A 20 5.76 -1.99 -5.30
CA ALA A 20 6.74 -2.63 -6.18
C ALA A 20 7.23 -1.68 -7.28
N GLY A 21 6.33 -0.90 -7.89
CA GLY A 21 6.67 0.13 -8.89
C GLY A 21 7.59 1.24 -8.36
N VAL A 22 7.33 1.75 -7.15
CA VAL A 22 8.19 2.75 -6.46
C VAL A 22 9.60 2.20 -6.23
N LEU A 23 9.71 0.93 -5.81
CA LEU A 23 10.98 0.26 -5.51
C LEU A 23 11.66 -0.36 -6.76
N TYR A 24 11.11 -0.11 -7.95
CA TYR A 24 11.57 -0.66 -9.26
C TYR A 24 11.66 -2.21 -9.27
N LEU A 25 10.74 -2.85 -8.55
CA LEU A 25 10.60 -4.29 -8.39
C LEU A 25 9.33 -4.81 -9.10
N GLU A 26 9.28 -6.12 -9.36
CA GLU A 26 8.10 -6.84 -9.85
C GLU A 26 7.16 -7.22 -8.68
N PRO A 27 5.83 -7.10 -8.82
CA PRO A 27 4.87 -7.42 -7.74
C PRO A 27 4.83 -8.92 -7.38
N ASP A 28 5.32 -9.80 -8.26
CA ASP A 28 5.53 -11.23 -7.99
C ASP A 28 6.65 -11.49 -6.95
N ARG A 29 7.65 -10.60 -6.89
CA ARG A 29 8.81 -10.69 -5.98
C ARG A 29 8.54 -10.02 -4.62
N LEU A 30 7.73 -8.95 -4.61
CA LEU A 30 7.34 -8.24 -3.39
C LEU A 30 6.47 -9.14 -2.47
N ASP A 31 6.75 -9.12 -1.16
CA ASP A 31 5.93 -9.76 -0.12
C ASP A 31 5.04 -8.71 0.58
N PRO A 32 3.70 -8.73 0.40
CA PRO A 32 2.82 -7.70 1.00
C PRO A 32 2.77 -7.73 2.53
N GLU A 33 3.06 -8.87 3.14
CA GLU A 33 3.14 -9.07 4.59
C GLU A 33 4.43 -8.48 5.22
N GLU A 34 5.44 -8.13 4.40
CA GLU A 34 6.72 -7.61 4.88
C GLU A 34 6.67 -6.08 5.12
N THR A 35 7.48 -5.57 6.06
CA THR A 35 7.52 -4.13 6.38
C THR A 35 8.15 -3.29 5.28
N PHE A 36 7.73 -2.01 5.18
CA PHE A 36 8.31 -1.04 4.24
C PHE A 36 9.85 -0.95 4.39
N LEU A 37 10.34 -0.89 5.63
CA LEU A 37 11.78 -0.77 5.94
C LEU A 37 12.57 -2.02 5.47
N THR A 38 12.01 -3.22 5.65
CA THR A 38 12.66 -4.48 5.21
C THR A 38 12.57 -4.65 3.68
N LEU A 39 11.50 -4.17 3.04
CA LEU A 39 11.37 -4.09 1.56
C LEU A 39 12.33 -3.05 0.93
N GLY A 40 12.94 -2.16 1.73
CA GLY A 40 13.96 -1.20 1.31
C GLY A 40 13.48 0.25 1.13
N VAL A 41 12.31 0.61 1.66
CA VAL A 41 11.75 1.98 1.63
C VAL A 41 12.57 2.92 2.52
N ASP A 42 13.28 3.87 1.91
CA ASP A 42 13.81 5.08 2.56
C ASP A 42 12.75 6.21 2.59
N SER A 43 12.99 7.28 3.36
CA SER A 43 12.08 8.43 3.54
C SER A 43 11.42 8.94 2.24
N ILE A 44 12.23 9.21 1.22
CA ILE A 44 11.77 9.73 -0.08
C ILE A 44 10.92 8.70 -0.84
N LEU A 45 11.29 7.41 -0.80
CA LEU A 45 10.49 6.31 -1.37
C LEU A 45 9.17 6.13 -0.61
N GLY A 46 9.13 6.41 0.70
CA GLY A 46 7.92 6.46 1.50
C GLY A 46 6.98 7.59 1.05
N VAL A 47 7.51 8.80 0.85
CA VAL A 47 6.76 9.94 0.27
C VAL A 47 6.26 9.64 -1.14
N GLU A 48 7.04 8.97 -1.99
CA GLU A 48 6.62 8.56 -3.33
C GLU A 48 5.52 7.50 -3.32
N PHE A 49 5.57 6.52 -2.40
CA PHE A 49 4.48 5.54 -2.18
C PHE A 49 3.18 6.20 -1.70
N VAL A 50 3.27 7.14 -0.76
CA VAL A 50 2.13 7.95 -0.29
C VAL A 50 1.53 8.79 -1.42
N ALA A 51 2.38 9.41 -2.26
CA ALA A 51 1.95 10.16 -3.45
C ALA A 51 1.31 9.24 -4.52
N ALA A 52 1.84 8.03 -4.74
CA ALA A 52 1.29 7.04 -5.67
C ALA A 52 -0.11 6.56 -5.23
N VAL A 53 -0.33 6.32 -3.94
CA VAL A 53 -1.65 5.98 -3.40
C VAL A 53 -2.63 7.16 -3.48
N ASN A 54 -2.17 8.40 -3.21
CA ASN A 54 -2.97 9.62 -3.42
C ASN A 54 -3.32 9.87 -4.90
N ALA A 55 -2.50 9.43 -5.86
CA ALA A 55 -2.80 9.46 -7.29
C ALA A 55 -3.84 8.39 -7.68
N ALA A 56 -3.76 7.20 -7.09
CA ALA A 56 -4.69 6.08 -7.32
C ALA A 56 -6.07 6.28 -6.68
N TYR A 57 -6.14 6.92 -5.50
CA TYR A 57 -7.36 7.09 -4.70
C TYR A 57 -7.44 8.50 -4.05
N PRO A 58 -8.63 9.15 -4.02
CA PRO A 58 -8.84 10.49 -3.46
C PRO A 58 -8.92 10.50 -1.91
N VAL A 59 -7.98 9.82 -1.24
CA VAL A 59 -7.93 9.66 0.23
C VAL A 59 -7.36 10.86 0.96
N GLY A 60 -6.47 11.62 0.30
CA GLY A 60 -5.71 12.71 0.91
C GLY A 60 -4.76 12.25 2.02
N VAL A 61 -4.28 11.00 1.98
CA VAL A 61 -3.55 10.37 3.11
C VAL A 61 -2.17 11.01 3.32
N LYS A 62 -1.78 11.17 4.58
CA LYS A 62 -0.48 11.71 5.03
C LYS A 62 0.50 10.59 5.38
N ALA A 63 1.80 10.88 5.27
CA ALA A 63 2.88 9.92 5.53
C ALA A 63 2.94 9.40 6.98
N THR A 64 2.29 10.07 7.94
CA THR A 64 2.14 9.58 9.32
C THR A 64 1.44 8.21 9.41
N ALA A 65 0.60 7.88 8.42
CA ALA A 65 -0.07 6.57 8.35
C ALA A 65 0.92 5.39 8.12
N LEU A 66 2.12 5.64 7.60
CA LEU A 66 3.16 4.62 7.41
C LEU A 66 3.67 4.05 8.75
N TYR A 67 3.67 4.87 9.82
CA TYR A 67 4.09 4.45 11.16
C TYR A 67 3.03 3.59 11.86
N ASP A 68 1.74 3.88 11.65
CA ASP A 68 0.60 3.11 12.17
C ASP A 68 0.36 1.79 11.42
N HIS A 69 0.66 1.75 10.12
CA HIS A 69 0.42 0.60 9.22
C HIS A 69 1.69 0.28 8.40
N PRO A 70 2.70 -0.39 9.00
CA PRO A 70 4.06 -0.51 8.46
C PRO A 70 4.25 -1.49 7.29
N THR A 71 3.17 -2.12 6.78
CA THR A 71 3.18 -3.01 5.61
C THR A 71 2.16 -2.52 4.57
N PRO A 72 2.34 -2.77 3.26
CA PRO A 72 1.36 -2.40 2.24
C PRO A 72 0.01 -3.14 2.45
N ALA A 73 0.03 -4.38 2.96
CA ALA A 73 -1.18 -5.14 3.26
C ALA A 73 -2.02 -4.48 4.38
N ALA A 74 -1.37 -3.98 5.46
CA ALA A 74 -2.04 -3.24 6.53
C ALA A 74 -2.50 -1.85 6.05
N PHE A 75 -1.66 -1.13 5.30
CA PHE A 75 -1.94 0.21 4.78
C PHE A 75 -3.17 0.22 3.86
N ALA A 76 -3.34 -0.82 3.04
CA ALA A 76 -4.52 -0.99 2.18
C ALA A 76 -5.85 -1.09 2.95
N ARG A 77 -5.86 -1.65 4.17
CA ARG A 77 -7.08 -1.70 5.01
C ARG A 77 -7.48 -0.30 5.51
N HIS A 78 -6.50 0.53 5.87
CA HIS A 78 -6.73 1.94 6.22
C HIS A 78 -7.27 2.75 5.02
N ILE A 79 -6.73 2.52 3.81
CA ILE A 79 -7.23 3.11 2.56
C ILE A 79 -8.67 2.67 2.27
N ALA A 80 -9.00 1.37 2.43
CA ALA A 80 -10.34 0.85 2.25
C ALA A 80 -11.37 1.44 3.24
N GLU A 81 -11.02 1.56 4.52
CA GLU A 81 -11.86 2.22 5.54
C GLU A 81 -12.02 3.73 5.29
N SER A 82 -10.96 4.41 4.82
CA SER A 82 -11.01 5.84 4.44
C SER A 82 -11.95 6.09 3.25
N LEU A 83 -11.93 5.21 2.24
CA LEU A 83 -12.84 5.23 1.08
C LEU A 83 -14.26 4.74 1.40
N GLY A 84 -14.48 4.06 2.53
CA GLY A 84 -15.76 3.45 2.90
C GLY A 84 -16.13 2.23 2.03
N ALA A 85 -15.11 1.51 1.53
CA ALA A 85 -15.25 0.35 0.63
C ALA A 85 -16.04 -0.83 1.25
O23 PNS B . 15.28 9.19 7.12
P24 PNS B . 14.52 10.06 6.19
O26 PNS B . 15.26 10.95 5.26
O27 PNS B . 13.51 10.94 7.07
C28 PNS B . 13.07 12.21 6.63
C29 PNS B . 11.98 12.80 7.56
C30 PNS B . 10.74 11.88 7.55
C31 PNS B . 12.55 12.86 9.00
C32 PNS B . 11.66 14.24 7.06
O33 PNS B . 11.19 14.21 5.71
C34 PNS B . 10.69 15.03 7.99
O35 PNS B . 11.13 15.84 8.81
N36 PNS B . 9.38 14.82 7.84
C37 PNS B . 8.32 15.43 8.63
C38 PNS B . 7.95 14.48 9.78
C39 PNS B . 6.82 15.06 10.63
O40 PNS B . 7.08 15.73 11.63
N41 PNS B . 5.54 14.85 10.31
C42 PNS B . 5.04 14.06 9.18
C43 PNS B . 3.54 14.31 9.01
S44 PNS B . 2.95 13.38 7.57
H282 PNS B . 12.68 12.14 5.62
H281 PNS B . 13.93 12.90 6.59
H303 PNS B . 10.32 11.81 6.54
H302 PNS B . 11.03 10.87 7.87
H301 PNS B . 9.99 12.23 8.24
H313 PNS B . 13.43 13.50 9.03
H312 PNS B . 11.79 13.25 9.68
H311 PNS B . 12.83 11.87 9.34
H32 PNS B . 12.60 14.80 7.07
H33 PNS B . 11.09 15.11 5.38
H36 PNS B . 9.11 14.18 7.10
H372 PNS B . 8.66 16.38 9.04
H371 PNS B . 7.44 15.61 8.00
H382 PNS B . 7.65 13.52 9.38
H381 PNS B . 8.82 14.34 10.41
H41 PNS B . 4.87 15.27 10.92
H422 PNS B . 5.55 14.35 8.26
H421 PNS B . 5.20 12.99 9.36
H431 PNS B . 3.00 14.00 9.91
H432 PNS B . 3.36 15.38 8.86
H44 PNS B . 3.74 13.98 6.68
N GLY A 1 -13.38 -20.68 2.48
CA GLY A 1 -14.27 -21.25 1.44
C GLY A 1 -13.59 -21.34 0.07
N PRO A 2 -14.34 -21.64 -1.01
CA PRO A 2 -13.80 -21.85 -2.36
C PRO A 2 -13.12 -20.62 -3.00
N GLY A 3 -13.52 -19.41 -2.61
CA GLY A 3 -12.95 -18.14 -3.10
C GLY A 3 -13.63 -16.90 -2.51
N SER A 4 -13.04 -15.73 -2.80
CA SER A 4 -13.58 -14.41 -2.42
C SER A 4 -13.09 -13.31 -3.38
N ALA A 5 -13.91 -12.26 -3.53
CA ALA A 5 -13.68 -11.11 -4.41
C ALA A 5 -14.09 -9.77 -3.75
N GLY A 6 -13.99 -9.68 -2.42
CA GLY A 6 -14.33 -8.49 -1.62
C GLY A 6 -13.51 -7.24 -2.00
N ARG A 7 -14.11 -6.05 -1.87
CA ARG A 7 -13.56 -4.79 -2.41
C ARG A 7 -12.20 -4.37 -1.81
N GLN A 8 -11.91 -4.77 -0.57
CA GLN A 8 -10.60 -4.54 0.06
C GLN A 8 -9.46 -5.35 -0.58
N GLU A 9 -9.76 -6.52 -1.16
CA GLU A 9 -8.77 -7.40 -1.80
C GLU A 9 -8.21 -6.80 -3.10
N GLU A 10 -9.04 -6.08 -3.85
CA GLU A 10 -8.63 -5.33 -5.05
C GLU A 10 -7.60 -4.24 -4.71
N ILE A 11 -7.84 -3.52 -3.60
CA ILE A 11 -6.95 -2.48 -3.07
C ILE A 11 -5.66 -3.11 -2.49
N ALA A 12 -5.76 -4.25 -1.80
CA ALA A 12 -4.60 -4.99 -1.29
C ALA A 12 -3.63 -5.46 -2.39
N GLU A 13 -4.15 -5.91 -3.54
CA GLU A 13 -3.33 -6.17 -4.73
C GLU A 13 -2.71 -4.89 -5.31
N GLU A 14 -3.52 -3.85 -5.52
CA GLU A 14 -3.09 -2.64 -6.24
C GLU A 14 -2.06 -1.81 -5.45
N VAL A 15 -2.19 -1.74 -4.13
CA VAL A 15 -1.20 -1.11 -3.24
C VAL A 15 0.14 -1.87 -3.24
N ALA A 16 0.12 -3.20 -3.33
CA ALA A 16 1.34 -4.01 -3.50
C ALA A 16 2.00 -3.76 -4.89
N ARG A 17 1.21 -3.63 -5.96
CA ARG A 17 1.69 -3.24 -7.31
C ARG A 17 2.28 -1.83 -7.33
N LEU A 18 1.64 -0.86 -6.68
CA LEU A 18 2.16 0.50 -6.52
C LEU A 18 3.50 0.52 -5.77
N LEU A 19 3.62 -0.22 -4.66
CA LEU A 19 4.88 -0.31 -3.90
C LEU A 19 5.99 -1.01 -4.72
N ALA A 20 5.70 -2.12 -5.39
CA ALA A 20 6.67 -2.79 -6.25
C ALA A 20 7.18 -1.86 -7.37
N GLY A 21 6.30 -1.04 -7.97
CA GLY A 21 6.64 -0.03 -8.96
C GLY A 21 7.58 1.07 -8.44
N VAL A 22 7.34 1.58 -7.22
CA VAL A 22 8.21 2.58 -6.56
C VAL A 22 9.60 1.99 -6.24
N LEU A 23 9.65 0.75 -5.74
CA LEU A 23 10.88 0.06 -5.35
C LEU A 23 11.59 -0.65 -6.51
N TYR A 24 11.07 -0.55 -7.74
CA TYR A 24 11.55 -1.21 -8.96
C TYR A 24 11.62 -2.76 -8.87
N LEU A 25 10.81 -3.35 -7.99
CA LEU A 25 10.64 -4.78 -7.78
C LEU A 25 9.47 -5.34 -8.62
N GLU A 26 9.38 -6.65 -8.74
CA GLU A 26 8.21 -7.35 -9.29
C GLU A 26 7.15 -7.60 -8.19
N PRO A 27 5.86 -7.31 -8.43
CA PRO A 27 4.79 -7.59 -7.45
C PRO A 27 4.58 -9.10 -7.22
N ASP A 28 5.08 -9.95 -8.13
CA ASP A 28 5.08 -11.42 -8.00
C ASP A 28 6.00 -11.95 -6.88
N ARG A 29 6.99 -11.16 -6.43
CA ARG A 29 7.92 -11.51 -5.34
C ARG A 29 7.88 -10.59 -4.11
N LEU A 30 7.24 -9.41 -4.22
CA LEU A 30 7.01 -8.52 -3.06
C LEU A 30 6.10 -9.22 -2.03
N ASP A 31 6.54 -9.28 -0.78
CA ASP A 31 5.82 -9.92 0.33
C ASP A 31 4.86 -8.93 1.03
N PRO A 32 3.51 -9.11 0.95
CA PRO A 32 2.55 -8.12 1.47
C PRO A 32 2.60 -7.91 2.98
N GLU A 33 2.99 -8.93 3.75
CA GLU A 33 3.09 -8.88 5.23
C GLU A 33 4.51 -8.55 5.75
N GLU A 34 5.47 -8.29 4.86
CA GLU A 34 6.77 -7.70 5.25
C GLU A 34 6.66 -6.18 5.43
N THR A 35 7.46 -5.58 6.33
CA THR A 35 7.39 -4.12 6.59
C THR A 35 7.94 -3.29 5.43
N PHE A 36 7.43 -2.07 5.26
CA PHE A 36 7.95 -1.09 4.30
C PHE A 36 9.46 -0.87 4.48
N LEU A 37 9.91 -0.74 5.74
CA LEU A 37 11.31 -0.54 6.10
C LEU A 37 12.20 -1.72 5.68
N THR A 38 11.74 -2.96 5.86
CA THR A 38 12.48 -4.17 5.46
C THR A 38 12.45 -4.41 3.94
N LEU A 39 11.36 -4.03 3.26
CA LEU A 39 11.28 -3.99 1.79
C LEU A 39 12.19 -2.92 1.14
N GLY A 40 12.69 -1.96 1.93
CA GLY A 40 13.72 -0.99 1.55
C GLY A 40 13.24 0.46 1.41
N VAL A 41 12.03 0.78 1.86
CA VAL A 41 11.46 2.15 1.86
C VAL A 41 12.23 3.04 2.84
N ASP A 42 12.73 4.19 2.35
CA ASP A 42 13.22 5.31 3.16
C ASP A 42 12.22 6.49 3.12
N SER A 43 12.59 7.65 3.66
CA SER A 43 11.78 8.89 3.59
C SER A 43 11.33 9.25 2.16
N ILE A 44 12.26 9.34 1.21
CA ILE A 44 11.99 9.74 -0.18
C ILE A 44 11.07 8.73 -0.88
N LEU A 45 11.34 7.42 -0.77
CA LEU A 45 10.52 6.37 -1.36
C LEU A 45 9.13 6.27 -0.68
N GLY A 46 9.05 6.57 0.62
CA GLY A 46 7.80 6.70 1.36
C GLY A 46 6.93 7.83 0.83
N VAL A 47 7.50 9.04 0.65
CA VAL A 47 6.80 10.19 0.05
C VAL A 47 6.31 9.88 -1.37
N GLU A 48 7.12 9.21 -2.20
CA GLU A 48 6.73 8.83 -3.56
C GLU A 48 5.59 7.79 -3.59
N PHE A 49 5.64 6.77 -2.71
CA PHE A 49 4.56 5.80 -2.54
C PHE A 49 3.26 6.45 -2.03
N VAL A 50 3.35 7.30 -1.02
CA VAL A 50 2.21 8.06 -0.46
C VAL A 50 1.60 9.01 -1.51
N ALA A 51 2.42 9.67 -2.32
CA ALA A 51 1.96 10.50 -3.44
C ALA A 51 1.27 9.66 -4.55
N ALA A 52 1.79 8.47 -4.87
CA ALA A 52 1.15 7.55 -5.82
C ALA A 52 -0.20 7.01 -5.31
N VAL A 53 -0.33 6.76 -4.01
CA VAL A 53 -1.59 6.40 -3.35
C VAL A 53 -2.60 7.55 -3.37
N ASN A 54 -2.16 8.79 -3.12
CA ASN A 54 -2.98 10.00 -3.26
C ASN A 54 -3.43 10.27 -4.71
N ALA A 55 -2.64 9.87 -5.71
CA ALA A 55 -3.01 9.94 -7.12
C ALA A 55 -3.99 8.82 -7.54
N ALA A 56 -3.81 7.61 -7.00
CA ALA A 56 -4.67 6.45 -7.25
C ALA A 56 -6.05 6.53 -6.56
N TYR A 57 -6.13 7.17 -5.39
CA TYR A 57 -7.35 7.24 -4.56
C TYR A 57 -7.56 8.62 -3.91
N PRO A 58 -8.81 9.14 -3.81
CA PRO A 58 -9.15 10.43 -3.19
C PRO A 58 -9.13 10.41 -1.65
N VAL A 59 -8.14 9.74 -1.04
CA VAL A 59 -8.04 9.49 0.41
C VAL A 59 -7.32 10.60 1.19
N GLY A 60 -6.47 11.39 0.53
CA GLY A 60 -5.71 12.48 1.15
C GLY A 60 -4.67 12.04 2.20
N VAL A 61 -4.19 10.79 2.12
CA VAL A 61 -3.40 10.16 3.21
C VAL A 61 -2.02 10.80 3.41
N LYS A 62 -1.56 10.89 4.65
CA LYS A 62 -0.24 11.42 5.03
C LYS A 62 0.75 10.29 5.35
N ALA A 63 2.04 10.57 5.27
CA ALA A 63 3.12 9.60 5.49
C ALA A 63 3.18 9.02 6.93
N THR A 64 2.50 9.65 7.90
CA THR A 64 2.34 9.11 9.26
C THR A 64 1.62 7.75 9.28
N ALA A 65 0.77 7.47 8.28
CA ALA A 65 0.11 6.18 8.13
C ALA A 65 1.10 5.02 7.87
N LEU A 66 2.31 5.28 7.35
CA LEU A 66 3.36 4.27 7.19
C LEU A 66 3.91 3.75 8.54
N TYR A 67 3.82 4.56 9.60
CA TYR A 67 4.23 4.19 10.97
C TYR A 67 3.11 3.45 11.72
N ASP A 68 1.86 3.90 11.56
CA ASP A 68 0.66 3.26 12.14
C ASP A 68 0.35 1.89 11.50
N HIS A 69 0.62 1.75 10.20
CA HIS A 69 0.43 0.52 9.42
C HIS A 69 1.76 0.13 8.76
N PRO A 70 2.59 -0.72 9.40
CA PRO A 70 3.99 -0.93 8.99
C PRO A 70 4.17 -1.78 7.72
N THR A 71 3.14 -2.49 7.27
CA THR A 71 3.16 -3.35 6.06
C THR A 71 2.19 -2.82 4.99
N PRO A 72 2.44 -3.07 3.68
CA PRO A 72 1.50 -2.69 2.63
C PRO A 72 0.14 -3.42 2.75
N ALA A 73 0.08 -4.65 3.29
CA ALA A 73 -1.18 -5.34 3.56
C ALA A 73 -2.04 -4.61 4.62
N ALA A 74 -1.44 -4.20 5.75
CA ALA A 74 -2.14 -3.42 6.78
C ALA A 74 -2.53 -2.01 6.27
N PHE A 75 -1.63 -1.36 5.55
CA PHE A 75 -1.83 -0.02 4.97
C PHE A 75 -2.96 -0.03 3.94
N ALA A 76 -3.03 -1.04 3.06
CA ALA A 76 -4.08 -1.15 2.05
C ALA A 76 -5.50 -1.23 2.64
N ARG A 77 -5.68 -1.89 3.79
CA ARG A 77 -6.98 -1.92 4.50
C ARG A 77 -7.34 -0.56 5.11
N HIS A 78 -6.37 0.23 5.56
CA HIS A 78 -6.59 1.63 5.95
C HIS A 78 -7.03 2.52 4.77
N ILE A 79 -6.40 2.37 3.60
CA ILE A 79 -6.82 3.04 2.35
C ILE A 79 -8.24 2.61 1.94
N ALA A 80 -8.55 1.31 2.02
CA ALA A 80 -9.86 0.76 1.71
C ALA A 80 -10.96 1.26 2.66
N GLU A 81 -10.73 1.27 3.97
CA GLU A 81 -11.68 1.79 4.97
C GLU A 81 -11.87 3.31 4.88
N SER A 82 -10.85 4.06 4.43
CA SER A 82 -11.00 5.49 4.13
C SER A 82 -11.96 5.77 2.95
N LEU A 83 -12.06 4.82 2.01
CA LEU A 83 -13.03 4.82 0.90
C LEU A 83 -14.38 4.15 1.25
N GLY A 84 -14.50 3.50 2.42
CA GLY A 84 -15.67 2.75 2.86
C GLY A 84 -15.83 1.36 2.21
N ALA A 85 -14.77 0.81 1.60
CA ALA A 85 -14.74 -0.51 0.97
C ALA A 85 -14.70 -1.66 2.01
O23 PNS B . 16.26 10.89 3.72
P24 PNS B . 15.07 10.76 4.61
O26 PNS B . 14.52 11.98 5.27
O27 PNS B . 15.41 9.65 5.72
C28 PNS B . 14.84 9.71 7.01
C29 PNS B . 15.03 8.38 7.79
C30 PNS B . 14.38 7.22 7.00
C31 PNS B . 16.54 8.11 7.92
C32 PNS B . 14.38 8.57 9.20
O33 PNS B . 12.97 8.84 9.07
C34 PNS B . 14.66 7.41 10.20
O35 PNS B . 15.56 7.50 11.04
N36 PNS B . 13.88 6.31 10.11
C37 PNS B . 13.98 5.14 10.98
C38 PNS B . 14.86 4.10 10.31
C39 PNS B . 15.04 2.87 11.20
O40 PNS B . 16.05 2.76 11.90
N41 PNS B . 14.06 1.97 11.19
C42 PNS B . 14.05 0.71 11.93
C43 PNS B . 14.21 -0.48 10.99
S44 PNS B . 15.78 -0.43 10.10
H282 PNS B . 13.77 9.92 6.93
H281 PNS B . 15.29 10.52 7.57
H303 PNS B . 13.32 7.39 6.87
H302 PNS B . 14.84 7.12 6.01
H301 PNS B . 14.54 6.27 7.52
H313 PNS B . 17.01 8.92 8.49
H312 PNS B . 16.72 7.17 8.44
H311 PNS B . 17.02 8.06 6.95
H32 PNS B . 14.85 9.45 9.64
H33 PNS B . 12.61 9.08 9.95
H36 PNS B . 13.15 6.34 9.42
H372 PNS B . 14.40 5.42 11.95
H371 PNS B . 12.98 4.73 11.14
H382 PNS B . 14.44 3.80 9.36
H381 PNS B . 15.85 4.53 10.11
H41 PNS B . 13.26 2.17 10.60
H422 PNS B . 14.85 0.69 12.67
H421 PNS B . 13.10 0.63 12.46
H431 PNS B . 14.17 -1.41 11.58
H432 PNS B . 13.38 -0.50 10.28
H44 PNS B . 16.56 -0.40 11.20
N GLY A 1 -20.51 -3.17 -12.75
CA GLY A 1 -19.08 -3.51 -12.68
C GLY A 1 -18.85 -4.96 -12.26
N PRO A 2 -17.64 -5.50 -12.45
CA PRO A 2 -17.28 -6.88 -12.08
C PRO A 2 -17.25 -7.12 -10.56
N GLY A 3 -17.39 -8.39 -10.17
CA GLY A 3 -17.25 -8.84 -8.79
C GLY A 3 -15.79 -8.88 -8.26
N SER A 4 -15.64 -9.19 -6.98
CA SER A 4 -14.35 -9.33 -6.31
C SER A 4 -14.40 -10.36 -5.17
N ALA A 5 -13.25 -10.96 -4.86
CA ALA A 5 -13.07 -11.97 -3.80
C ALA A 5 -13.10 -11.37 -2.37
N GLY A 6 -12.81 -10.06 -2.24
CA GLY A 6 -12.84 -9.32 -0.98
C GLY A 6 -12.74 -7.81 -1.18
N ARG A 7 -13.55 -7.03 -0.45
CA ARG A 7 -13.74 -5.57 -0.61
C ARG A 7 -12.47 -4.75 -0.33
N GLN A 8 -11.67 -5.14 0.67
CA GLN A 8 -10.37 -4.52 0.99
C GLN A 8 -9.19 -5.25 0.31
N GLU A 9 -9.34 -6.53 -0.03
CA GLU A 9 -8.30 -7.35 -0.68
C GLU A 9 -7.97 -6.85 -2.10
N GLU A 10 -8.98 -6.42 -2.87
CA GLU A 10 -8.82 -5.85 -4.21
C GLU A 10 -8.08 -4.49 -4.22
N ILE A 11 -8.08 -3.76 -3.09
CA ILE A 11 -7.27 -2.55 -2.86
C ILE A 11 -5.85 -2.92 -2.39
N ALA A 12 -5.71 -3.92 -1.51
CA ALA A 12 -4.41 -4.37 -1.00
C ALA A 12 -3.47 -4.89 -2.09
N GLU A 13 -3.96 -5.63 -3.08
CA GLU A 13 -3.15 -6.06 -4.23
C GLU A 13 -2.68 -4.87 -5.11
N GLU A 14 -3.45 -3.79 -5.20
CA GLU A 14 -3.10 -2.59 -5.96
C GLU A 14 -2.08 -1.71 -5.21
N VAL A 15 -2.22 -1.59 -3.88
CA VAL A 15 -1.23 -0.94 -3.01
C VAL A 15 0.13 -1.67 -3.05
N ALA A 16 0.13 -3.01 -3.16
CA ALA A 16 1.34 -3.79 -3.39
C ALA A 16 2.00 -3.52 -4.76
N ARG A 17 1.22 -3.34 -5.84
CA ARG A 17 1.73 -2.94 -7.16
C ARG A 17 2.31 -1.51 -7.16
N LEU A 18 1.65 -0.57 -6.49
CA LEU A 18 2.12 0.81 -6.33
C LEU A 18 3.45 0.84 -5.58
N LEU A 19 3.61 0.05 -4.50
CA LEU A 19 4.88 -0.10 -3.79
C LEU A 19 5.96 -0.76 -4.66
N ALA A 20 5.65 -1.85 -5.38
CA ALA A 20 6.61 -2.54 -6.25
C ALA A 20 7.15 -1.58 -7.34
N GLY A 21 6.29 -0.75 -7.94
CA GLY A 21 6.67 0.26 -8.93
C GLY A 21 7.63 1.32 -8.39
N VAL A 22 7.43 1.80 -7.16
CA VAL A 22 8.34 2.76 -6.48
C VAL A 22 9.70 2.13 -6.18
N LEU A 23 9.72 0.88 -5.68
CA LEU A 23 10.93 0.15 -5.30
C LEU A 23 11.65 -0.55 -6.46
N TYR A 24 11.15 -0.40 -7.70
CA TYR A 24 11.62 -1.09 -8.91
C TYR A 24 11.59 -2.64 -8.81
N LEU A 25 10.71 -3.17 -7.95
CA LEU A 25 10.39 -4.60 -7.83
C LEU A 25 9.31 -5.01 -8.85
N GLU A 26 9.18 -6.32 -9.04
CA GLU A 26 7.98 -6.94 -9.62
C GLU A 26 6.93 -7.18 -8.52
N PRO A 27 5.63 -6.93 -8.78
CA PRO A 27 4.56 -7.27 -7.83
C PRO A 27 4.42 -8.79 -7.61
N ASP A 28 4.95 -9.61 -8.53
CA ASP A 28 5.02 -11.07 -8.41
C ASP A 28 6.05 -11.56 -7.37
N ARG A 29 7.03 -10.74 -6.98
CA ARG A 29 8.05 -11.06 -5.96
C ARG A 29 7.93 -10.28 -4.66
N LEU A 30 7.27 -9.11 -4.66
CA LEU A 30 6.99 -8.33 -3.45
C LEU A 30 5.99 -9.07 -2.54
N ASP A 31 6.34 -9.25 -1.26
CA ASP A 31 5.47 -9.85 -0.24
C ASP A 31 4.66 -8.76 0.50
N PRO A 32 3.30 -8.74 0.41
CA PRO A 32 2.49 -7.70 1.05
C PRO A 32 2.53 -7.73 2.58
N GLU A 33 2.82 -8.89 3.17
CA GLU A 33 2.94 -9.08 4.62
C GLU A 33 4.29 -8.59 5.21
N GLU A 34 5.28 -8.27 4.36
CA GLU A 34 6.59 -7.75 4.78
C GLU A 34 6.55 -6.21 4.96
N THR A 35 7.31 -5.66 5.92
CA THR A 35 7.27 -4.22 6.23
C THR A 35 7.89 -3.35 5.14
N PHE A 36 7.46 -2.09 5.05
CA PHE A 36 8.03 -1.08 4.16
C PHE A 36 9.55 -0.94 4.37
N LEU A 37 10.01 -0.92 5.63
CA LEU A 37 11.42 -0.80 6.00
C LEU A 37 12.24 -2.05 5.57
N THR A 38 11.67 -3.26 5.69
CA THR A 38 12.32 -4.50 5.26
C THR A 38 12.36 -4.64 3.73
N LEU A 39 11.31 -4.20 3.03
CA LEU A 39 11.24 -4.14 1.56
C LEU A 39 12.19 -3.08 0.94
N GLY A 40 12.66 -2.11 1.73
CA GLY A 40 13.69 -1.14 1.35
C GLY A 40 13.21 0.30 1.16
N VAL A 41 12.05 0.68 1.71
CA VAL A 41 11.53 2.05 1.69
C VAL A 41 12.39 2.98 2.57
N ASP A 42 13.17 3.84 1.93
CA ASP A 42 13.76 5.05 2.55
C ASP A 42 12.73 6.20 2.60
N SER A 43 13.01 7.25 3.36
CA SER A 43 12.11 8.42 3.56
C SER A 43 11.50 8.97 2.26
N ILE A 44 12.35 9.23 1.26
CA ILE A 44 11.97 9.79 -0.04
C ILE A 44 11.07 8.81 -0.83
N LEU A 45 11.39 7.52 -0.79
CA LEU A 45 10.58 6.46 -1.41
C LEU A 45 9.24 6.29 -0.70
N GLY A 46 9.18 6.53 0.61
CA GLY A 46 7.94 6.57 1.40
C GLY A 46 7.02 7.70 0.96
N VAL A 47 7.55 8.92 0.79
CA VAL A 47 6.80 10.06 0.23
C VAL A 47 6.31 9.78 -1.20
N GLU A 48 7.13 9.15 -2.05
CA GLU A 48 6.72 8.78 -3.42
C GLU A 48 5.62 7.71 -3.44
N PHE A 49 5.68 6.70 -2.57
CA PHE A 49 4.62 5.70 -2.41
C PHE A 49 3.30 6.32 -1.89
N VAL A 50 3.38 7.20 -0.89
CA VAL A 50 2.22 7.93 -0.36
C VAL A 50 1.58 8.82 -1.44
N ALA A 51 2.38 9.50 -2.26
CA ALA A 51 1.92 10.27 -3.41
C ALA A 51 1.28 9.38 -4.50
N ALA A 52 1.85 8.20 -4.78
CA ALA A 52 1.30 7.24 -5.74
C ALA A 52 -0.07 6.68 -5.30
N VAL A 53 -0.26 6.41 -4.00
CA VAL A 53 -1.56 6.00 -3.44
C VAL A 53 -2.58 7.15 -3.46
N ASN A 54 -2.15 8.39 -3.17
CA ASN A 54 -2.99 9.60 -3.34
C ASN A 54 -3.40 9.88 -4.81
N ALA A 55 -2.57 9.46 -5.78
CA ALA A 55 -2.90 9.52 -7.21
C ALA A 55 -3.86 8.40 -7.65
N ALA A 56 -3.67 7.18 -7.13
CA ALA A 56 -4.52 6.02 -7.41
C ALA A 56 -5.94 6.12 -6.80
N TYR A 57 -6.06 6.72 -5.61
CA TYR A 57 -7.30 6.86 -4.86
C TYR A 57 -7.43 8.25 -4.19
N PRO A 58 -8.61 8.90 -4.18
CA PRO A 58 -8.83 10.23 -3.61
C PRO A 58 -8.98 10.22 -2.07
N VAL A 59 -8.07 9.53 -1.37
CA VAL A 59 -8.11 9.26 0.08
C VAL A 59 -7.42 10.33 0.93
N GLY A 60 -6.53 11.13 0.32
CA GLY A 60 -5.82 12.22 1.00
C GLY A 60 -4.82 11.79 2.08
N VAL A 61 -4.30 10.55 2.04
CA VAL A 61 -3.51 9.97 3.15
C VAL A 61 -2.18 10.69 3.37
N LYS A 62 -1.83 10.94 4.63
CA LYS A 62 -0.54 11.52 5.06
C LYS A 62 0.49 10.43 5.36
N ALA A 63 1.78 10.75 5.24
CA ALA A 63 2.89 9.81 5.44
C ALA A 63 2.99 9.24 6.87
N THR A 64 2.31 9.85 7.86
CA THR A 64 2.22 9.34 9.24
C THR A 64 1.54 7.96 9.32
N ALA A 65 0.70 7.60 8.34
CA ALA A 65 0.07 6.27 8.27
C ALA A 65 1.06 5.12 8.02
N LEU A 66 2.27 5.41 7.51
CA LEU A 66 3.37 4.43 7.37
C LEU A 66 3.89 3.91 8.72
N TYR A 67 3.78 4.71 9.79
CA TYR A 67 4.17 4.32 11.16
C TYR A 67 3.07 3.54 11.89
N ASP A 68 1.81 3.93 11.70
CA ASP A 68 0.64 3.23 12.25
C ASP A 68 0.38 1.86 11.59
N HIS A 69 0.71 1.74 10.29
CA HIS A 69 0.53 0.54 9.47
C HIS A 69 1.85 0.20 8.73
N PRO A 70 2.69 -0.71 9.28
CA PRO A 70 4.08 -0.90 8.81
C PRO A 70 4.23 -1.72 7.53
N THR A 71 3.18 -2.35 7.01
CA THR A 71 3.17 -3.15 5.77
C THR A 71 2.18 -2.58 4.75
N PRO A 72 2.35 -2.80 3.42
CA PRO A 72 1.36 -2.38 2.42
C PRO A 72 -0.01 -3.04 2.61
N ALA A 73 -0.06 -4.28 3.11
CA ALA A 73 -1.31 -4.97 3.42
C ALA A 73 -2.06 -4.32 4.61
N ALA A 74 -1.35 -3.89 5.66
CA ALA A 74 -1.95 -3.14 6.77
C ALA A 74 -2.34 -1.72 6.34
N PHE A 75 -1.50 -1.04 5.55
CA PHE A 75 -1.72 0.32 5.07
C PHE A 75 -2.98 0.42 4.19
N ALA A 76 -3.20 -0.58 3.32
CA ALA A 76 -4.38 -0.70 2.46
C ALA A 76 -5.73 -0.72 3.21
N ARG A 77 -5.76 -1.12 4.50
CA ARG A 77 -6.97 -1.09 5.34
C ARG A 77 -7.47 0.35 5.53
N HIS A 78 -6.57 1.30 5.80
CA HIS A 78 -6.91 2.72 5.92
C HIS A 78 -7.41 3.30 4.58
N ILE A 79 -6.78 2.91 3.47
CA ILE A 79 -7.18 3.32 2.12
C ILE A 79 -8.61 2.84 1.81
N ALA A 80 -8.90 1.57 2.10
CA ALA A 80 -10.23 0.97 1.95
C ALA A 80 -11.29 1.62 2.86
N GLU A 81 -11.01 1.81 4.15
CA GLU A 81 -11.92 2.49 5.09
C GLU A 81 -12.23 3.93 4.69
N SER A 82 -11.26 4.67 4.14
CA SER A 82 -11.45 6.01 3.59
C SER A 82 -12.39 6.03 2.37
N LEU A 83 -12.31 5.00 1.51
CA LEU A 83 -13.22 4.78 0.37
C LEU A 83 -14.59 4.18 0.78
N GLY A 84 -14.76 3.78 2.03
CA GLY A 84 -15.96 3.10 2.54
C GLY A 84 -16.08 1.62 2.14
N ALA A 85 -15.00 1.02 1.62
CA ALA A 85 -14.92 -0.38 1.18
C ALA A 85 -14.77 -1.36 2.37
O23 PNS B . 14.21 11.33 6.12
P24 PNS B . 14.74 9.95 6.08
O26 PNS B . 15.03 9.27 7.37
O27 PNS B . 16.05 9.88 5.18
C28 PNS B . 16.20 10.69 4.03
C29 PNS B . 17.58 10.49 3.36
C30 PNS B . 17.70 11.52 2.22
C31 PNS B . 18.68 10.81 4.40
C32 PNS B . 17.71 9.02 2.85
O33 PNS B . 16.70 8.76 1.86
C34 PNS B . 19.13 8.65 2.34
O35 PNS B . 19.96 8.13 3.10
N36 PNS B . 19.40 8.89 1.05
C37 PNS B . 20.67 8.57 0.39
C38 PNS B . 21.52 9.84 0.31
C39 PNS B . 22.87 9.63 -0.38
O40 PNS B . 23.24 8.49 -0.71
N41 PNS B . 23.66 10.67 -0.64
C42 PNS B . 23.40 12.07 -0.36
C43 PNS B . 22.80 12.76 -1.60
S44 PNS B . 23.96 12.70 -3.00
H282 PNS B . 16.07 11.73 4.29
H281 PNS B . 15.44 10.43 3.30
H303 PNS B . 17.59 12.53 2.61
H302 PNS B . 18.68 11.45 1.73
H301 PNS B . 16.93 11.35 1.47
H313 PNS B . 18.70 10.07 5.20
H312 PNS B . 19.67 10.83 3.92
H311 PNS B . 18.50 11.79 4.84
H32 PNS B . 17.51 8.36 3.70
H33 PNS B . 16.79 7.85 1.54
H36 PNS B . 18.66 9.30 0.51
H372 PNS B . 21.21 7.80 0.92
H371 PNS B . 20.46 8.23 -0.62
H382 PNS B . 20.97 10.61 -0.24
H381 PNS B . 21.71 10.22 1.32
H41 PNS B . 24.52 10.45 -1.12
H422 PNS B . 22.71 12.19 0.48
H421 PNS B . 24.34 12.57 -0.10
H431 PNS B . 21.87 12.26 -1.86
H432 PNS B . 22.60 13.80 -1.36
H44 PNS B . 24.96 13.37 -2.39
N GLY A 1 -9.56 -14.86 -9.58
CA GLY A 1 -8.48 -13.93 -9.99
C GLY A 1 -8.24 -12.86 -8.93
N PRO A 2 -7.84 -11.64 -9.33
CA PRO A 2 -7.61 -10.51 -8.42
C PRO A 2 -8.87 -10.11 -7.62
N GLY A 3 -8.68 -9.74 -6.35
CA GLY A 3 -9.74 -9.19 -5.48
C GLY A 3 -10.83 -10.17 -5.05
N SER A 4 -10.65 -11.49 -5.19
CA SER A 4 -11.72 -12.49 -4.96
C SER A 4 -12.24 -12.55 -3.50
N ALA A 5 -11.42 -12.12 -2.54
CA ALA A 5 -11.79 -12.03 -1.12
C ALA A 5 -12.59 -10.75 -0.76
N GLY A 6 -12.63 -9.75 -1.65
CA GLY A 6 -13.39 -8.50 -1.46
C GLY A 6 -12.67 -7.26 -2.03
N ARG A 7 -13.33 -6.10 -1.95
CA ARG A 7 -12.77 -4.81 -2.44
C ARG A 7 -11.51 -4.39 -1.67
N GLN A 8 -11.42 -4.70 -0.39
CA GLN A 8 -10.21 -4.41 0.41
C GLN A 8 -9.00 -5.23 -0.06
N GLU A 9 -9.20 -6.47 -0.55
CA GLU A 9 -8.15 -7.30 -1.16
C GLU A 9 -7.73 -6.77 -2.55
N GLU A 10 -8.68 -6.31 -3.38
CA GLU A 10 -8.38 -5.63 -4.65
C GLU A 10 -7.51 -4.38 -4.43
N ILE A 11 -7.85 -3.59 -3.40
CA ILE A 11 -7.06 -2.41 -3.00
C ILE A 11 -5.68 -2.83 -2.46
N ALA A 12 -5.58 -3.89 -1.66
CA ALA A 12 -4.29 -4.39 -1.16
C ALA A 12 -3.35 -4.88 -2.29
N GLU A 13 -3.88 -5.56 -3.31
CA GLU A 13 -3.10 -5.97 -4.49
C GLU A 13 -2.67 -4.78 -5.35
N GLU A 14 -3.51 -3.75 -5.49
CA GLU A 14 -3.14 -2.50 -6.19
C GLU A 14 -2.09 -1.70 -5.40
N VAL A 15 -2.21 -1.60 -4.07
CA VAL A 15 -1.22 -0.96 -3.19
C VAL A 15 0.13 -1.68 -3.22
N ALA A 16 0.13 -3.02 -3.27
CA ALA A 16 1.36 -3.81 -3.47
C ALA A 16 2.02 -3.55 -4.84
N ARG A 17 1.24 -3.39 -5.92
CA ARG A 17 1.73 -3.00 -7.25
C ARG A 17 2.29 -1.57 -7.28
N LEU A 18 1.63 -0.61 -6.62
CA LEU A 18 2.12 0.76 -6.46
C LEU A 18 3.46 0.79 -5.70
N LEU A 19 3.60 0.01 -4.62
CA LEU A 19 4.84 -0.10 -3.87
C LEU A 19 5.97 -0.74 -4.71
N ALA A 20 5.69 -1.88 -5.36
CA ALA A 20 6.67 -2.56 -6.20
C ALA A 20 7.17 -1.67 -7.37
N GLY A 21 6.28 -0.86 -7.96
CA GLY A 21 6.63 0.14 -8.98
C GLY A 21 7.60 1.23 -8.47
N VAL A 22 7.38 1.77 -7.26
CA VAL A 22 8.29 2.73 -6.61
C VAL A 22 9.65 2.10 -6.29
N LEU A 23 9.66 0.84 -5.85
CA LEU A 23 10.88 0.09 -5.47
C LEU A 23 11.58 -0.61 -6.65
N TYR A 24 11.15 -0.34 -7.89
CA TYR A 24 11.71 -0.93 -9.13
C TYR A 24 11.72 -2.47 -9.13
N LEU A 25 10.65 -3.08 -8.60
CA LEU A 25 10.51 -4.52 -8.34
C LEU A 25 9.20 -5.07 -8.95
N GLU A 26 9.10 -6.39 -9.08
CA GLU A 26 7.89 -7.10 -9.50
C GLU A 26 6.92 -7.31 -8.32
N PRO A 27 5.58 -7.19 -8.52
CA PRO A 27 4.60 -7.37 -7.45
C PRO A 27 4.49 -8.83 -6.97
N ASP A 28 4.90 -9.81 -7.79
CA ASP A 28 4.86 -11.24 -7.47
C ASP A 28 5.97 -11.68 -6.49
N ARG A 29 7.09 -10.94 -6.42
CA ARG A 29 8.24 -11.24 -5.52
C ARG A 29 8.34 -10.32 -4.31
N LEU A 30 7.71 -9.15 -4.35
CA LEU A 30 7.45 -8.32 -3.15
C LEU A 30 6.50 -9.05 -2.20
N ASP A 31 6.81 -9.08 -0.89
CA ASP A 31 5.96 -9.69 0.14
C ASP A 31 5.03 -8.65 0.80
N PRO A 32 3.69 -8.69 0.62
CA PRO A 32 2.79 -7.70 1.18
C PRO A 32 2.73 -7.68 2.72
N GLU A 33 3.07 -8.80 3.36
CA GLU A 33 3.10 -8.94 4.83
C GLU A 33 4.43 -8.48 5.45
N GLU A 34 5.44 -8.13 4.67
CA GLU A 34 6.72 -7.59 5.16
C GLU A 34 6.63 -6.07 5.43
N THR A 35 7.41 -5.55 6.38
CA THR A 35 7.40 -4.11 6.71
C THR A 35 8.01 -3.24 5.60
N PHE A 36 7.54 -2.00 5.47
CA PHE A 36 8.09 -1.02 4.52
C PHE A 36 9.62 -0.84 4.72
N LEU A 37 10.08 -0.77 5.97
CA LEU A 37 11.50 -0.62 6.31
C LEU A 37 12.34 -1.84 5.89
N THR A 38 11.82 -3.06 6.04
CA THR A 38 12.51 -4.29 5.63
C THR A 38 12.48 -4.51 4.10
N LEU A 39 11.42 -4.03 3.44
CA LEU A 39 11.33 -3.91 1.96
C LEU A 39 12.26 -2.83 1.38
N GLY A 40 12.92 -2.02 2.22
CA GLY A 40 13.92 -1.04 1.81
C GLY A 40 13.38 0.36 1.50
N VAL A 41 12.17 0.68 1.97
CA VAL A 41 11.53 2.02 1.81
C VAL A 41 12.26 3.04 2.70
N ASP A 42 13.10 3.88 2.09
CA ASP A 42 13.61 5.12 2.71
C ASP A 42 12.56 6.24 2.67
N SER A 43 12.78 7.34 3.40
CA SER A 43 11.90 8.53 3.44
C SER A 43 11.35 8.96 2.08
N ILE A 44 12.22 9.17 1.09
CA ILE A 44 11.87 9.63 -0.26
C ILE A 44 10.97 8.61 -0.97
N LEU A 45 11.29 7.32 -0.88
CA LEU A 45 10.50 6.23 -1.45
C LEU A 45 9.14 6.11 -0.74
N GLY A 46 9.08 6.37 0.57
CA GLY A 46 7.85 6.46 1.35
C GLY A 46 6.94 7.60 0.87
N VAL A 47 7.50 8.80 0.70
CA VAL A 47 6.78 9.97 0.16
C VAL A 47 6.27 9.72 -1.27
N GLU A 48 7.07 9.09 -2.14
CA GLU A 48 6.67 8.74 -3.51
C GLU A 48 5.55 7.68 -3.55
N PHE A 49 5.61 6.66 -2.70
CA PHE A 49 4.55 5.67 -2.53
C PHE A 49 3.24 6.29 -1.99
N VAL A 50 3.33 7.17 -0.99
CA VAL A 50 2.19 7.92 -0.44
C VAL A 50 1.56 8.83 -1.50
N ALA A 51 2.38 9.52 -2.30
CA ALA A 51 1.92 10.34 -3.43
C ALA A 51 1.26 9.50 -4.54
N ALA A 52 1.79 8.30 -4.84
CA ALA A 52 1.19 7.38 -5.81
C ALA A 52 -0.18 6.85 -5.33
N VAL A 53 -0.35 6.56 -4.03
CA VAL A 53 -1.64 6.19 -3.43
C VAL A 53 -2.63 7.37 -3.44
N ASN A 54 -2.18 8.59 -3.16
CA ASN A 54 -2.99 9.82 -3.28
C ASN A 54 -3.42 10.11 -4.73
N ALA A 55 -2.63 9.70 -5.73
CA ALA A 55 -2.98 9.79 -7.15
C ALA A 55 -3.97 8.68 -7.59
N ALA A 56 -3.79 7.45 -7.09
CA ALA A 56 -4.65 6.30 -7.38
C ALA A 56 -6.05 6.41 -6.73
N TYR A 57 -6.13 6.99 -5.53
CA TYR A 57 -7.35 7.09 -4.72
C TYR A 57 -7.49 8.47 -4.03
N PRO A 58 -8.70 9.07 -3.99
CA PRO A 58 -8.94 10.39 -3.38
C PRO A 58 -9.02 10.36 -1.83
N VAL A 59 -8.10 9.66 -1.19
CA VAL A 59 -8.08 9.39 0.27
C VAL A 59 -7.35 10.47 1.08
N GLY A 60 -6.48 11.26 0.44
CA GLY A 60 -5.74 12.34 1.09
C GLY A 60 -4.72 11.90 2.15
N VAL A 61 -4.25 10.64 2.10
CA VAL A 61 -3.48 10.01 3.20
C VAL A 61 -2.11 10.69 3.41
N LYS A 62 -1.73 10.88 4.69
CA LYS A 62 -0.45 11.44 5.11
C LYS A 62 0.58 10.33 5.38
N ALA A 63 1.87 10.66 5.26
CA ALA A 63 2.98 9.70 5.43
C ALA A 63 3.09 9.10 6.85
N THR A 64 2.45 9.70 7.85
CA THR A 64 2.36 9.15 9.22
C THR A 64 1.67 7.76 9.27
N ALA A 65 0.79 7.46 8.30
CA ALA A 65 0.14 6.16 8.19
C ALA A 65 1.12 4.99 7.91
N LEU A 66 2.32 5.26 7.39
CA LEU A 66 3.37 4.26 7.19
C LEU A 66 3.92 3.69 8.53
N TYR A 67 3.86 4.48 9.60
CA TYR A 67 4.26 4.07 10.96
C TYR A 67 3.12 3.41 11.74
N ASP A 68 1.89 3.92 11.58
CA ASP A 68 0.68 3.31 12.17
C ASP A 68 0.33 1.94 11.58
N HIS A 69 0.65 1.72 10.30
CA HIS A 69 0.43 0.46 9.56
C HIS A 69 1.74 0.05 8.85
N PRO A 70 2.63 -0.75 9.48
CA PRO A 70 3.99 -0.98 8.99
C PRO A 70 4.14 -1.71 7.65
N THR A 71 3.09 -2.36 7.14
CA THR A 71 3.12 -3.21 5.93
C THR A 71 2.13 -2.67 4.89
N PRO A 72 2.36 -2.87 3.58
CA PRO A 72 1.40 -2.47 2.55
C PRO A 72 0.05 -3.19 2.68
N ALA A 73 0.02 -4.44 3.16
CA ALA A 73 -1.22 -5.17 3.45
C ALA A 73 -2.06 -4.52 4.57
N ALA A 74 -1.43 -4.10 5.68
CA ALA A 74 -2.12 -3.38 6.74
C ALA A 74 -2.50 -1.95 6.33
N PHE A 75 -1.61 -1.24 5.62
CA PHE A 75 -1.81 0.12 5.13
C PHE A 75 -3.00 0.19 4.16
N ALA A 76 -3.15 -0.77 3.25
CA ALA A 76 -4.26 -0.83 2.30
C ALA A 76 -5.66 -0.92 2.95
N ARG A 77 -5.78 -1.49 4.15
CA ARG A 77 -7.04 -1.51 4.92
C ARG A 77 -7.47 -0.10 5.31
N HIS A 78 -6.54 0.75 5.74
CA HIS A 78 -6.80 2.16 6.03
C HIS A 78 -7.24 2.94 4.79
N ILE A 79 -6.59 2.68 3.63
CA ILE A 79 -6.98 3.26 2.34
C ILE A 79 -8.41 2.85 1.95
N ALA A 80 -8.75 1.57 2.10
CA ALA A 80 -10.10 1.06 1.83
C ALA A 80 -11.17 1.63 2.79
N GLU A 81 -10.88 1.78 4.08
CA GLU A 81 -11.81 2.39 5.06
C GLU A 81 -12.05 3.88 4.78
N SER A 82 -11.04 4.63 4.29
CA SER A 82 -11.21 6.01 3.83
C SER A 82 -12.10 6.14 2.57
N LEU A 83 -12.11 5.11 1.72
CA LEU A 83 -13.01 5.00 0.56
C LEU A 83 -14.41 4.47 0.92
N GLY A 84 -14.58 3.87 2.10
CA GLY A 84 -15.78 3.11 2.50
C GLY A 84 -15.94 1.77 1.77
N ALA A 85 -14.86 1.26 1.15
CA ALA A 85 -14.82 0.02 0.36
C ALA A 85 -14.94 -1.26 1.22
O23 PNS B . 13.27 10.48 7.73
P24 PNS B . 13.62 10.63 6.29
O26 PNS B . 15.04 10.49 5.89
O27 PNS B . 13.09 12.05 5.77
C28 PNS B . 11.82 12.54 6.13
C29 PNS B . 11.45 13.79 5.32
C30 PNS B . 11.48 13.47 3.79
C31 PNS B . 9.96 14.11 5.63
C32 PNS B . 12.34 15.03 5.65
O33 PNS B . 12.10 15.46 6.99
C34 PNS B . 13.86 14.84 5.37
O35 PNS B . 14.67 14.64 6.29
N36 PNS B . 14.27 14.95 4.10
C37 PNS B . 15.65 14.70 3.66
C38 PNS B . 15.80 15.15 2.21
C39 PNS B . 17.16 14.75 1.60
O40 PNS B . 18.01 14.18 2.29
N41 PNS B . 17.41 14.99 0.32
C42 PNS B . 16.55 15.67 -0.65
C43 PNS B . 16.93 17.15 -0.72
S44 PNS B . 15.91 17.98 -1.96
H282 PNS B . 11.81 12.76 7.20
H281 PNS B . 11.08 11.76 5.94
H303 PNS B . 10.77 12.67 3.57
H302 PNS B . 11.19 14.35 3.22
H301 PNS B . 12.46 13.13 3.48
H313 PNS B . 9.82 14.27 6.70
H312 PNS B . 9.64 15.00 5.09
H311 PNS B . 9.31 13.28 5.32
H32 PNS B . 12.01 15.84 4.99
H33 PNS B . 12.75 16.13 7.24
H36 PNS B . 13.59 15.14 3.39
H372 PNS B . 16.35 15.26 4.29
H371 PNS B . 15.86 13.63 3.75
H382 PNS B . 15.02 14.69 1.61
H381 PNS B . 15.71 16.23 2.15
H41 PNS B . 18.30 14.67 -0.01
H422 PNS B . 16.69 15.22 -1.63
H421 PNS B . 15.50 15.57 -0.38
H431 PNS B . 16.77 17.61 0.25
H432 PNS B . 17.98 17.25 -0.99
H44 PNS B . 16.36 17.28 -3.03
N GLY A 1 -11.40 -23.60 2.55
CA GLY A 1 -10.84 -23.37 1.20
C GLY A 1 -10.31 -21.94 1.03
N PRO A 2 -9.79 -21.59 -0.16
CA PRO A 2 -9.25 -20.27 -0.46
C PRO A 2 -10.32 -19.16 -0.52
N GLY A 3 -9.89 -17.90 -0.41
CA GLY A 3 -10.73 -16.69 -0.40
C GLY A 3 -10.08 -15.53 -1.15
N SER A 4 -9.71 -14.47 -0.44
CA SER A 4 -8.95 -13.31 -0.94
C SER A 4 -9.68 -12.51 -2.05
N ALA A 5 -11.01 -12.52 -2.03
CA ALA A 5 -11.88 -11.96 -3.07
C ALA A 5 -12.65 -10.68 -2.66
N GLY A 6 -12.40 -10.12 -1.47
CA GLY A 6 -13.07 -8.92 -0.94
C GLY A 6 -12.54 -7.59 -1.50
N ARG A 7 -13.30 -6.51 -1.37
CA ARG A 7 -12.93 -5.14 -1.83
C ARG A 7 -11.66 -4.61 -1.15
N GLN A 8 -11.45 -4.92 0.13
CA GLN A 8 -10.20 -4.56 0.84
C GLN A 8 -8.98 -5.26 0.24
N GLU A 9 -9.12 -6.54 -0.16
CA GLU A 9 -8.04 -7.31 -0.77
C GLU A 9 -7.77 -6.90 -2.23
N GLU A 10 -8.82 -6.49 -2.96
CA GLU A 10 -8.75 -5.89 -4.29
C GLU A 10 -7.98 -4.55 -4.30
N ILE A 11 -8.10 -3.76 -3.23
CA ILE A 11 -7.27 -2.57 -2.99
C ILE A 11 -5.84 -2.97 -2.57
N ALA A 12 -5.69 -3.99 -1.71
CA ALA A 12 -4.37 -4.43 -1.21
C ALA A 12 -3.44 -4.96 -2.31
N GLU A 13 -3.95 -5.69 -3.31
CA GLU A 13 -3.15 -6.11 -4.47
C GLU A 13 -2.70 -4.91 -5.33
N GLU A 14 -3.50 -3.83 -5.40
CA GLU A 14 -3.12 -2.61 -6.12
C GLU A 14 -2.10 -1.77 -5.35
N VAL A 15 -2.24 -1.69 -4.02
CA VAL A 15 -1.24 -1.07 -3.12
C VAL A 15 0.11 -1.81 -3.19
N ALA A 16 0.11 -3.14 -3.32
CA ALA A 16 1.32 -3.93 -3.55
C ALA A 16 1.98 -3.63 -4.92
N ARG A 17 1.20 -3.43 -5.99
CA ARG A 17 1.70 -2.99 -7.32
C ARG A 17 2.30 -1.59 -7.27
N LEU A 18 1.64 -0.64 -6.59
CA LEU A 18 2.17 0.72 -6.38
C LEU A 18 3.51 0.70 -5.62
N LEU A 19 3.61 -0.10 -4.57
CA LEU A 19 4.87 -0.26 -3.82
C LEU A 19 5.97 -0.91 -4.66
N ALA A 20 5.67 -2.01 -5.37
CA ALA A 20 6.63 -2.68 -6.25
C ALA A 20 7.16 -1.73 -7.34
N GLY A 21 6.28 -0.90 -7.94
CA GLY A 21 6.66 0.11 -8.93
C GLY A 21 7.62 1.19 -8.40
N VAL A 22 7.38 1.68 -7.18
CA VAL A 22 8.29 2.63 -6.48
C VAL A 22 9.65 2.01 -6.17
N LEU A 23 9.67 0.75 -5.73
CA LEU A 23 10.88 0.00 -5.35
C LEU A 23 11.58 -0.70 -6.53
N TYR A 24 11.13 -0.46 -7.77
CA TYR A 24 11.65 -1.06 -9.02
C TYR A 24 11.65 -2.60 -9.03
N LEU A 25 10.72 -3.20 -8.30
CA LEU A 25 10.52 -4.64 -8.12
C LEU A 25 9.27 -5.13 -8.89
N GLU A 26 9.10 -6.45 -9.01
CA GLU A 26 7.86 -7.08 -9.48
C GLU A 26 6.95 -7.45 -8.29
N PRO A 27 5.62 -7.29 -8.41
CA PRO A 27 4.67 -7.62 -7.35
C PRO A 27 4.56 -9.13 -7.10
N ASP A 28 4.99 -9.97 -8.05
CA ASP A 28 5.07 -11.43 -7.93
C ASP A 28 6.14 -11.91 -6.94
N ARG A 29 7.17 -11.09 -6.66
CA ARG A 29 8.24 -11.37 -5.69
C ARG A 29 8.26 -10.46 -4.46
N LEU A 30 7.46 -9.38 -4.45
CA LEU A 30 7.21 -8.56 -3.26
C LEU A 30 6.41 -9.35 -2.20
N ASP A 31 6.85 -9.31 -0.94
CA ASP A 31 6.14 -9.91 0.19
C ASP A 31 5.23 -8.86 0.88
N PRO A 32 3.89 -8.89 0.70
CA PRO A 32 2.99 -7.86 1.24
C PRO A 32 2.86 -7.94 2.78
N GLU A 33 3.18 -9.08 3.38
CA GLU A 33 3.24 -9.27 4.84
C GLU A 33 4.50 -8.66 5.49
N GLU A 34 5.51 -8.30 4.70
CA GLU A 34 6.78 -7.71 5.19
C GLU A 34 6.67 -6.19 5.39
N THR A 35 7.46 -5.62 6.31
CA THR A 35 7.46 -4.18 6.60
C THR A 35 8.06 -3.35 5.46
N PHE A 36 7.58 -2.10 5.31
CA PHE A 36 8.14 -1.13 4.36
C PHE A 36 9.65 -0.95 4.53
N LEU A 37 10.13 -0.88 5.78
CA LEU A 37 11.55 -0.70 6.12
C LEU A 37 12.41 -1.91 5.65
N THR A 38 11.93 -3.14 5.85
CA THR A 38 12.63 -4.37 5.42
C THR A 38 12.53 -4.61 3.90
N LEU A 39 11.43 -4.18 3.26
CA LEU A 39 11.29 -4.14 1.79
C LEU A 39 12.20 -3.09 1.12
N GLY A 40 12.77 -2.15 1.88
CA GLY A 40 13.77 -1.18 1.42
C GLY A 40 13.23 0.23 1.12
N VAL A 41 12.08 0.61 1.69
CA VAL A 41 11.52 1.96 1.59
C VAL A 41 12.37 2.96 2.38
N ASP A 42 13.15 3.77 1.67
CA ASP A 42 13.80 4.99 2.18
C ASP A 42 12.78 6.13 2.35
N SER A 43 13.15 7.22 3.03
CA SER A 43 12.30 8.40 3.28
C SER A 43 11.58 8.93 2.02
N ILE A 44 12.35 9.26 0.98
CA ILE A 44 11.84 9.78 -0.30
C ILE A 44 10.98 8.74 -1.03
N LEU A 45 11.34 7.46 -0.98
CA LEU A 45 10.52 6.37 -1.55
C LEU A 45 9.19 6.21 -0.81
N GLY A 46 9.16 6.44 0.51
CA GLY A 46 7.94 6.50 1.32
C GLY A 46 7.04 7.67 0.91
N VAL A 47 7.61 8.88 0.75
CA VAL A 47 6.89 10.06 0.25
C VAL A 47 6.32 9.83 -1.16
N GLU A 48 7.08 9.20 -2.05
CA GLU A 48 6.65 8.90 -3.43
C GLU A 48 5.55 7.81 -3.47
N PHE A 49 5.62 6.79 -2.62
CA PHE A 49 4.56 5.78 -2.45
C PHE A 49 3.26 6.40 -1.91
N VAL A 50 3.35 7.28 -0.92
CA VAL A 50 2.20 8.03 -0.38
C VAL A 50 1.58 8.93 -1.46
N ALA A 51 2.40 9.64 -2.23
CA ALA A 51 1.95 10.46 -3.36
C ALA A 51 1.29 9.62 -4.48
N ALA A 52 1.82 8.43 -4.78
CA ALA A 52 1.23 7.51 -5.76
C ALA A 52 -0.12 6.96 -5.31
N VAL A 53 -0.31 6.69 -4.00
CA VAL A 53 -1.60 6.30 -3.41
C VAL A 53 -2.60 7.46 -3.42
N ASN A 54 -2.16 8.70 -3.16
CA ASN A 54 -2.98 9.93 -3.31
C ASN A 54 -3.40 10.19 -4.77
N ALA A 55 -2.59 9.78 -5.75
CA ALA A 55 -2.92 9.87 -7.18
C ALA A 55 -3.88 8.74 -7.62
N ALA A 56 -3.69 7.52 -7.10
CA ALA A 56 -4.53 6.36 -7.40
C ALA A 56 -5.93 6.44 -6.77
N TYR A 57 -6.06 7.03 -5.58
CA TYR A 57 -7.30 7.11 -4.80
C TYR A 57 -7.48 8.49 -4.13
N PRO A 58 -8.70 9.06 -4.07
CA PRO A 58 -8.99 10.38 -3.47
C PRO A 58 -9.06 10.36 -1.93
N VAL A 59 -8.15 9.62 -1.29
CA VAL A 59 -8.11 9.38 0.18
C VAL A 59 -7.40 10.48 0.97
N GLY A 60 -6.53 11.25 0.32
CA GLY A 60 -5.78 12.36 0.94
C GLY A 60 -4.78 11.92 2.03
N VAL A 61 -4.30 10.67 2.00
CA VAL A 61 -3.55 10.05 3.11
C VAL A 61 -2.20 10.73 3.35
N LYS A 62 -1.82 10.89 4.62
CA LYS A 62 -0.53 11.45 5.07
C LYS A 62 0.48 10.35 5.40
N ALA A 63 1.77 10.67 5.35
CA ALA A 63 2.87 9.72 5.59
C ALA A 63 2.90 9.13 7.01
N THR A 64 2.18 9.74 7.97
CA THR A 64 1.99 9.19 9.33
C THR A 64 1.33 7.80 9.33
N ALA A 65 0.53 7.48 8.29
CA ALA A 65 -0.08 6.16 8.13
C ALA A 65 0.95 5.03 7.91
N LEU A 66 2.16 5.33 7.42
CA LEU A 66 3.26 4.36 7.28
C LEU A 66 3.77 3.85 8.64
N TYR A 67 3.68 4.67 9.69
CA TYR A 67 4.09 4.33 11.06
C TYR A 67 3.00 3.55 11.81
N ASP A 68 1.74 3.93 11.61
CA ASP A 68 0.57 3.24 12.18
C ASP A 68 0.32 1.86 11.54
N HIS A 69 0.61 1.71 10.25
CA HIS A 69 0.44 0.48 9.46
C HIS A 69 1.75 0.13 8.74
N PRO A 70 2.66 -0.66 9.37
CA PRO A 70 4.05 -0.82 8.91
C PRO A 70 4.24 -1.69 7.65
N THR A 71 3.18 -2.36 7.16
CA THR A 71 3.21 -3.23 5.96
C THR A 71 2.20 -2.72 4.92
N PRO A 72 2.39 -2.97 3.61
CA PRO A 72 1.40 -2.64 2.58
C PRO A 72 0.07 -3.38 2.78
N ALA A 73 0.09 -4.61 3.30
CA ALA A 73 -1.11 -5.38 3.61
C ALA A 73 -1.98 -4.74 4.72
N ALA A 74 -1.36 -4.15 5.75
CA ALA A 74 -2.06 -3.40 6.79
C ALA A 74 -2.50 -2.00 6.30
N PHE A 75 -1.60 -1.31 5.57
CA PHE A 75 -1.81 0.05 5.06
C PHE A 75 -3.01 0.15 4.11
N ALA A 76 -3.18 -0.84 3.22
CA ALA A 76 -4.30 -0.92 2.30
C ALA A 76 -5.69 -0.93 2.96
N ARG A 77 -5.82 -1.45 4.19
CA ARG A 77 -7.09 -1.47 4.93
C ARG A 77 -7.52 -0.06 5.38
N HIS A 78 -6.55 0.83 5.65
CA HIS A 78 -6.80 2.25 5.91
C HIS A 78 -7.21 3.01 4.64
N ILE A 79 -6.62 2.67 3.49
CA ILE A 79 -7.03 3.20 2.18
C ILE A 79 -8.48 2.77 1.86
N ALA A 80 -8.81 1.50 2.12
CA ALA A 80 -10.14 0.93 1.95
C ALA A 80 -11.21 1.54 2.88
N GLU A 81 -10.92 1.73 4.17
CA GLU A 81 -11.88 2.36 5.11
C GLU A 81 -12.10 3.85 4.80
N SER A 82 -11.08 4.55 4.27
CA SER A 82 -11.19 5.93 3.78
C SER A 82 -12.09 6.04 2.53
N LEU A 83 -12.01 5.05 1.63
CA LEU A 83 -12.92 4.89 0.48
C LEU A 83 -14.34 4.40 0.87
N GLY A 84 -14.55 3.97 2.12
CA GLY A 84 -15.83 3.42 2.60
C GLY A 84 -16.16 2.01 2.08
N ALA A 85 -15.14 1.19 1.78
CA ALA A 85 -15.27 -0.19 1.28
C ALA A 85 -16.01 -1.12 2.27
O23 PNS B . 15.27 12.01 2.93
P24 PNS B . 15.44 10.72 3.64
O26 PNS B . 15.54 10.69 5.11
O27 PNS B . 16.72 9.95 3.05
C28 PNS B . 16.69 9.42 1.74
C29 PNS B . 18.04 8.81 1.31
C30 PNS B . 18.37 7.69 2.33
C31 PNS B . 17.84 8.16 -0.07
C32 PNS B . 19.14 9.90 1.30
O33 PNS B . 20.46 9.29 1.24
C34 PNS B . 18.97 10.97 0.18
O35 PNS B . 18.29 11.98 0.36
N36 PNS B . 19.64 10.75 -0.96
C37 PNS B . 19.75 11.64 -2.10
C38 PNS B . 18.95 11.09 -3.30
C39 PNS B . 17.48 11.46 -3.24
O40 PNS B . 16.65 10.62 -2.86
N41 PNS B . 17.16 12.68 -3.64
C42 PNS B . 15.79 13.21 -3.72
C43 PNS B . 15.20 12.96 -5.11
S44 PNS B . 16.14 13.87 -6.37
H282 PNS B . 16.38 10.20 1.05
H281 PNS B . 15.93 8.65 1.68
H303 PNS B . 18.60 8.12 3.30
H302 PNS B . 17.52 7.02 2.44
H301 PNS B . 19.23 7.11 1.99
H313 PNS B . 18.78 7.73 -0.43
H312 PNS B . 17.10 7.36 -0.01
H311 PNS B . 17.47 8.89 -0.80
H32 PNS B . 19.10 10.44 2.26
H33 PNS B . 21.14 9.97 1.40
H36 PNS B . 20.18 9.88 -0.98
H372 PNS B . 19.42 12.64 -1.86
H371 PNS B . 20.80 11.70 -2.38
H382 PNS B . 19.38 11.51 -4.21
H381 PNS B . 19.06 10.01 -3.35
H41 PNS B . 17.90 13.27 -3.95
H422 PNS B . 15.16 12.74 -2.96
H421 PNS B . 15.81 14.29 -3.52
H431 PNS B . 15.24 11.89 -5.32
H432 PNS B . 14.16 13.29 -5.12
H44 PNS B . 15.40 13.47 -7.43
N GLY A 1 -15.12 -11.25 6.09
CA GLY A 1 -14.65 -11.74 4.77
C GLY A 1 -15.07 -10.80 3.65
N PRO A 2 -14.16 -10.38 2.74
CA PRO A 2 -14.48 -9.44 1.64
C PRO A 2 -15.46 -9.96 0.57
N GLY A 3 -15.62 -11.29 0.47
CA GLY A 3 -16.38 -11.94 -0.61
C GLY A 3 -15.62 -11.99 -1.95
N SER A 4 -16.25 -12.58 -2.98
CA SER A 4 -15.65 -12.73 -4.32
C SER A 4 -15.36 -11.38 -4.98
N ALA A 5 -14.12 -11.17 -5.44
CA ALA A 5 -13.63 -9.90 -5.98
C ALA A 5 -13.87 -8.68 -5.06
N GLY A 6 -13.82 -8.89 -3.74
CA GLY A 6 -14.11 -7.87 -2.72
C GLY A 6 -13.16 -6.69 -2.73
N ARG A 7 -13.65 -5.48 -2.45
CA ARG A 7 -12.88 -4.22 -2.50
C ARG A 7 -11.63 -4.24 -1.61
N GLN A 8 -11.74 -4.75 -0.38
CA GLN A 8 -10.62 -4.90 0.55
C GLN A 8 -9.50 -5.82 0.03
N GLU A 9 -9.85 -6.86 -0.73
CA GLU A 9 -8.89 -7.76 -1.38
C GLU A 9 -8.25 -7.12 -2.62
N GLU A 10 -9.05 -6.49 -3.49
CA GLU A 10 -8.58 -5.82 -4.72
C GLU A 10 -7.64 -4.64 -4.43
N ILE A 11 -7.98 -3.79 -3.44
CA ILE A 11 -7.15 -2.64 -3.05
C ILE A 11 -5.81 -3.10 -2.47
N ALA A 12 -5.76 -4.21 -1.71
CA ALA A 12 -4.51 -4.74 -1.15
C ALA A 12 -3.49 -5.14 -2.22
N GLU A 13 -3.92 -5.87 -3.26
CA GLU A 13 -3.02 -6.25 -4.37
C GLU A 13 -2.70 -5.10 -5.34
N GLU A 14 -3.54 -4.06 -5.43
CA GLU A 14 -3.22 -2.84 -6.18
C GLU A 14 -2.18 -1.97 -5.45
N VAL A 15 -2.32 -1.81 -4.13
CA VAL A 15 -1.35 -1.09 -3.28
C VAL A 15 0.02 -1.80 -3.27
N ALA A 16 0.05 -3.14 -3.32
CA ALA A 16 1.27 -3.91 -3.48
C ALA A 16 1.98 -3.63 -4.83
N ARG A 17 1.23 -3.55 -5.94
CA ARG A 17 1.77 -3.16 -7.27
C ARG A 17 2.29 -1.71 -7.29
N LEU A 18 1.55 -0.78 -6.68
CA LEU A 18 1.97 0.63 -6.55
C LEU A 18 3.30 0.75 -5.79
N LEU A 19 3.46 0.04 -4.66
CA LEU A 19 4.72 0.02 -3.91
C LEU A 19 5.86 -0.65 -4.71
N ALA A 20 5.63 -1.82 -5.32
CA ALA A 20 6.68 -2.48 -6.12
C ALA A 20 7.16 -1.59 -7.28
N GLY A 21 6.25 -0.83 -7.92
CA GLY A 21 6.59 0.16 -8.95
C GLY A 21 7.50 1.29 -8.44
N VAL A 22 7.23 1.84 -7.24
CA VAL A 22 8.07 2.87 -6.59
C VAL A 22 9.45 2.33 -6.20
N LEU A 23 9.52 1.11 -5.63
CA LEU A 23 10.77 0.45 -5.21
C LEU A 23 11.56 -0.17 -6.38
N TYR A 24 11.09 -0.05 -7.63
CA TYR A 24 11.67 -0.67 -8.83
C TYR A 24 11.85 -2.20 -8.67
N LEU A 25 10.83 -2.85 -8.11
CA LEU A 25 10.74 -4.27 -7.77
C LEU A 25 9.56 -4.93 -8.52
N GLU A 26 9.55 -6.26 -8.59
CA GLU A 26 8.45 -7.06 -9.14
C GLU A 26 7.32 -7.26 -8.10
N PRO A 27 6.03 -7.19 -8.50
CA PRO A 27 4.91 -7.61 -7.64
C PRO A 27 4.99 -9.10 -7.27
N ASP A 28 5.61 -9.90 -8.15
CA ASP A 28 5.90 -11.33 -7.91
C ASP A 28 6.90 -11.57 -6.76
N ARG A 29 7.81 -10.61 -6.50
CA ARG A 29 8.77 -10.65 -5.38
C ARG A 29 8.23 -9.99 -4.12
N LEU A 30 7.54 -8.86 -4.25
CA LEU A 30 7.07 -8.08 -3.11
C LEU A 30 5.95 -8.81 -2.36
N ASP A 31 6.17 -9.13 -1.09
CA ASP A 31 5.15 -9.73 -0.21
C ASP A 31 4.34 -8.63 0.51
N PRO A 32 2.98 -8.67 0.48
CA PRO A 32 2.15 -7.65 1.12
C PRO A 32 2.16 -7.72 2.65
N GLU A 33 2.63 -8.82 3.23
CA GLU A 33 2.80 -9.02 4.68
C GLU A 33 4.14 -8.51 5.23
N GLU A 34 5.09 -8.11 4.37
CA GLU A 34 6.47 -7.78 4.78
C GLU A 34 6.59 -6.31 5.24
N THR A 35 7.52 -6.02 6.16
CA THR A 35 7.69 -4.64 6.66
C THR A 35 8.32 -3.71 5.61
N PHE A 36 7.95 -2.42 5.64
CA PHE A 36 8.55 -1.40 4.79
C PHE A 36 10.07 -1.26 5.01
N LEU A 37 10.55 -1.49 6.23
CA LEU A 37 11.99 -1.51 6.54
C LEU A 37 12.72 -2.68 5.85
N THR A 38 12.11 -3.87 5.81
CA THR A 38 12.68 -5.05 5.13
C THR A 38 12.58 -4.96 3.61
N LEU A 39 11.50 -4.35 3.09
CA LEU A 39 11.34 -4.03 1.67
C LEU A 39 12.30 -2.94 1.16
N GLY A 40 12.97 -2.21 2.06
CA GLY A 40 13.99 -1.19 1.74
C GLY A 40 13.42 0.20 1.43
N VAL A 41 12.28 0.56 2.04
CA VAL A 41 11.63 1.86 1.90
C VAL A 41 12.43 2.95 2.62
N ASP A 42 13.22 3.72 1.88
CA ASP A 42 13.82 4.99 2.33
C ASP A 42 12.74 6.10 2.46
N SER A 43 13.07 7.22 3.09
CA SER A 43 12.13 8.35 3.29
C SER A 43 11.47 8.84 1.99
N ILE A 44 12.27 9.14 0.97
CA ILE A 44 11.80 9.57 -0.36
C ILE A 44 10.92 8.52 -1.03
N LEU A 45 11.28 7.23 -0.92
CA LEU A 45 10.47 6.13 -1.47
C LEU A 45 9.13 5.97 -0.73
N GLY A 46 9.10 6.19 0.59
CA GLY A 46 7.87 6.23 1.38
C GLY A 46 6.97 7.41 0.99
N VAL A 47 7.53 8.61 0.86
CA VAL A 47 6.82 9.82 0.41
C VAL A 47 6.27 9.67 -1.02
N GLU A 48 7.03 9.06 -1.93
CA GLU A 48 6.59 8.79 -3.31
C GLU A 48 5.52 7.71 -3.39
N PHE A 49 5.57 6.67 -2.54
CA PHE A 49 4.50 5.68 -2.39
C PHE A 49 3.21 6.31 -1.85
N VAL A 50 3.30 7.19 -0.84
CA VAL A 50 2.16 7.96 -0.33
C VAL A 50 1.56 8.86 -1.41
N ALA A 51 2.40 9.54 -2.21
CA ALA A 51 1.98 10.35 -3.35
C ALA A 51 1.31 9.50 -4.46
N ALA A 52 1.82 8.31 -4.75
CA ALA A 52 1.25 7.37 -5.72
C ALA A 52 -0.14 6.86 -5.28
N VAL A 53 -0.34 6.60 -3.98
CA VAL A 53 -1.65 6.24 -3.41
C VAL A 53 -2.63 7.43 -3.43
N ASN A 54 -2.16 8.64 -3.15
CA ASN A 54 -2.95 9.88 -3.30
C ASN A 54 -3.37 10.15 -4.77
N ALA A 55 -2.55 9.74 -5.75
CA ALA A 55 -2.89 9.82 -7.18
C ALA A 55 -3.86 8.70 -7.61
N ALA A 56 -3.69 7.48 -7.09
CA ALA A 56 -4.52 6.31 -7.39
C ALA A 56 -5.94 6.40 -6.81
N TYR A 57 -6.09 7.00 -5.62
CA TYR A 57 -7.36 7.10 -4.88
C TYR A 57 -7.55 8.48 -4.21
N PRO A 58 -8.79 9.03 -4.17
CA PRO A 58 -9.11 10.34 -3.57
C PRO A 58 -9.16 10.32 -2.03
N VAL A 59 -8.24 9.60 -1.38
CA VAL A 59 -8.20 9.37 0.08
C VAL A 59 -7.50 10.50 0.85
N GLY A 60 -6.63 11.26 0.17
CA GLY A 60 -5.87 12.37 0.76
C GLY A 60 -4.88 11.95 1.87
N VAL A 61 -4.39 10.69 1.85
CA VAL A 61 -3.71 10.07 3.01
C VAL A 61 -2.39 10.75 3.35
N LYS A 62 -2.14 10.91 4.66
CA LYS A 62 -0.94 11.57 5.21
C LYS A 62 0.21 10.57 5.38
N ALA A 63 1.46 11.04 5.25
CA ALA A 63 2.66 10.20 5.35
C ALA A 63 2.88 9.57 6.74
N THR A 64 2.22 10.08 7.79
CA THR A 64 2.22 9.49 9.14
C THR A 64 1.61 8.07 9.18
N ALA A 65 0.76 7.71 8.20
CA ALA A 65 0.20 6.38 8.05
C ALA A 65 1.27 5.27 7.85
N LEU A 66 2.47 5.62 7.36
CA LEU A 66 3.62 4.68 7.24
C LEU A 66 4.10 4.14 8.60
N TYR A 67 4.02 4.97 9.66
CA TYR A 67 4.41 4.60 11.02
C TYR A 67 3.29 3.85 11.75
N ASP A 68 2.03 4.23 11.52
CA ASP A 68 0.85 3.56 12.07
C ASP A 68 0.61 2.16 11.47
N HIS A 69 0.99 1.95 10.20
CA HIS A 69 0.75 0.73 9.43
C HIS A 69 2.02 0.29 8.67
N PRO A 70 2.89 -0.55 9.28
CA PRO A 70 4.26 -0.80 8.80
C PRO A 70 4.38 -1.80 7.63
N THR A 71 3.28 -2.36 7.11
CA THR A 71 3.26 -3.32 5.98
C THR A 71 2.30 -2.88 4.87
N PRO A 72 2.49 -3.34 3.61
CA PRO A 72 1.58 -3.01 2.51
C PRO A 72 0.11 -3.39 2.79
N ALA A 73 -0.14 -4.56 3.37
CA ALA A 73 -1.49 -5.01 3.72
C ALA A 73 -2.11 -4.17 4.86
N ALA A 74 -1.35 -3.86 5.90
CA ALA A 74 -1.81 -2.99 7.00
C ALA A 74 -2.07 -1.55 6.54
N PHE A 75 -1.35 -1.06 5.53
CA PHE A 75 -1.57 0.24 4.91
C PHE A 75 -2.82 0.24 4.02
N ALA A 76 -2.97 -0.78 3.16
CA ALA A 76 -4.08 -0.89 2.19
C ALA A 76 -5.48 -0.95 2.82
N ARG A 77 -5.63 -1.61 3.98
CA ARG A 77 -6.91 -1.65 4.73
C ARG A 77 -7.39 -0.24 5.12
N HIS A 78 -6.47 0.68 5.45
CA HIS A 78 -6.77 2.07 5.78
C HIS A 78 -7.20 2.88 4.55
N ILE A 79 -6.59 2.62 3.38
CA ILE A 79 -6.99 3.22 2.10
C ILE A 79 -8.41 2.77 1.71
N ALA A 80 -8.71 1.49 1.86
CA ALA A 80 -10.04 0.91 1.64
C ALA A 80 -11.09 1.45 2.65
N GLU A 81 -10.75 1.57 3.93
CA GLU A 81 -11.64 2.16 4.95
C GLU A 81 -11.89 3.66 4.71
N SER A 82 -10.89 4.40 4.20
CA SER A 82 -11.05 5.82 3.79
C SER A 82 -12.01 5.99 2.60
N LEU A 83 -12.01 5.02 1.67
CA LEU A 83 -12.99 4.89 0.59
C LEU A 83 -14.35 4.32 1.05
N GLY A 84 -14.48 3.89 2.31
CA GLY A 84 -15.71 3.35 2.90
C GLY A 84 -16.03 1.89 2.53
N ALA A 85 -15.06 1.13 2.03
CA ALA A 85 -15.18 -0.27 1.61
C ALA A 85 -15.28 -1.25 2.79
O23 PNS B . 15.36 11.92 2.60
P24 PNS B . 14.82 11.23 3.79
O26 PNS B . 14.02 12.01 4.78
O27 PNS B . 16.03 10.52 4.55
C28 PNS B . 15.85 9.87 5.79
C29 PNS B . 17.19 9.32 6.34
C30 PNS B . 16.86 8.57 7.65
C31 PNS B . 17.75 8.31 5.32
C32 PNS B . 18.19 10.50 6.57
O33 PNS B . 17.64 11.45 7.51
C34 PNS B . 19.63 10.07 6.98
O35 PNS B . 20.53 9.98 6.13
N36 PNS B . 19.85 9.83 8.26
C37 PNS B . 21.15 9.53 8.86
C38 PNS B . 21.74 10.80 9.46
C39 PNS B . 23.10 10.60 10.13
O40 PNS B . 23.68 9.53 10.09
N41 PNS B . 23.65 11.61 10.81
C42 PNS B . 23.13 12.97 10.99
C43 PNS B . 24.29 13.95 11.16
S44 PNS B . 25.27 13.52 12.64
H282 PNS B . 15.17 9.04 5.66
H281 PNS B . 15.41 10.57 6.51
H303 PNS B . 16.46 9.24 8.41
H302 PNS B . 16.12 7.79 7.46
H301 PNS B . 17.76 8.08 8.05
H313 PNS B . 17.00 7.56 5.09
H312 PNS B . 18.04 8.83 4.41
H311 PNS B . 18.64 7.81 5.72
H32 PNS B . 18.29 11.01 5.61
H33 PNS B . 18.22 12.23 7.57
H36 PNS B . 19.06 9.94 8.89
H372 PNS B . 21.01 8.78 9.64
H371 PNS B . 21.82 9.11 8.12
H382 PNS B . 21.86 11.54 8.67
H381 PNS B . 21.04 11.20 10.20
H41 PNS B . 24.54 11.40 11.24
H422 PNS B . 22.55 13.27 10.10
H421 PNS B . 22.48 13.00 11.86
H431 PNS B . 24.92 13.92 10.26
H432 PNS B . 23.89 14.96 11.26
H44 PNS B . 26.17 14.53 12.52
N GLY A 1 -18.87 -10.21 2.65
CA GLY A 1 -18.98 -10.06 1.18
C GLY A 1 -18.91 -11.42 0.48
N PRO A 2 -19.58 -11.59 -0.67
CA PRO A 2 -19.60 -12.84 -1.42
C PRO A 2 -18.24 -13.16 -2.09
N GLY A 3 -17.92 -14.45 -2.21
CA GLY A 3 -16.69 -14.96 -2.83
C GLY A 3 -15.40 -14.64 -2.06
N SER A 4 -14.26 -15.00 -2.66
CA SER A 4 -12.92 -14.77 -2.08
C SER A 4 -12.48 -13.29 -2.11
N ALA A 5 -12.95 -12.54 -3.10
CA ALA A 5 -12.58 -11.15 -3.36
C ALA A 5 -13.32 -10.15 -2.43
N GLY A 6 -12.76 -9.92 -1.24
CA GLY A 6 -13.12 -8.80 -0.36
C GLY A 6 -12.49 -7.47 -0.81
N ARG A 7 -13.11 -6.33 -0.48
CA ARG A 7 -12.69 -4.99 -0.95
C ARG A 7 -11.31 -4.58 -0.44
N GLN A 8 -11.01 -4.84 0.84
CA GLN A 8 -9.71 -4.51 1.44
C GLN A 8 -8.56 -5.36 0.87
N GLU A 9 -8.83 -6.60 0.48
CA GLU A 9 -7.89 -7.49 -0.22
C GLU A 9 -7.69 -7.07 -1.69
N GLU A 10 -8.76 -6.64 -2.37
CA GLU A 10 -8.71 -6.10 -3.74
C GLU A 10 -7.92 -4.77 -3.82
N ILE A 11 -7.98 -3.95 -2.77
CA ILE A 11 -7.14 -2.75 -2.62
C ILE A 11 -5.68 -3.13 -2.27
N ALA A 12 -5.46 -4.17 -1.47
CA ALA A 12 -4.12 -4.62 -1.07
C ALA A 12 -3.24 -5.09 -2.24
N GLU A 13 -3.81 -5.81 -3.22
CA GLU A 13 -3.06 -6.19 -4.43
C GLU A 13 -2.68 -4.96 -5.30
N GLU A 14 -3.50 -3.90 -5.31
CA GLU A 14 -3.19 -2.66 -6.04
C GLU A 14 -2.17 -1.78 -5.30
N VAL A 15 -2.26 -1.71 -3.96
CA VAL A 15 -1.25 -1.07 -3.10
C VAL A 15 0.12 -1.75 -3.22
N ALA A 16 0.17 -3.08 -3.34
CA ALA A 16 1.40 -3.82 -3.61
C ALA A 16 2.01 -3.46 -4.98
N ARG A 17 1.19 -3.28 -6.04
CA ARG A 17 1.66 -2.80 -7.36
C ARG A 17 2.20 -1.37 -7.29
N LEU A 18 1.52 -0.47 -6.56
CA LEU A 18 1.96 0.93 -6.38
C LEU A 18 3.31 0.99 -5.65
N LEU A 19 3.49 0.20 -4.58
CA LEU A 19 4.78 0.13 -3.87
C LEU A 19 5.87 -0.51 -4.72
N ALA A 20 5.61 -1.65 -5.37
CA ALA A 20 6.59 -2.34 -6.22
C ALA A 20 7.07 -1.43 -7.37
N GLY A 21 6.18 -0.63 -7.96
CA GLY A 21 6.53 0.38 -8.98
C GLY A 21 7.51 1.45 -8.48
N VAL A 22 7.33 1.95 -7.25
CA VAL A 22 8.24 2.94 -6.63
C VAL A 22 9.61 2.31 -6.29
N LEU A 23 9.61 1.08 -5.76
CA LEU A 23 10.83 0.35 -5.39
C LEU A 23 11.54 -0.32 -6.59
N TYR A 24 11.02 -0.18 -7.81
CA TYR A 24 11.48 -0.82 -9.04
C TYR A 24 11.57 -2.36 -8.95
N LEU A 25 10.61 -2.96 -8.24
CA LEU A 25 10.41 -4.40 -8.04
C LEU A 25 9.19 -4.90 -8.85
N GLU A 26 9.04 -6.21 -8.99
CA GLU A 26 7.82 -6.84 -9.51
C GLU A 26 6.83 -7.16 -8.37
N PRO A 27 5.51 -6.96 -8.57
CA PRO A 27 4.50 -7.14 -7.51
C PRO A 27 4.29 -8.61 -7.11
N ASP A 28 4.66 -9.57 -7.96
CA ASP A 28 4.58 -11.01 -7.65
C ASP A 28 5.66 -11.49 -6.66
N ARG A 29 6.69 -10.67 -6.37
CA ARG A 29 7.74 -10.94 -5.36
C ARG A 29 7.83 -9.90 -4.24
N LEU A 30 7.05 -8.81 -4.30
CA LEU A 30 6.79 -7.96 -3.15
C LEU A 30 5.78 -8.66 -2.20
N ASP A 31 6.20 -9.03 -1.00
CA ASP A 31 5.34 -9.71 -0.01
C ASP A 31 4.46 -8.71 0.77
N PRO A 32 3.11 -8.80 0.71
CA PRO A 32 2.21 -7.87 1.42
C PRO A 32 2.32 -7.91 2.95
N GLU A 33 2.81 -9.03 3.49
CA GLU A 33 3.05 -9.24 4.93
C GLU A 33 4.34 -8.61 5.45
N GLU A 34 5.25 -8.15 4.58
CA GLU A 34 6.60 -7.71 4.97
C GLU A 34 6.64 -6.23 5.40
N THR A 35 7.53 -5.86 6.33
CA THR A 35 7.63 -4.46 6.78
C THR A 35 8.25 -3.55 5.70
N PHE A 36 7.83 -2.29 5.65
CA PHE A 36 8.41 -1.28 4.75
C PHE A 36 9.93 -1.12 4.98
N LEU A 37 10.40 -1.25 6.22
CA LEU A 37 11.82 -1.22 6.56
C LEU A 37 12.60 -2.39 5.93
N THR A 38 12.04 -3.61 5.95
CA THR A 38 12.66 -4.80 5.34
C THR A 38 12.55 -4.80 3.81
N LEU A 39 11.46 -4.25 3.25
CA LEU A 39 11.29 -3.99 1.81
C LEU A 39 12.23 -2.90 1.25
N GLY A 40 12.95 -2.16 2.11
CA GLY A 40 13.93 -1.14 1.71
C GLY A 40 13.33 0.24 1.41
N VAL A 41 12.16 0.56 1.96
CA VAL A 41 11.49 1.86 1.83
C VAL A 41 12.25 2.92 2.66
N ASP A 42 13.09 3.71 2.00
CA ASP A 42 13.66 4.94 2.58
C ASP A 42 12.59 6.04 2.72
N SER A 43 12.86 7.09 3.49
CA SER A 43 11.93 8.20 3.74
C SER A 43 11.30 8.78 2.46
N ILE A 44 12.14 9.10 1.46
CA ILE A 44 11.72 9.66 0.17
C ILE A 44 10.89 8.66 -0.63
N LEU A 45 11.27 7.38 -0.64
CA LEU A 45 10.49 6.31 -1.30
C LEU A 45 9.11 6.10 -0.62
N GLY A 46 9.03 6.29 0.69
CA GLY A 46 7.78 6.33 1.45
C GLY A 46 6.88 7.49 0.99
N VAL A 47 7.42 8.70 0.88
CA VAL A 47 6.69 9.87 0.36
C VAL A 47 6.25 9.69 -1.09
N GLU A 48 7.07 9.08 -1.96
CA GLU A 48 6.71 8.79 -3.35
C GLU A 48 5.61 7.72 -3.47
N PHE A 49 5.64 6.69 -2.61
CA PHE A 49 4.56 5.70 -2.48
C PHE A 49 3.24 6.32 -1.98
N VAL A 50 3.31 7.20 -0.98
CA VAL A 50 2.15 7.96 -0.48
C VAL A 50 1.57 8.87 -1.57
N ALA A 51 2.42 9.53 -2.37
CA ALA A 51 2.01 10.31 -3.52
C ALA A 51 1.36 9.46 -4.63
N ALA A 52 1.89 8.26 -4.90
CA ALA A 52 1.30 7.31 -5.85
C ALA A 52 -0.07 6.80 -5.40
N VAL A 53 -0.26 6.55 -4.10
CA VAL A 53 -1.57 6.18 -3.51
C VAL A 53 -2.56 7.35 -3.56
N ASN A 54 -2.12 8.59 -3.29
CA ASN A 54 -2.93 9.80 -3.46
C ASN A 54 -3.32 10.07 -4.94
N ALA A 55 -2.49 9.66 -5.91
CA ALA A 55 -2.80 9.73 -7.33
C ALA A 55 -3.77 8.61 -7.78
N ALA A 56 -3.63 7.40 -7.24
CA ALA A 56 -4.49 6.24 -7.53
C ALA A 56 -5.89 6.35 -6.92
N TYR A 57 -6.01 6.91 -5.72
CA TYR A 57 -7.27 7.03 -4.96
C TYR A 57 -7.43 8.41 -4.29
N PRO A 58 -8.64 8.99 -4.26
CA PRO A 58 -8.91 10.33 -3.67
C PRO A 58 -8.99 10.30 -2.13
N VAL A 59 -8.07 9.59 -1.47
CA VAL A 59 -8.07 9.34 -0.02
C VAL A 59 -7.38 10.44 0.79
N GLY A 60 -6.54 11.25 0.15
CA GLY A 60 -5.83 12.37 0.78
C GLY A 60 -4.82 11.95 1.87
N VAL A 61 -4.31 10.72 1.84
CA VAL A 61 -3.58 10.12 2.96
C VAL A 61 -2.24 10.84 3.25
N LYS A 62 -1.92 11.02 4.53
CA LYS A 62 -0.65 11.58 5.02
C LYS A 62 0.39 10.49 5.29
N ALA A 63 1.67 10.81 5.16
CA ALA A 63 2.78 9.86 5.30
C ALA A 63 2.92 9.24 6.71
N THR A 64 2.29 9.84 7.74
CA THR A 64 2.22 9.28 9.10
C THR A 64 1.56 7.89 9.16
N ALA A 65 0.69 7.57 8.19
CA ALA A 65 0.05 6.25 8.07
C ALA A 65 1.06 5.11 7.84
N LEU A 66 2.27 5.39 7.30
CA LEU A 66 3.33 4.41 7.13
C LEU A 66 3.88 3.85 8.45
N TYR A 67 3.90 4.68 9.50
CA TYR A 67 4.37 4.29 10.84
C TYR A 67 3.28 3.56 11.64
N ASP A 68 2.02 3.98 11.48
CA ASP A 68 0.85 3.34 12.11
C ASP A 68 0.52 1.95 11.51
N HIS A 69 0.79 1.77 10.21
CA HIS A 69 0.51 0.54 9.44
C HIS A 69 1.76 0.12 8.64
N PRO A 70 2.73 -0.59 9.25
CA PRO A 70 4.09 -0.76 8.72
C PRO A 70 4.24 -1.81 7.59
N THR A 71 3.17 -2.44 7.14
CA THR A 71 3.17 -3.44 6.05
C THR A 71 2.21 -3.05 4.93
N PRO A 72 2.45 -3.46 3.65
CA PRO A 72 1.57 -3.17 2.53
C PRO A 72 0.12 -3.64 2.77
N ALA A 73 -0.06 -4.83 3.35
CA ALA A 73 -1.39 -5.39 3.66
C ALA A 73 -2.17 -4.54 4.68
N ALA A 74 -1.58 -4.20 5.83
CA ALA A 74 -2.24 -3.39 6.87
C ALA A 74 -2.46 -1.94 6.41
N PHE A 75 -1.51 -1.36 5.66
CA PHE A 75 -1.64 -0.02 5.08
C PHE A 75 -2.81 0.06 4.10
N ALA A 76 -3.01 -0.98 3.27
CA ALA A 76 -4.15 -1.07 2.35
C ALA A 76 -5.52 -1.08 3.07
N ARG A 77 -5.60 -1.59 4.31
CA ARG A 77 -6.81 -1.51 5.14
C ARG A 77 -7.13 -0.08 5.53
N HIS A 78 -6.12 0.74 5.86
CA HIS A 78 -6.29 2.17 6.14
C HIS A 78 -6.77 2.92 4.89
N ILE A 79 -6.21 2.63 3.71
CA ILE A 79 -6.66 3.20 2.44
C ILE A 79 -8.11 2.79 2.12
N ALA A 80 -8.48 1.54 2.37
CA ALA A 80 -9.86 1.06 2.24
C ALA A 80 -10.84 1.75 3.20
N GLU A 81 -10.46 1.97 4.46
CA GLU A 81 -11.28 2.75 5.43
C GLU A 81 -11.45 4.22 5.00
N SER A 82 -10.45 4.85 4.39
CA SER A 82 -10.58 6.18 3.78
C SER A 82 -11.51 6.23 2.57
N LEU A 83 -11.71 5.10 1.87
CA LEU A 83 -12.71 4.91 0.81
C LEU A 83 -14.09 4.45 1.35
N GLY A 84 -14.20 4.15 2.66
CA GLY A 84 -15.40 3.59 3.29
C GLY A 84 -15.67 2.12 2.95
N ALA A 85 -14.67 1.39 2.45
CA ALA A 85 -14.74 -0.01 1.98
C ALA A 85 -14.45 -1.03 3.10
O23 PNS B . 11.43 7.93 6.93
P24 PNS B . 12.70 8.69 7.07
O26 PNS B . 13.73 8.24 8.02
O27 PNS B . 12.33 10.22 7.41
C28 PNS B . 13.34 11.18 7.61
C29 PNS B . 12.76 12.61 7.68
C30 PNS B . 13.94 13.59 7.81
C31 PNS B . 12.07 12.90 6.33
C32 PNS B . 11.74 12.72 8.85
O33 PNS B . 12.39 12.42 10.10
C34 PNS B . 10.98 14.07 8.91
O35 PNS B . 9.87 14.20 8.39
N36 PNS B . 11.56 15.08 9.57
C37 PNS B . 10.98 16.39 9.84
C38 PNS B . 11.56 17.44 8.90
C39 PNS B . 11.00 17.36 7.49
O40 PNS B . 9.91 17.86 7.22
N41 PNS B . 11.75 16.76 6.56
C42 PNS B . 11.43 16.66 5.14
C43 PNS B . 12.23 17.70 4.35
S44 PNS B . 14.01 17.33 4.45
H282 PNS B . 14.05 11.13 6.79
H281 PNS B . 13.89 10.97 8.54
H303 PNS B . 14.64 13.45 6.99
H302 PNS B . 13.60 14.62 7.80
H301 PNS B . 14.48 13.42 8.75
H313 PNS B . 11.20 12.25 6.19
H312 PNS B . 11.73 13.94 6.29
H311 PNS B . 12.76 12.74 5.51
H32 PNS B . 10.97 11.96 8.69
H33 PNS B . 11.72 12.38 10.81
H36 PNS B . 12.45 14.87 10.00
H372 PNS B . 9.89 16.36 9.74
H371 PNS B . 11.21 16.68 10.86
H382 PNS B . 11.30 18.43 9.30
H381 PNS B . 12.65 17.37 8.89
H41 PNS B . 12.65 16.41 6.86
H422 PNS B . 11.68 15.66 4.77
H421 PNS B . 10.36 16.82 4.97
H431 PNS B . 11.92 17.67 3.31
H432 PNS B . 12.04 18.69 4.75
H44 PNS B . 13.95 16.13 3.84
N GLY A 1 -9.90 -16.71 -5.87
CA GLY A 1 -9.95 -17.00 -7.32
C GLY A 1 -10.91 -18.15 -7.63
N PRO A 2 -11.61 -18.12 -8.78
CA PRO A 2 -11.59 -17.05 -9.81
C PRO A 2 -12.33 -15.76 -9.38
N GLY A 3 -13.24 -15.85 -8.39
CA GLY A 3 -13.87 -14.70 -7.76
C GLY A 3 -12.94 -13.96 -6.79
N SER A 4 -13.29 -12.70 -6.48
CA SER A 4 -12.54 -11.84 -5.56
C SER A 4 -12.60 -12.30 -4.09
N ALA A 5 -11.50 -12.11 -3.35
CA ALA A 5 -11.42 -12.30 -1.90
C ALA A 5 -12.10 -11.15 -1.11
N GLY A 6 -12.33 -9.98 -1.74
CA GLY A 6 -12.97 -8.80 -1.15
C GLY A 6 -12.32 -7.48 -1.60
N ARG A 7 -13.06 -6.37 -1.51
CA ARG A 7 -12.65 -5.04 -1.99
C ARG A 7 -11.35 -4.54 -1.33
N GLN A 8 -11.18 -4.81 -0.03
CA GLN A 8 -9.94 -4.48 0.69
C GLN A 8 -8.71 -5.25 0.18
N GLU A 9 -8.89 -6.41 -0.44
CA GLU A 9 -7.81 -7.21 -1.03
C GLU A 9 -7.50 -6.79 -2.49
N GLU A 10 -8.50 -6.32 -3.24
CA GLU A 10 -8.31 -5.64 -4.53
C GLU A 10 -7.52 -4.34 -4.35
N ILE A 11 -7.81 -3.59 -3.28
CA ILE A 11 -7.03 -2.42 -2.86
C ILE A 11 -5.63 -2.86 -2.41
N ALA A 12 -5.47 -3.97 -1.68
CA ALA A 12 -4.16 -4.45 -1.23
C ALA A 12 -3.22 -4.87 -2.38
N GLU A 13 -3.70 -5.57 -3.40
CA GLU A 13 -2.85 -5.93 -4.55
C GLU A 13 -2.51 -4.69 -5.43
N GLU A 14 -3.38 -3.68 -5.50
CA GLU A 14 -3.08 -2.39 -6.13
C GLU A 14 -1.99 -1.62 -5.36
N VAL A 15 -2.14 -1.49 -4.04
CA VAL A 15 -1.15 -0.85 -3.15
C VAL A 15 0.19 -1.59 -3.19
N ALA A 16 0.20 -2.92 -3.22
CA ALA A 16 1.42 -3.73 -3.34
C ALA A 16 2.15 -3.52 -4.68
N ARG A 17 1.45 -3.45 -5.83
CA ARG A 17 2.10 -3.19 -7.13
C ARG A 17 2.48 -1.73 -7.34
N LEU A 18 1.77 -0.77 -6.72
CA LEU A 18 2.22 0.63 -6.63
C LEU A 18 3.55 0.73 -5.86
N LEU A 19 3.67 0.03 -4.72
CA LEU A 19 4.93 -0.05 -3.97
C LEU A 19 6.04 -0.74 -4.78
N ALA A 20 5.75 -1.88 -5.42
CA ALA A 20 6.73 -2.58 -6.26
C ALA A 20 7.25 -1.67 -7.40
N GLY A 21 6.38 -0.88 -8.02
CA GLY A 21 6.74 0.12 -9.03
C GLY A 21 7.68 1.22 -8.51
N VAL A 22 7.45 1.74 -7.30
CA VAL A 22 8.34 2.72 -6.63
C VAL A 22 9.71 2.11 -6.31
N LEU A 23 9.74 0.86 -5.86
CA LEU A 23 10.96 0.12 -5.51
C LEU A 23 11.66 -0.56 -6.71
N TYR A 24 11.23 -0.29 -7.94
CA TYR A 24 11.76 -0.85 -9.18
C TYR A 24 11.79 -2.40 -9.19
N LEU A 25 10.72 -3.00 -8.66
CA LEU A 25 10.55 -4.44 -8.39
C LEU A 25 9.27 -4.98 -9.05
N GLU A 26 9.18 -6.30 -9.20
CA GLU A 26 7.96 -7.00 -9.61
C GLU A 26 7.04 -7.28 -8.40
N PRO A 27 5.71 -7.12 -8.52
CA PRO A 27 4.76 -7.46 -7.45
C PRO A 27 4.70 -8.96 -7.15
N ASP A 28 5.15 -9.82 -8.08
CA ASP A 28 5.24 -11.28 -7.90
C ASP A 28 6.32 -11.72 -6.89
N ARG A 29 7.29 -10.85 -6.57
CA ARG A 29 8.37 -11.10 -5.58
C ARG A 29 8.39 -10.14 -4.39
N LEU A 30 7.58 -9.09 -4.38
CA LEU A 30 7.31 -8.25 -3.20
C LEU A 30 6.43 -9.02 -2.19
N ASP A 31 6.82 -9.05 -0.92
CA ASP A 31 6.02 -9.63 0.17
C ASP A 31 5.06 -8.58 0.77
N PRO A 32 3.72 -8.70 0.60
CA PRO A 32 2.78 -7.67 1.02
C PRO A 32 2.59 -7.57 2.55
N GLU A 33 2.86 -8.66 3.28
CA GLU A 33 2.79 -8.72 4.75
C GLU A 33 4.12 -8.33 5.44
N GLU A 34 5.17 -7.98 4.69
CA GLU A 34 6.46 -7.52 5.21
C GLU A 34 6.48 -5.99 5.46
N THR A 35 7.27 -5.51 6.43
CA THR A 35 7.33 -4.08 6.77
C THR A 35 8.01 -3.25 5.68
N PHE A 36 7.62 -1.97 5.54
CA PHE A 36 8.23 -1.04 4.59
C PHE A 36 9.76 -0.93 4.80
N LEU A 37 10.23 -0.91 6.05
CA LEU A 37 11.65 -0.83 6.38
C LEU A 37 12.42 -2.09 5.94
N THR A 38 11.83 -3.28 6.08
CA THR A 38 12.43 -4.55 5.64
C THR A 38 12.36 -4.72 4.10
N LEU A 39 11.33 -4.18 3.45
CA LEU A 39 11.23 -4.08 1.98
C LEU A 39 12.20 -3.05 1.37
N GLY A 40 12.89 -2.25 2.20
CA GLY A 40 13.92 -1.29 1.77
C GLY A 40 13.42 0.10 1.40
N VAL A 41 12.23 0.49 1.88
CA VAL A 41 11.64 1.82 1.68
C VAL A 41 12.42 2.87 2.50
N ASP A 42 13.19 3.72 1.81
CA ASP A 42 13.76 4.96 2.37
C ASP A 42 12.69 6.06 2.48
N SER A 43 12.97 7.13 3.23
CA SER A 43 12.07 8.29 3.41
C SER A 43 11.43 8.81 2.10
N ILE A 44 12.26 9.11 1.10
CA ILE A 44 11.81 9.65 -0.20
C ILE A 44 10.94 8.65 -0.96
N LEU A 45 11.29 7.35 -0.93
CA LEU A 45 10.49 6.28 -1.51
C LEU A 45 9.15 6.10 -0.79
N GLY A 46 9.11 6.28 0.53
CA GLY A 46 7.88 6.30 1.31
C GLY A 46 6.96 7.46 0.92
N VAL A 47 7.50 8.67 0.78
CA VAL A 47 6.76 9.85 0.31
C VAL A 47 6.24 9.68 -1.12
N GLU A 48 7.02 9.09 -2.03
CA GLU A 48 6.62 8.79 -3.41
C GLU A 48 5.53 7.69 -3.48
N PHE A 49 5.60 6.67 -2.62
CA PHE A 49 4.54 5.66 -2.48
C PHE A 49 3.23 6.26 -1.94
N VAL A 50 3.31 7.13 -0.93
CA VAL A 50 2.15 7.88 -0.40
C VAL A 50 1.54 8.79 -1.47
N ALA A 51 2.36 9.48 -2.28
CA ALA A 51 1.90 10.30 -3.40
C ALA A 51 1.24 9.45 -4.51
N ALA A 52 1.77 8.25 -4.80
CA ALA A 52 1.19 7.30 -5.76
C ALA A 52 -0.19 6.79 -5.30
N VAL A 53 -0.38 6.50 -4.00
CA VAL A 53 -1.68 6.12 -3.43
C VAL A 53 -2.66 7.32 -3.42
N ASN A 54 -2.19 8.53 -3.15
CA ASN A 54 -2.99 9.76 -3.28
C ASN A 54 -3.41 10.05 -4.75
N ALA A 55 -2.60 9.65 -5.74
CA ALA A 55 -2.96 9.74 -7.16
C ALA A 55 -3.96 8.64 -7.57
N ALA A 56 -3.84 7.42 -7.02
CA ALA A 56 -4.74 6.30 -7.28
C ALA A 56 -6.13 6.46 -6.64
N TYR A 57 -6.21 7.04 -5.44
CA TYR A 57 -7.42 7.15 -4.62
C TYR A 57 -7.55 8.52 -3.91
N PRO A 58 -8.76 9.11 -3.83
CA PRO A 58 -9.02 10.42 -3.20
C PRO A 58 -9.05 10.37 -1.66
N VAL A 59 -8.13 9.62 -1.05
CA VAL A 59 -8.04 9.41 0.42
C VAL A 59 -7.38 10.58 1.15
N GLY A 60 -6.54 11.35 0.45
CA GLY A 60 -5.76 12.44 1.04
C GLY A 60 -4.73 11.99 2.10
N VAL A 61 -4.27 10.74 2.08
CA VAL A 61 -3.54 10.11 3.19
C VAL A 61 -2.17 10.76 3.40
N LYS A 62 -1.80 10.96 4.68
CA LYS A 62 -0.51 11.56 5.10
C LYS A 62 0.55 10.47 5.35
N ALA A 63 1.82 10.83 5.20
CA ALA A 63 2.96 9.90 5.37
C ALA A 63 3.09 9.31 6.79
N THR A 64 2.47 9.93 7.81
CA THR A 64 2.43 9.38 9.19
C THR A 64 1.72 8.02 9.28
N ALA A 65 0.81 7.72 8.34
CA ALA A 65 0.11 6.44 8.25
C ALA A 65 1.05 5.24 7.97
N LEU A 66 2.26 5.47 7.43
CA LEU A 66 3.28 4.44 7.23
C LEU A 66 3.77 3.82 8.55
N TYR A 67 3.79 4.60 9.64
CA TYR A 67 4.19 4.14 10.97
C TYR A 67 3.02 3.49 11.74
N ASP A 68 1.79 3.98 11.54
CA ASP A 68 0.58 3.38 12.10
C ASP A 68 0.22 2.02 11.48
N HIS A 69 0.57 1.81 10.22
CA HIS A 69 0.30 0.60 9.43
C HIS A 69 1.58 0.15 8.71
N PRO A 70 2.48 -0.63 9.36
CA PRO A 70 3.87 -0.83 8.89
C PRO A 70 4.07 -1.59 7.57
N THR A 71 3.03 -2.21 7.01
CA THR A 71 3.09 -3.06 5.80
C THR A 71 2.13 -2.54 4.71
N PRO A 72 2.38 -2.77 3.40
CA PRO A 72 1.44 -2.36 2.35
C PRO A 72 0.07 -3.06 2.47
N ALA A 73 0.00 -4.30 2.98
CA ALA A 73 -1.26 -4.97 3.28
C ALA A 73 -2.05 -4.28 4.41
N ALA A 74 -1.41 -3.91 5.52
CA ALA A 74 -2.05 -3.20 6.63
C ALA A 74 -2.47 -1.78 6.21
N PHE A 75 -1.61 -1.09 5.45
CA PHE A 75 -1.85 0.24 4.90
C PHE A 75 -3.07 0.24 3.97
N ALA A 76 -3.22 -0.78 3.12
CA ALA A 76 -4.38 -0.97 2.24
C ALA A 76 -5.72 -1.13 2.99
N ARG A 77 -5.73 -1.70 4.21
CA ARG A 77 -6.95 -1.74 5.05
C ARG A 77 -7.38 -0.34 5.50
N HIS A 78 -6.43 0.57 5.74
CA HIS A 78 -6.73 1.98 5.99
C HIS A 78 -7.23 2.72 4.74
N ILE A 79 -6.68 2.41 3.56
CA ILE A 79 -7.20 2.93 2.29
C ILE A 79 -8.65 2.48 2.06
N ALA A 80 -8.96 1.21 2.31
CA ALA A 80 -10.30 0.65 2.24
C ALA A 80 -11.29 1.29 3.22
N GLU A 81 -10.93 1.47 4.50
CA GLU A 81 -11.82 2.11 5.50
C GLU A 81 -11.99 3.62 5.26
N SER A 82 -10.98 4.30 4.70
CA SER A 82 -11.05 5.72 4.34
C SER A 82 -12.00 5.96 3.15
N LEU A 83 -11.97 5.08 2.15
CA LEU A 83 -12.92 5.07 1.02
C LEU A 83 -14.32 4.56 1.40
N GLY A 84 -14.45 3.83 2.51
CA GLY A 84 -15.68 3.15 2.90
C GLY A 84 -16.06 1.97 1.98
N ALA A 85 -15.05 1.25 1.48
CA ALA A 85 -15.18 0.18 0.47
C ALA A 85 -16.09 -0.98 0.93
O23 PNS B . 13.56 9.55 7.86
P24 PNS B . 13.61 10.15 6.49
O26 PNS B . 14.91 10.64 5.96
O27 PNS B . 12.54 11.34 6.41
C28 PNS B . 11.21 11.15 6.83
C29 PNS B . 10.29 12.33 6.41
C30 PNS B . 10.80 13.63 7.05
C31 PNS B . 10.35 12.49 4.86
C32 PNS B . 8.84 11.99 6.85
O33 PNS B . 8.76 11.77 8.26
C34 PNS B . 7.77 13.02 6.39
O35 PNS B . 7.46 13.98 7.11
N36 PNS B . 7.19 12.83 5.20
C37 PNS B . 6.21 13.71 4.58
C38 PNS B . 6.93 14.80 3.78
C39 PNS B . 6.00 15.72 3.02
O40 PNS B . 4.79 15.47 2.92
N41 PNS B . 6.55 16.78 2.45
C42 PNS B . 5.86 17.78 1.64
C43 PNS B . 6.07 17.49 0.15
S44 PNS B . 7.85 17.62 -0.27
H282 PNS B . 11.19 11.04 7.91
H281 PNS B . 10.82 10.24 6.38
H303 PNS B . 10.16 14.47 6.78
H302 PNS B . 10.83 13.54 8.14
H301 PNS B . 11.81 13.86 6.71
H313 PNS B . 11.38 12.68 4.55
H312 PNS B . 10.00 11.58 4.38
H311 PNS B . 9.76 13.34 4.53
H32 PNS B . 8.56 11.05 6.37
H33 PNS B . 8.59 12.63 8.70
H36 PNS B . 7.48 12.02 4.66
H372 PNS B . 5.57 13.13 3.91
H371 PNS B . 5.58 14.17 5.34
H382 PNS B . 7.53 15.40 4.46
H381 PNS B . 7.61 14.34 3.06
H41 PNS B . 7.55 16.90 2.58
H422 PNS B . 4.78 17.78 1.86
H421 PNS B . 6.24 18.78 1.88
H431 PNS B . 5.71 16.49 -0.09
H432 PNS B . 5.52 18.22 -0.44
H44 PNS B . 7.72 17.34 -1.56
N GLY A 1 -9.73 -18.15 7.63
CA GLY A 1 -11.17 -18.45 7.47
C GLY A 1 -11.63 -18.27 6.02
N PRO A 2 -12.70 -18.97 5.59
CA PRO A 2 -13.24 -18.89 4.24
C PRO A 2 -13.89 -17.53 3.92
N GLY A 3 -13.94 -17.16 2.65
CA GLY A 3 -14.57 -15.94 2.15
C GLY A 3 -13.84 -14.64 2.51
N SER A 4 -14.60 -13.55 2.63
CA SER A 4 -14.13 -12.19 3.00
C SER A 4 -13.11 -11.54 2.05
N ALA A 5 -12.96 -12.06 0.83
CA ALA A 5 -12.36 -11.31 -0.28
C ALA A 5 -13.34 -10.23 -0.77
N GLY A 6 -12.95 -8.96 -0.67
CA GLY A 6 -13.72 -7.80 -1.13
C GLY A 6 -12.87 -6.59 -1.52
N ARG A 7 -13.47 -5.39 -1.46
CA ARG A 7 -12.85 -4.13 -1.90
C ARG A 7 -11.54 -3.81 -1.18
N GLN A 8 -11.44 -4.10 0.12
CA GLN A 8 -10.19 -3.90 0.88
C GLN A 8 -9.04 -4.80 0.36
N GLU A 9 -9.38 -6.03 -0.01
CA GLU A 9 -8.42 -7.01 -0.57
C GLU A 9 -8.02 -6.66 -2.01
N GLU A 10 -8.95 -6.15 -2.82
CA GLU A 10 -8.69 -5.63 -4.17
C GLU A 10 -7.77 -4.40 -4.15
N ILE A 11 -7.98 -3.48 -3.19
CA ILE A 11 -7.10 -2.33 -2.97
C ILE A 11 -5.70 -2.77 -2.50
N ALA A 12 -5.59 -3.84 -1.70
CA ALA A 12 -4.30 -4.40 -1.28
C ALA A 12 -3.46 -4.95 -2.45
N GLU A 13 -4.09 -5.58 -3.45
CA GLU A 13 -3.41 -6.01 -4.68
C GLU A 13 -2.91 -4.82 -5.51
N GLU A 14 -3.64 -3.70 -5.58
CA GLU A 14 -3.16 -2.46 -6.22
C GLU A 14 -2.01 -1.81 -5.45
N VAL A 15 -2.14 -1.65 -4.12
CA VAL A 15 -1.15 -1.01 -3.24
C VAL A 15 0.18 -1.77 -3.24
N ALA A 16 0.17 -3.11 -3.27
CA ALA A 16 1.37 -3.93 -3.40
C ALA A 16 2.11 -3.70 -4.75
N ARG A 17 1.36 -3.55 -5.85
CA ARG A 17 1.91 -3.23 -7.19
C ARG A 17 2.42 -1.79 -7.29
N LEU A 18 1.75 -0.82 -6.66
CA LEU A 18 2.25 0.56 -6.52
C LEU A 18 3.59 0.60 -5.77
N LEU A 19 3.71 -0.14 -4.65
CA LEU A 19 4.96 -0.25 -3.90
C LEU A 19 6.08 -0.90 -4.73
N ALA A 20 5.80 -2.01 -5.42
CA ALA A 20 6.77 -2.66 -6.30
C ALA A 20 7.28 -1.70 -7.40
N GLY A 21 6.39 -0.92 -8.02
CA GLY A 21 6.73 0.09 -9.02
C GLY A 21 7.65 1.21 -8.47
N VAL A 22 7.35 1.74 -7.28
CA VAL A 22 8.16 2.78 -6.62
C VAL A 22 9.57 2.28 -6.26
N LEU A 23 9.67 1.05 -5.76
CA LEU A 23 10.95 0.41 -5.38
C LEU A 23 11.71 -0.21 -6.59
N TYR A 24 11.19 -0.04 -7.81
CA TYR A 24 11.71 -0.63 -9.06
C TYR A 24 11.85 -2.18 -9.00
N LEU A 25 10.97 -2.81 -8.23
CA LEU A 25 10.89 -4.26 -7.97
C LEU A 25 9.73 -4.90 -8.76
N GLU A 26 9.64 -6.23 -8.75
CA GLU A 26 8.50 -6.99 -9.26
C GLU A 26 7.56 -7.43 -8.11
N PRO A 27 6.22 -7.38 -8.29
CA PRO A 27 5.26 -7.79 -7.27
C PRO A 27 5.29 -9.30 -6.97
N ASP A 28 5.86 -10.12 -7.87
CA ASP A 28 6.08 -11.56 -7.69
C ASP A 28 7.12 -11.89 -6.59
N ARG A 29 8.13 -11.02 -6.40
CA ARG A 29 9.16 -11.16 -5.35
C ARG A 29 8.95 -10.28 -4.11
N LEU A 30 8.11 -9.25 -4.21
CA LEU A 30 7.69 -8.42 -3.07
C LEU A 30 6.79 -9.22 -2.11
N ASP A 31 7.09 -9.17 -0.81
CA ASP A 31 6.26 -9.76 0.25
C ASP A 31 5.31 -8.70 0.85
N PRO A 32 4.00 -8.73 0.57
CA PRO A 32 3.07 -7.68 1.03
C PRO A 32 2.81 -7.72 2.55
N GLU A 33 3.07 -8.85 3.20
CA GLU A 33 3.01 -9.00 4.67
C GLU A 33 4.30 -8.53 5.38
N GLU A 34 5.34 -8.15 4.65
CA GLU A 34 6.60 -7.63 5.21
C GLU A 34 6.55 -6.10 5.41
N THR A 35 7.29 -5.58 6.39
CA THR A 35 7.33 -4.15 6.73
C THR A 35 8.06 -3.31 5.67
N PHE A 36 7.64 -2.04 5.51
CA PHE A 36 8.23 -1.09 4.57
C PHE A 36 9.75 -0.94 4.75
N LEU A 37 10.23 -0.84 5.99
CA LEU A 37 11.66 -0.71 6.31
C LEU A 37 12.48 -1.97 5.97
N THR A 38 11.86 -3.16 6.02
CA THR A 38 12.52 -4.43 5.61
C THR A 38 12.45 -4.66 4.10
N LEU A 39 11.39 -4.18 3.43
CA LEU A 39 11.27 -4.11 1.97
C LEU A 39 12.22 -3.07 1.33
N GLY A 40 12.86 -2.21 2.12
CA GLY A 40 13.85 -1.23 1.67
C GLY A 40 13.30 0.14 1.29
N VAL A 41 12.14 0.53 1.82
CA VAL A 41 11.54 1.87 1.64
C VAL A 41 12.38 2.92 2.40
N ASP A 42 13.17 3.69 1.66
CA ASP A 42 13.82 4.92 2.16
C ASP A 42 12.82 6.10 2.26
N SER A 43 13.21 7.18 2.92
CA SER A 43 12.39 8.36 3.21
C SER A 43 11.61 8.90 1.99
N ILE A 44 12.32 9.22 0.91
CA ILE A 44 11.72 9.75 -0.33
C ILE A 44 10.86 8.69 -1.04
N LEU A 45 11.24 7.41 -0.98
CA LEU A 45 10.45 6.31 -1.55
C LEU A 45 9.13 6.09 -0.79
N GLY A 46 9.11 6.35 0.53
CA GLY A 46 7.89 6.41 1.33
C GLY A 46 6.97 7.56 0.90
N VAL A 47 7.52 8.76 0.69
CA VAL A 47 6.76 9.92 0.19
C VAL A 47 6.22 9.69 -1.23
N GLU A 48 7.00 9.05 -2.11
CA GLU A 48 6.58 8.69 -3.49
C GLU A 48 5.47 7.62 -3.51
N PHE A 49 5.54 6.62 -2.62
CA PHE A 49 4.46 5.64 -2.42
C PHE A 49 3.17 6.27 -1.87
N VAL A 50 3.28 7.18 -0.90
CA VAL A 50 2.15 7.95 -0.37
C VAL A 50 1.53 8.85 -1.45
N ALA A 51 2.34 9.51 -2.28
CA ALA A 51 1.89 10.30 -3.42
C ALA A 51 1.22 9.45 -4.52
N ALA A 52 1.74 8.26 -4.80
CA ALA A 52 1.14 7.32 -5.74
C ALA A 52 -0.23 6.80 -5.26
N VAL A 53 -0.39 6.55 -3.96
CA VAL A 53 -1.68 6.19 -3.35
C VAL A 53 -2.68 7.36 -3.36
N ASN A 54 -2.22 8.59 -3.11
CA ASN A 54 -3.03 9.81 -3.26
C ASN A 54 -3.45 10.08 -4.73
N ALA A 55 -2.65 9.65 -5.71
CA ALA A 55 -2.98 9.72 -7.14
C ALA A 55 -3.98 8.61 -7.55
N ALA A 56 -3.83 7.40 -7.01
CA ALA A 56 -4.72 6.26 -7.26
C ALA A 56 -6.12 6.42 -6.62
N TYR A 57 -6.18 7.03 -5.44
CA TYR A 57 -7.41 7.17 -4.64
C TYR A 57 -7.50 8.56 -3.96
N PRO A 58 -8.69 9.20 -3.94
CA PRO A 58 -8.90 10.54 -3.34
C PRO A 58 -9.01 10.52 -1.80
N VAL A 59 -8.09 9.82 -1.13
CA VAL A 59 -8.09 9.57 0.33
C VAL A 59 -7.39 10.67 1.14
N GLY A 60 -6.51 11.46 0.52
CA GLY A 60 -5.75 12.53 1.16
C GLY A 60 -4.74 12.06 2.22
N VAL A 61 -4.24 10.82 2.13
CA VAL A 61 -3.49 10.16 3.22
C VAL A 61 -2.13 10.83 3.47
N LYS A 62 -1.77 10.99 4.75
CA LYS A 62 -0.49 11.55 5.20
C LYS A 62 0.56 10.46 5.44
N ALA A 63 1.84 10.79 5.29
CA ALA A 63 2.95 9.84 5.42
C ALA A 63 3.10 9.22 6.83
N THR A 64 2.50 9.83 7.87
CA THR A 64 2.46 9.27 9.24
C THR A 64 1.69 7.94 9.32
N ALA A 65 0.77 7.66 8.38
CA ALA A 65 0.07 6.38 8.28
C ALA A 65 1.01 5.18 8.01
N LEU A 66 2.21 5.42 7.46
CA LEU A 66 3.25 4.39 7.29
C LEU A 66 3.76 3.82 8.62
N TYR A 67 3.72 4.60 9.70
CA TYR A 67 4.11 4.16 11.05
C TYR A 67 2.98 3.40 11.77
N ASP A 68 1.73 3.84 11.57
CA ASP A 68 0.53 3.20 12.13
C ASP A 68 0.20 1.84 11.47
N HIS A 69 0.52 1.69 10.18
CA HIS A 69 0.27 0.50 9.36
C HIS A 69 1.56 0.11 8.62
N PRO A 70 2.45 -0.68 9.23
CA PRO A 70 3.84 -0.81 8.79
C PRO A 70 4.08 -1.69 7.54
N THR A 71 3.05 -2.36 7.03
CA THR A 71 3.11 -3.22 5.81
C THR A 71 2.13 -2.69 4.75
N PRO A 72 2.35 -2.90 3.43
CA PRO A 72 1.38 -2.51 2.41
C PRO A 72 0.03 -3.24 2.57
N ALA A 73 0.03 -4.48 3.04
CA ALA A 73 -1.20 -5.25 3.33
C ALA A 73 -2.04 -4.64 4.47
N ALA A 74 -1.41 -4.11 5.52
CA ALA A 74 -2.10 -3.37 6.58
C ALA A 74 -2.53 -1.96 6.11
N PHE A 75 -1.63 -1.25 5.42
CA PHE A 75 -1.83 0.12 4.93
C PHE A 75 -3.01 0.23 3.96
N ALA A 76 -3.13 -0.71 3.01
CA ALA A 76 -4.21 -0.74 2.02
C ALA A 76 -5.62 -0.80 2.62
N ARG A 77 -5.79 -1.45 3.77
CA ARG A 77 -7.09 -1.54 4.49
C ARG A 77 -7.48 -0.20 5.13
N HIS A 78 -6.50 0.57 5.60
CA HIS A 78 -6.70 1.97 6.01
C HIS A 78 -7.08 2.88 4.82
N ILE A 79 -6.48 2.67 3.63
CA ILE A 79 -6.86 3.37 2.39
C ILE A 79 -8.32 3.03 2.00
N ALA A 80 -8.69 1.75 2.07
CA ALA A 80 -10.06 1.30 1.79
C ALA A 80 -11.10 1.84 2.79
N GLU A 81 -10.77 1.86 4.09
CA GLU A 81 -11.63 2.48 5.12
C GLU A 81 -11.74 4.01 4.98
N SER A 82 -10.72 4.68 4.41
CA SER A 82 -10.79 6.10 4.03
C SER A 82 -11.71 6.38 2.84
N LEU A 83 -11.94 5.38 1.97
CA LEU A 83 -12.99 5.37 0.94
C LEU A 83 -14.36 4.88 1.48
N GLY A 84 -14.43 4.42 2.74
CA GLY A 84 -15.63 3.89 3.39
C GLY A 84 -16.00 2.45 3.00
N ALA A 85 -15.08 1.70 2.41
CA ALA A 85 -15.25 0.30 1.97
C ALA A 85 -15.14 -0.71 3.13
O23 PNS B . 15.37 8.27 6.80
P24 PNS B . 15.23 8.60 5.36
O26 PNS B . 15.56 7.56 4.36
O27 PNS B . 16.13 9.90 5.06
C28 PNS B . 15.98 11.07 5.82
C29 PNS B . 17.03 12.15 5.49
C30 PNS B . 16.79 13.29 6.49
C31 PNS B . 18.44 11.58 5.76
C32 PNS B . 16.86 12.68 4.03
O33 PNS B . 17.75 13.78 3.78
C34 PNS B . 16.97 11.62 2.90
O35 PNS B . 15.96 11.25 2.29
N36 PNS B . 18.19 11.21 2.57
C37 PNS B . 18.51 10.23 1.53
C38 PNS B . 18.84 10.97 0.23
C39 PNS B . 19.11 10.02 -0.93
O40 PNS B . 20.27 9.79 -1.27
N41 PNS B . 18.10 9.45 -1.60
C42 PNS B . 16.67 9.52 -1.32
C43 PNS B . 16.13 8.13 -0.97
S44 PNS B . 16.06 7.08 -2.45
H282 PNS B . 16.05 10.82 6.89
H281 PNS B . 14.98 11.48 5.65
H303 PNS B . 15.81 13.74 6.32
H302 PNS B . 16.81 12.91 7.51
H301 PNS B . 17.56 14.06 6.39
H313 PNS B . 19.21 12.33 5.55
H312 PNS B . 18.53 11.29 6.82
H311 PNS B . 18.64 10.69 5.15
H32 PNS B . 15.84 13.09 3.95
H33 PNS B . 17.44 14.55 4.30
H36 PNS B . 18.96 11.60 3.09
H372 PNS B . 19.37 9.63 1.84
H371 PNS B . 17.67 9.55 1.37
H382 PNS B . 18.03 11.64 -0.03
H381 PNS B . 19.73 11.58 0.40
H41 PNS B . 18.39 8.89 -2.38
H422 PNS B . 16.46 10.18 -0.48
H421 PNS B . 16.14 9.90 -2.20
H431 PNS B . 16.77 7.66 -0.21
H432 PNS B . 15.13 8.23 -0.55
H44 PNS B . 17.40 6.92 -2.59
#